data_7HMX
# 
_entry.id   7HMX 
# 
_audit_conform.dict_name       mmcif_pdbx.dic 
_audit_conform.dict_version    5.399 
_audit_conform.dict_location   http://mmcif.pdb.org/dictionaries/ascii/mmcif_pdbx.dic 
# 
loop_
_database_2.database_id 
_database_2.database_code 
_database_2.pdbx_database_accession 
_database_2.pdbx_DOI 
PDB   7HMX         pdb_00007hmx 10.2210/pdb7hmx/pdb 
WWPDB D_1001407675 ?            ?                   
# 
_pdbx_audit_revision_history.ordinal             1 
_pdbx_audit_revision_history.data_content_type   'Structure model' 
_pdbx_audit_revision_history.major_revision      1 
_pdbx_audit_revision_history.minor_revision      0 
_pdbx_audit_revision_history.revision_date       2024-11-27 
# 
_pdbx_audit_revision_details.ordinal             1 
_pdbx_audit_revision_details.revision_ordinal    1 
_pdbx_audit_revision_details.data_content_type   'Structure model' 
_pdbx_audit_revision_details.provider            repository 
_pdbx_audit_revision_details.type                'Initial release' 
_pdbx_audit_revision_details.description         ? 
_pdbx_audit_revision_details.details             ? 
# 
_pdbx_database_status.entry_id                        7HMX 
_pdbx_database_status.status_code                     REL 
_pdbx_database_status.status_code_sf                  REL 
_pdbx_database_status.status_code_mr                  ? 
_pdbx_database_status.status_code_cs                  ? 
_pdbx_database_status.recvd_initial_deposition_date   2024-11-04 
_pdbx_database_status.status_code_nmr_data            ? 
_pdbx_database_status.deposit_site                    RCSB 
_pdbx_database_status.process_site                    RCSB 
_pdbx_database_status.SG_entry                        ? 
_pdbx_database_status.pdb_format_compatible           Y 
_pdbx_database_status.methods_development_category    ? 
# 
_pdbx_contact_author.id                 1 
_pdbx_contact_author.email              knapp@pharmchem.uni-frankfurt.de 
_pdbx_contact_author.name_first         Stefan 
_pdbx_contact_author.name_last          Knapp 
_pdbx_contact_author.role               'principal investigator/group leader' 
_pdbx_contact_author.identifier_ORCID   0000-0001-5995-6494 
_pdbx_contact_author.name_mi            ? 
# 
loop_
_audit_author.name 
_audit_author.pdbx_ordinal 
'Kim, Y.'                              1 
'Marples, P.'                          2 
'Fearon, D.'                           3 
'von Delft, F.'                        4 
'Knapp, S.'                            5 
'Kraemer, A.'                          6 
'Structural Genomics Consortium (SGC)' 7 
# 
_citation.id                        primary 
_citation.title                     'PanDDA analysis group deposition' 
_citation.journal_abbrev            'To Be Published' 
_citation.journal_volume            ? 
_citation.page_first                ? 
_citation.page_last                 ? 
_citation.year                      ? 
_citation.journal_id_ASTM           ? 
_citation.country                   ? 
_citation.journal_id_ISSN           ? 
_citation.journal_id_CSD            0353 
_citation.book_publisher            ? 
_citation.pdbx_database_id_PubMed   ? 
_citation.pdbx_database_id_DOI      ? 
# 
loop_
_citation_author.citation_id 
_citation_author.name 
_citation_author.identifier_ORCID 
_citation_author.ordinal 
primary 'Kim, Y.'                              ? 1 
primary 'Marples, P.'                          ? 2 
primary 'Fearon, D.'                           ? 3 
primary 'von Delft, F.'                        ? 4 
primary 'Knapp, S.'                            ? 5 
primary 'Kraemer, A.'                          ? 6 
primary 'Structural Genomics Consortium (SGC)' ? 7 
# 
loop_
_entity.id 
_entity.type 
_entity.src_method 
_entity.pdbx_description 
_entity.formula_weight 
_entity.pdbx_number_of_molecules 
_entity.pdbx_ec 
_entity.pdbx_mutation 
_entity.pdbx_fragment 
_entity.details 
1 polymer     man 'E3 ubiquitin-protein ligase TRIM21'                      21596.361 1   2.3.2.27 ? ? ? 
2 non-polymer syn 1,2-ETHANEDIOL                                            62.068    2   ?        ? ? ? 
3 non-polymer syn 'N-methyl-1-(5-methyl-1,2-oxazol-3-yl)methanesulfonamide' 190.220   1   ?        ? ? ? 
4 non-polymer syn 'SULFATE ION'                                             96.063    1   ?        ? ? ? 
5 water       nat water                                                     18.015    134 ?        ? ? ? 
# 
_entity_name_com.entity_id   1 
_entity_name_com.name        
;52 kDa Ro protein,52 kDa ribonucleoprotein autoantigen Ro/SS-A,Ro(SS-A),Sjoegren syndrome type A antigen,SS-A,Tripartite motif-containing protein 21
;
# 
_entity_poly.entity_id                      1 
_entity_poly.type                           'polypeptide(L)' 
_entity_poly.nstd_linkage                   no 
_entity_poly.nstd_monomer                   no 
_entity_poly.pdbx_seq_one_letter_code       
;MHHHHHHMVHITLDRNTANSWLIISKDRRQVRMGDTHQNVSDNKERFSNYPMVLGAQRFSSGKMYWEVDVTQKEAWDLGV
CRDSVQRKGQFSLSPENGFWTIWLWQDSYEAGTSPQTTLHIQVPPCQIGIFVDYEAGVVSFYNITDHGSLIYTFSECVFA
GPLRPFFNVGFNYSGGNAAPLKLCPLKM
;
_entity_poly.pdbx_seq_one_letter_code_can   
;MHHHHHHMVHITLDRNTANSWLIISKDRRQVRMGDTHQNVSDNKERFSNYPMVLGAQRFSSGKMYWEVDVTQKEAWDLGV
CRDSVQRKGQFSLSPENGFWTIWLWQDSYEAGTSPQTTLHIQVPPCQIGIFVDYEAGVVSFYNITDHGSLIYTFSECVFA
GPLRPFFNVGFNYSGGNAAPLKLCPLKM
;
_entity_poly.pdbx_strand_id                 B 
_entity_poly.pdbx_target_identifier         ? 
# 
loop_
_pdbx_entity_nonpoly.entity_id 
_pdbx_entity_nonpoly.name 
_pdbx_entity_nonpoly.comp_id 
2 1,2-ETHANEDIOL                                            EDO 
3 'N-methyl-1-(5-methyl-1,2-oxazol-3-yl)methanesulfonamide' WJA 
4 'SULFATE ION'                                             SO4 
5 water                                                     HOH 
# 
loop_
_entity_poly_seq.entity_id 
_entity_poly_seq.num 
_entity_poly_seq.mon_id 
_entity_poly_seq.hetero 
1 1   MET n 
1 2   HIS n 
1 3   HIS n 
1 4   HIS n 
1 5   HIS n 
1 6   HIS n 
1 7   HIS n 
1 8   MET n 
1 9   VAL n 
1 10  HIS n 
1 11  ILE n 
1 12  THR n 
1 13  LEU n 
1 14  ASP n 
1 15  ARG n 
1 16  ASN n 
1 17  THR n 
1 18  ALA n 
1 19  ASN n 
1 20  SER n 
1 21  TRP n 
1 22  LEU n 
1 23  ILE n 
1 24  ILE n 
1 25  SER n 
1 26  LYS n 
1 27  ASP n 
1 28  ARG n 
1 29  ARG n 
1 30  GLN n 
1 31  VAL n 
1 32  ARG n 
1 33  MET n 
1 34  GLY n 
1 35  ASP n 
1 36  THR n 
1 37  HIS n 
1 38  GLN n 
1 39  ASN n 
1 40  VAL n 
1 41  SER n 
1 42  ASP n 
1 43  ASN n 
1 44  LYS n 
1 45  GLU n 
1 46  ARG n 
1 47  PHE n 
1 48  SER n 
1 49  ASN n 
1 50  TYR n 
1 51  PRO n 
1 52  MET n 
1 53  VAL n 
1 54  LEU n 
1 55  GLY n 
1 56  ALA n 
1 57  GLN n 
1 58  ARG n 
1 59  PHE n 
1 60  SER n 
1 61  SER n 
1 62  GLY n 
1 63  LYS n 
1 64  MET n 
1 65  TYR n 
1 66  TRP n 
1 67  GLU n 
1 68  VAL n 
1 69  ASP n 
1 70  VAL n 
1 71  THR n 
1 72  GLN n 
1 73  LYS n 
1 74  GLU n 
1 75  ALA n 
1 76  TRP n 
1 77  ASP n 
1 78  LEU n 
1 79  GLY n 
1 80  VAL n 
1 81  CYS n 
1 82  ARG n 
1 83  ASP n 
1 84  SER n 
1 85  VAL n 
1 86  GLN n 
1 87  ARG n 
1 88  LYS n 
1 89  GLY n 
1 90  GLN n 
1 91  PHE n 
1 92  SER n 
1 93  LEU n 
1 94  SER n 
1 95  PRO n 
1 96  GLU n 
1 97  ASN n 
1 98  GLY n 
1 99  PHE n 
1 100 TRP n 
1 101 THR n 
1 102 ILE n 
1 103 TRP n 
1 104 LEU n 
1 105 TRP n 
1 106 GLN n 
1 107 ASP n 
1 108 SER n 
1 109 TYR n 
1 110 GLU n 
1 111 ALA n 
1 112 GLY n 
1 113 THR n 
1 114 SER n 
1 115 PRO n 
1 116 GLN n 
1 117 THR n 
1 118 THR n 
1 119 LEU n 
1 120 HIS n 
1 121 ILE n 
1 122 GLN n 
1 123 VAL n 
1 124 PRO n 
1 125 PRO n 
1 126 CYS n 
1 127 GLN n 
1 128 ILE n 
1 129 GLY n 
1 130 ILE n 
1 131 PHE n 
1 132 VAL n 
1 133 ASP n 
1 134 TYR n 
1 135 GLU n 
1 136 ALA n 
1 137 GLY n 
1 138 VAL n 
1 139 VAL n 
1 140 SER n 
1 141 PHE n 
1 142 TYR n 
1 143 ASN n 
1 144 ILE n 
1 145 THR n 
1 146 ASP n 
1 147 HIS n 
1 148 GLY n 
1 149 SER n 
1 150 LEU n 
1 151 ILE n 
1 152 TYR n 
1 153 THR n 
1 154 PHE n 
1 155 SER n 
1 156 GLU n 
1 157 CYS n 
1 158 VAL n 
1 159 PHE n 
1 160 ALA n 
1 161 GLY n 
1 162 PRO n 
1 163 LEU n 
1 164 ARG n 
1 165 PRO n 
1 166 PHE n 
1 167 PHE n 
1 168 ASN n 
1 169 VAL n 
1 170 GLY n 
1 171 PHE n 
1 172 ASN n 
1 173 TYR n 
1 174 SER n 
1 175 GLY n 
1 176 GLY n 
1 177 ASN n 
1 178 ALA n 
1 179 ALA n 
1 180 PRO n 
1 181 LEU n 
1 182 LYS n 
1 183 LEU n 
1 184 CYS n 
1 185 PRO n 
1 186 LEU n 
1 187 LYS n 
1 188 MET n 
# 
_entity_src_gen.entity_id                          1 
_entity_src_gen.pdbx_src_id                        1 
_entity_src_gen.pdbx_alt_source_flag               sample 
_entity_src_gen.pdbx_seq_type                      'Biological sequence' 
_entity_src_gen.pdbx_beg_seq_num                   1 
_entity_src_gen.pdbx_end_seq_num                   188 
_entity_src_gen.gene_src_common_name               'house mouse' 
_entity_src_gen.gene_src_genus                     ? 
_entity_src_gen.pdbx_gene_src_gene                 'Trim21, Ro52, Ssa1' 
_entity_src_gen.gene_src_species                   ? 
_entity_src_gen.gene_src_strain                    ? 
_entity_src_gen.gene_src_tissue                    ? 
_entity_src_gen.gene_src_tissue_fraction           ? 
_entity_src_gen.gene_src_details                   ? 
_entity_src_gen.pdbx_gene_src_fragment             ? 
_entity_src_gen.pdbx_gene_src_scientific_name      'Mus musculus' 
_entity_src_gen.pdbx_gene_src_ncbi_taxonomy_id     10090 
_entity_src_gen.pdbx_gene_src_variant              ? 
_entity_src_gen.pdbx_gene_src_cell_line            ? 
_entity_src_gen.pdbx_gene_src_atcc                 ? 
_entity_src_gen.pdbx_gene_src_organ                ? 
_entity_src_gen.pdbx_gene_src_organelle            ? 
_entity_src_gen.pdbx_gene_src_cell                 ? 
_entity_src_gen.pdbx_gene_src_cellular_location    ? 
_entity_src_gen.host_org_common_name               ? 
_entity_src_gen.pdbx_host_org_scientific_name      'Escherichia coli' 
_entity_src_gen.pdbx_host_org_ncbi_taxonomy_id     562 
_entity_src_gen.host_org_genus                     ? 
_entity_src_gen.pdbx_host_org_gene                 ? 
_entity_src_gen.pdbx_host_org_organ                ? 
_entity_src_gen.host_org_species                   ? 
_entity_src_gen.pdbx_host_org_tissue               ? 
_entity_src_gen.pdbx_host_org_tissue_fraction      ? 
_entity_src_gen.pdbx_host_org_strain               ? 
_entity_src_gen.pdbx_host_org_variant              ? 
_entity_src_gen.pdbx_host_org_cell_line            ? 
_entity_src_gen.pdbx_host_org_atcc                 ? 
_entity_src_gen.pdbx_host_org_culture_collection   ? 
_entity_src_gen.pdbx_host_org_cell                 ? 
_entity_src_gen.pdbx_host_org_organelle            ? 
_entity_src_gen.pdbx_host_org_cellular_location    ? 
_entity_src_gen.pdbx_host_org_vector_type          ? 
_entity_src_gen.pdbx_host_org_vector               ? 
_entity_src_gen.host_org_details                   ? 
_entity_src_gen.expression_system_id               ? 
_entity_src_gen.plasmid_name                       ? 
_entity_src_gen.plasmid_details                    ? 
_entity_src_gen.pdbx_description                   ? 
# 
loop_
_chem_comp.id 
_chem_comp.type 
_chem_comp.mon_nstd_flag 
_chem_comp.name 
_chem_comp.pdbx_synonyms 
_chem_comp.formula 
_chem_comp.formula_weight 
ALA 'L-peptide linking' y ALANINE                                                   ?                 'C3 H7 N O2'     89.093  
ARG 'L-peptide linking' y ARGININE                                                  ?                 'C6 H15 N4 O2 1' 175.209 
ASN 'L-peptide linking' y ASPARAGINE                                                ?                 'C4 H8 N2 O3'    132.118 
ASP 'L-peptide linking' y 'ASPARTIC ACID'                                           ?                 'C4 H7 N O4'     133.103 
CYS 'L-peptide linking' y CYSTEINE                                                  ?                 'C3 H7 N O2 S'   121.158 
EDO non-polymer         . 1,2-ETHANEDIOL                                            'ETHYLENE GLYCOL' 'C2 H6 O2'       62.068  
GLN 'L-peptide linking' y GLUTAMINE                                                 ?                 'C5 H10 N2 O3'   146.144 
GLU 'L-peptide linking' y 'GLUTAMIC ACID'                                           ?                 'C5 H9 N O4'     147.129 
GLY 'peptide linking'   y GLYCINE                                                   ?                 'C2 H5 N O2'     75.067  
HIS 'L-peptide linking' y HISTIDINE                                                 ?                 'C6 H10 N3 O2 1' 156.162 
HOH non-polymer         . WATER                                                     ?                 'H2 O'           18.015  
ILE 'L-peptide linking' y ISOLEUCINE                                                ?                 'C6 H13 N O2'    131.173 
LEU 'L-peptide linking' y LEUCINE                                                   ?                 'C6 H13 N O2'    131.173 
LYS 'L-peptide linking' y LYSINE                                                    ?                 'C6 H15 N2 O2 1' 147.195 
MET 'L-peptide linking' y METHIONINE                                                ?                 'C5 H11 N O2 S'  149.211 
PHE 'L-peptide linking' y PHENYLALANINE                                             ?                 'C9 H11 N O2'    165.189 
PRO 'L-peptide linking' y PROLINE                                                   ?                 'C5 H9 N O2'     115.130 
SER 'L-peptide linking' y SERINE                                                    ?                 'C3 H7 N O3'     105.093 
SO4 non-polymer         . 'SULFATE ION'                                             ?                 'O4 S -2'        96.063  
THR 'L-peptide linking' y THREONINE                                                 ?                 'C4 H9 N O3'     119.119 
TRP 'L-peptide linking' y TRYPTOPHAN                                                ?                 'C11 H12 N2 O2'  204.225 
TYR 'L-peptide linking' y TYROSINE                                                  ?                 'C9 H11 N O3'    181.189 
VAL 'L-peptide linking' y VALINE                                                    ?                 'C5 H11 N O2'    117.146 
WJA non-polymer         . 'N-methyl-1-(5-methyl-1,2-oxazol-3-yl)methanesulfonamide' ?                 'C6 H10 N2 O3 S' 190.220 
# 
loop_
_pdbx_poly_seq_scheme.asym_id 
_pdbx_poly_seq_scheme.entity_id 
_pdbx_poly_seq_scheme.seq_id 
_pdbx_poly_seq_scheme.mon_id 
_pdbx_poly_seq_scheme.ndb_seq_num 
_pdbx_poly_seq_scheme.pdb_seq_num 
_pdbx_poly_seq_scheme.auth_seq_num 
_pdbx_poly_seq_scheme.pdb_mon_id 
_pdbx_poly_seq_scheme.auth_mon_id 
_pdbx_poly_seq_scheme.pdb_strand_id 
_pdbx_poly_seq_scheme.pdb_ins_code 
_pdbx_poly_seq_scheme.hetero 
A 1 1   MET 1   7   ?   ?   ?   B . n 
A 1 2   HIS 2   8   8   HIS HIS B . n 
A 1 3   HIS 3   9   9   HIS HIS B . n 
A 1 4   HIS 4   10  10  HIS HIS B . n 
A 1 5   HIS 5   11  11  HIS HIS B . n 
A 1 6   HIS 6   12  12  HIS HIS B . n 
A 1 7   HIS 7   13  13  HIS HIS B . n 
A 1 8   MET 8   14  14  MET MET B . n 
A 1 9   VAL 9   15  15  VAL VAL B . n 
A 1 10  HIS 10  16  16  HIS HIS B . n 
A 1 11  ILE 11  17  17  ILE ILE B . n 
A 1 12  THR 12  18  18  THR THR B . n 
A 1 13  LEU 13  19  19  LEU LEU B . n 
A 1 14  ASP 14  20  20  ASP ASP B . n 
A 1 15  ARG 15  21  21  ARG ARG B . n 
A 1 16  ASN 16  22  22  ASN ASN B . n 
A 1 17  THR 17  23  23  THR THR B . n 
A 1 18  ALA 18  24  24  ALA ALA B . n 
A 1 19  ASN 19  25  25  ASN ASN B . n 
A 1 20  SER 20  26  26  SER SER B . n 
A 1 21  TRP 21  27  27  TRP TRP B . n 
A 1 22  LEU 22  28  28  LEU LEU B . n 
A 1 23  ILE 23  29  29  ILE ILE B . n 
A 1 24  ILE 24  30  30  ILE ILE B . n 
A 1 25  SER 25  31  31  SER SER B . n 
A 1 26  LYS 26  32  32  LYS LYS B . n 
A 1 27  ASP 27  33  33  ASP ASP B . n 
A 1 28  ARG 28  34  34  ARG ARG B . n 
A 1 29  ARG 29  35  35  ARG ARG B . n 
A 1 30  GLN 30  36  36  GLN GLN B . n 
A 1 31  VAL 31  37  37  VAL VAL B . n 
A 1 32  ARG 32  38  38  ARG ARG B . n 
A 1 33  MET 33  39  39  MET MET B . n 
A 1 34  GLY 34  40  40  GLY GLY B . n 
A 1 35  ASP 35  41  41  ASP ASP B . n 
A 1 36  THR 36  42  42  THR THR B . n 
A 1 37  HIS 37  43  43  HIS HIS B . n 
A 1 38  GLN 38  44  44  GLN GLN B . n 
A 1 39  ASN 39  45  45  ASN ASN B . n 
A 1 40  VAL 40  46  46  VAL VAL B . n 
A 1 41  SER 41  47  47  SER SER B . n 
A 1 42  ASP 42  48  48  ASP ASP B . n 
A 1 43  ASN 43  49  49  ASN ASN B . n 
A 1 44  LYS 44  50  50  LYS LYS B . n 
A 1 45  GLU 45  51  51  GLU GLU B . n 
A 1 46  ARG 46  52  52  ARG ARG B . n 
A 1 47  PHE 47  53  53  PHE PHE B . n 
A 1 48  SER 48  54  54  SER SER B . n 
A 1 49  ASN 49  55  55  ASN ASN B . n 
A 1 50  TYR 50  56  56  TYR TYR B . n 
A 1 51  PRO 51  57  57  PRO PRO B . n 
A 1 52  MET 52  58  58  MET MET B . n 
A 1 53  VAL 53  59  59  VAL VAL B . n 
A 1 54  LEU 54  60  60  LEU LEU B . n 
A 1 55  GLY 55  61  61  GLY GLY B . n 
A 1 56  ALA 56  62  62  ALA ALA B . n 
A 1 57  GLN 57  63  63  GLN GLN B . n 
A 1 58  ARG 58  64  64  ARG ARG B . n 
A 1 59  PHE 59  65  65  PHE PHE B . n 
A 1 60  SER 60  66  66  SER SER B . n 
A 1 61  SER 61  67  67  SER SER B . n 
A 1 62  GLY 62  68  68  GLY GLY B . n 
A 1 63  LYS 63  69  69  LYS LYS B . n 
A 1 64  MET 64  70  70  MET MET B . n 
A 1 65  TYR 65  71  71  TYR TYR B . n 
A 1 66  TRP 66  72  72  TRP TRP B . n 
A 1 67  GLU 67  73  73  GLU GLU B . n 
A 1 68  VAL 68  74  74  VAL VAL B . n 
A 1 69  ASP 69  75  75  ASP ASP B . n 
A 1 70  VAL 70  76  76  VAL VAL B . n 
A 1 71  THR 71  77  77  THR THR B . n 
A 1 72  GLN 72  78  78  GLN GLN B . n 
A 1 73  LYS 73  79  79  LYS LYS B . n 
A 1 74  GLU 74  80  80  GLU GLU B . n 
A 1 75  ALA 75  81  81  ALA ALA B . n 
A 1 76  TRP 76  82  82  TRP TRP B . n 
A 1 77  ASP 77  83  83  ASP ASP B . n 
A 1 78  LEU 78  84  84  LEU LEU B . n 
A 1 79  GLY 79  85  85  GLY GLY B . n 
A 1 80  VAL 80  86  86  VAL VAL B . n 
A 1 81  CYS 81  87  87  CYS CYS B . n 
A 1 82  ARG 82  88  88  ARG ARG B . n 
A 1 83  ASP 83  89  89  ASP ASP B . n 
A 1 84  SER 84  90  90  SER SER B . n 
A 1 85  VAL 85  91  91  VAL VAL B . n 
A 1 86  GLN 86  92  92  GLN GLN B . n 
A 1 87  ARG 87  93  93  ARG ARG B . n 
A 1 88  LYS 88  94  94  LYS LYS B . n 
A 1 89  GLY 89  95  95  GLY GLY B . n 
A 1 90  GLN 90  96  96  GLN GLN B . n 
A 1 91  PHE 91  97  97  PHE PHE B . n 
A 1 92  SER 92  98  98  SER SER B . n 
A 1 93  LEU 93  99  99  LEU LEU B . n 
A 1 94  SER 94  100 100 SER SER B . n 
A 1 95  PRO 95  101 101 PRO PRO B . n 
A 1 96  GLU 96  102 102 GLU GLU B . n 
A 1 97  ASN 97  103 103 ASN ASN B . n 
A 1 98  GLY 98  104 104 GLY GLY B . n 
A 1 99  PHE 99  105 105 PHE PHE B . n 
A 1 100 TRP 100 106 106 TRP TRP B . n 
A 1 101 THR 101 107 107 THR THR B . n 
A 1 102 ILE 102 108 108 ILE ILE B . n 
A 1 103 TRP 103 109 109 TRP TRP B . n 
A 1 104 LEU 104 110 110 LEU LEU B . n 
A 1 105 TRP 105 111 111 TRP TRP B . n 
A 1 106 GLN 106 112 112 GLN GLN B . n 
A 1 107 ASP 107 113 113 ASP ASP B . n 
A 1 108 SER 108 114 114 SER SER B . n 
A 1 109 TYR 109 115 115 TYR TYR B . n 
A 1 110 GLU 110 116 116 GLU GLU B . n 
A 1 111 ALA 111 117 117 ALA ALA B . n 
A 1 112 GLY 112 118 118 GLY GLY B . n 
A 1 113 THR 113 119 119 THR THR B . n 
A 1 114 SER 114 120 120 SER SER B . n 
A 1 115 PRO 115 121 121 PRO PRO B . n 
A 1 116 GLN 116 122 122 GLN GLN B . n 
A 1 117 THR 117 123 123 THR THR B . n 
A 1 118 THR 118 124 124 THR THR B . n 
A 1 119 LEU 119 125 125 LEU LEU B . n 
A 1 120 HIS 120 126 126 HIS HIS B . n 
A 1 121 ILE 121 127 127 ILE ILE B . n 
A 1 122 GLN 122 128 128 GLN GLN B . n 
A 1 123 VAL 123 129 129 VAL VAL B . n 
A 1 124 PRO 124 130 130 PRO PRO B . n 
A 1 125 PRO 125 131 131 PRO PRO B . n 
A 1 126 CYS 126 132 132 CYS CYS B . n 
A 1 127 GLN 127 133 133 GLN GLN B . n 
A 1 128 ILE 128 134 134 ILE ILE B . n 
A 1 129 GLY 129 135 135 GLY GLY B . n 
A 1 130 ILE 130 136 136 ILE ILE B . n 
A 1 131 PHE 131 137 137 PHE PHE B . n 
A 1 132 VAL 132 138 138 VAL VAL B . n 
A 1 133 ASP 133 139 139 ASP ASP B . n 
A 1 134 TYR 134 140 140 TYR TYR B . n 
A 1 135 GLU 135 141 141 GLU GLU B . n 
A 1 136 ALA 136 142 142 ALA ALA B . n 
A 1 137 GLY 137 143 143 GLY GLY B . n 
A 1 138 VAL 138 144 144 VAL VAL B . n 
A 1 139 VAL 139 145 145 VAL VAL B . n 
A 1 140 SER 140 146 146 SER SER B . n 
A 1 141 PHE 141 147 147 PHE PHE B . n 
A 1 142 TYR 142 148 148 TYR TYR B . n 
A 1 143 ASN 143 149 149 ASN ASN B . n 
A 1 144 ILE 144 150 150 ILE ILE B . n 
A 1 145 THR 145 151 151 THR THR B . n 
A 1 146 ASP 146 152 152 ASP ASP B . n 
A 1 147 HIS 147 153 153 HIS HIS B . n 
A 1 148 GLY 148 154 154 GLY GLY B . n 
A 1 149 SER 149 155 155 SER SER B . n 
A 1 150 LEU 150 156 156 LEU LEU B . n 
A 1 151 ILE 151 157 157 ILE ILE B . n 
A 1 152 TYR 152 158 158 TYR TYR B . n 
A 1 153 THR 153 159 159 THR THR B . n 
A 1 154 PHE 154 160 160 PHE PHE B . n 
A 1 155 SER 155 161 161 SER SER B . n 
A 1 156 GLU 156 162 162 GLU GLU B . n 
A 1 157 CYS 157 163 163 CYS CYS B . n 
A 1 158 VAL 158 164 164 VAL VAL B . n 
A 1 159 PHE 159 165 165 PHE PHE B . n 
A 1 160 ALA 160 166 166 ALA ALA B . n 
A 1 161 GLY 161 167 167 GLY GLY B . n 
A 1 162 PRO 162 168 168 PRO PRO B . n 
A 1 163 LEU 163 169 169 LEU LEU B . n 
A 1 164 ARG 164 170 170 ARG ARG B . n 
A 1 165 PRO 165 171 171 PRO PRO B . n 
A 1 166 PHE 166 172 172 PHE PHE B . n 
A 1 167 PHE 167 173 173 PHE PHE B . n 
A 1 168 ASN 168 174 174 ASN ASN B . n 
A 1 169 VAL 169 175 175 VAL VAL B . n 
A 1 170 GLY 170 176 176 GLY GLY B . n 
A 1 171 PHE 171 177 177 PHE PHE B . n 
A 1 172 ASN 172 178 178 ASN ASN B . n 
A 1 173 TYR 173 179 179 TYR TYR B . n 
A 1 174 SER 174 180 180 SER SER B . n 
A 1 175 GLY 175 181 181 GLY GLY B . n 
A 1 176 GLY 176 182 182 GLY GLY B . n 
A 1 177 ASN 177 183 183 ASN ASN B . n 
A 1 178 ALA 178 184 184 ALA ALA B . n 
A 1 179 ALA 179 185 185 ALA ALA B . n 
A 1 180 PRO 180 186 186 PRO PRO B . n 
A 1 181 LEU 181 187 187 LEU LEU B . n 
A 1 182 LYS 182 188 188 LYS LYS B . n 
A 1 183 LEU 183 189 189 LEU LEU B . n 
A 1 184 CYS 184 190 190 CYS CYS B . n 
A 1 185 PRO 185 191 191 PRO PRO B . n 
A 1 186 LEU 186 192 192 LEU LEU B . n 
A 1 187 LYS 187 193 ?   ?   ?   B . n 
A 1 188 MET 188 194 ?   ?   ?   B . n 
# 
_pdbx_entity_instance_feature.ordinal        1 
_pdbx_entity_instance_feature.comp_id        WJA 
_pdbx_entity_instance_feature.asym_id        ? 
_pdbx_entity_instance_feature.seq_num        ? 
_pdbx_entity_instance_feature.auth_comp_id   WJA 
_pdbx_entity_instance_feature.auth_asym_id   ? 
_pdbx_entity_instance_feature.auth_seq_num   ? 
_pdbx_entity_instance_feature.feature_type   'SUBJECT OF INVESTIGATION' 
_pdbx_entity_instance_feature.details        ? 
# 
loop_
_pdbx_nonpoly_scheme.asym_id 
_pdbx_nonpoly_scheme.entity_id 
_pdbx_nonpoly_scheme.mon_id 
_pdbx_nonpoly_scheme.ndb_seq_num 
_pdbx_nonpoly_scheme.pdb_seq_num 
_pdbx_nonpoly_scheme.auth_seq_num 
_pdbx_nonpoly_scheme.pdb_mon_id 
_pdbx_nonpoly_scheme.auth_mon_id 
_pdbx_nonpoly_scheme.pdb_strand_id 
_pdbx_nonpoly_scheme.pdb_ins_code 
B 2 EDO 1   201 202 EDO EDO B . 
C 3 WJA 1   202 302 WJA LIG B . 
D 2 EDO 1   203 305 EDO EDO B . 
E 4 SO4 1   204 1   SO4 SO4 B . 
F 5 HOH 1   301 11  HOH HOH B . 
F 5 HOH 2   302 12  HOH HOH B . 
F 5 HOH 3   303 1   HOH HOH B . 
F 5 HOH 4   304 281 HOH HOH B . 
F 5 HOH 5   305 90  HOH HOH B . 
F 5 HOH 6   306 85  HOH HOH B . 
F 5 HOH 7   307 4   HOH HOH B . 
F 5 HOH 8   308 2   HOH HOH B . 
F 5 HOH 9   309 95  HOH HOH B . 
F 5 HOH 10  310 129 HOH HOH B . 
F 5 HOH 11  311 21  HOH HOH B . 
F 5 HOH 12  312 32  HOH HOH B . 
F 5 HOH 13  313 34  HOH HOH B . 
F 5 HOH 14  314 89  HOH HOH B . 
F 5 HOH 15  315 80  HOH HOH B . 
F 5 HOH 16  316 33  HOH HOH B . 
F 5 HOH 17  317 102 HOH HOH B . 
F 5 HOH 18  318 63  HOH HOH B . 
F 5 HOH 19  319 40  HOH HOH B . 
F 5 HOH 20  320 10  HOH HOH B . 
F 5 HOH 21  321 5   HOH HOH B . 
F 5 HOH 22  322 72  HOH HOH B . 
F 5 HOH 23  323 81  HOH HOH B . 
F 5 HOH 24  324 2   HOH HOH B . 
F 5 HOH 25  325 62  HOH HOH B . 
F 5 HOH 26  326 70  HOH HOH B . 
F 5 HOH 27  327 15  HOH HOH B . 
F 5 HOH 28  328 27  HOH HOH B . 
F 5 HOH 29  329 27  HOH HOH B . 
F 5 HOH 30  330 16  HOH HOH B . 
F 5 HOH 31  331 20  HOH HOH B . 
F 5 HOH 32  332 184 HOH HOH B . 
F 5 HOH 33  333 39  HOH HOH B . 
F 5 HOH 34  334 18  HOH HOH B . 
F 5 HOH 35  335 58  HOH HOH B . 
F 5 HOH 36  336 68  HOH HOH B . 
F 5 HOH 37  337 112 HOH HOH B . 
F 5 HOH 38  338 100 HOH HOH B . 
F 5 HOH 39  339 51  HOH HOH B . 
F 5 HOH 40  340 9   HOH HOH B . 
F 5 HOH 41  341 19  HOH HOH B . 
F 5 HOH 42  342 16  HOH HOH B . 
F 5 HOH 43  343 76  HOH HOH B . 
F 5 HOH 44  344 11  HOH HOH B . 
F 5 HOH 45  345 267 HOH HOH B . 
F 5 HOH 46  346 99  HOH HOH B . 
F 5 HOH 47  347 66  HOH HOH B . 
F 5 HOH 48  348 45  HOH HOH B . 
F 5 HOH 49  349 22  HOH HOH B . 
F 5 HOH 50  350 55  HOH HOH B . 
F 5 HOH 51  351 29  HOH HOH B . 
F 5 HOH 52  352 31  HOH HOH B . 
F 5 HOH 53  353 50  HOH HOH B . 
F 5 HOH 54  354 14  HOH HOH B . 
F 5 HOH 55  355 29  HOH HOH B . 
F 5 HOH 56  356 93  HOH HOH B . 
F 5 HOH 57  357 6   HOH HOH B . 
F 5 HOH 58  358 211 HOH HOH B . 
F 5 HOH 59  359 3   HOH HOH B . 
F 5 HOH 60  360 36  HOH HOH B . 
F 5 HOH 61  361 47  HOH HOH B . 
F 5 HOH 62  362 10  HOH HOH B . 
F 5 HOH 63  363 49  HOH HOH B . 
F 5 HOH 64  364 25  HOH HOH B . 
F 5 HOH 65  365 7   HOH HOH B . 
F 5 HOH 66  366 1   HOH HOH B . 
F 5 HOH 67  367 43  HOH HOH B . 
F 5 HOH 68  368 264 HOH HOH B . 
F 5 HOH 69  369 24  HOH HOH B . 
F 5 HOH 70  370 26  HOH HOH B . 
F 5 HOH 71  371 64  HOH HOH B . 
F 5 HOH 72  372 86  HOH HOH B . 
F 5 HOH 73  373 17  HOH HOH B . 
F 5 HOH 74  374 303 HOH HOH B . 
F 5 HOH 75  375 33  HOH HOH B . 
F 5 HOH 76  376 59  HOH HOH B . 
F 5 HOH 77  377 56  HOH HOH B . 
F 5 HOH 78  378 156 HOH HOH B . 
F 5 HOH 79  379 8   HOH HOH B . 
F 5 HOH 80  380 20  HOH HOH B . 
F 5 HOH 81  381 48  HOH HOH B . 
F 5 HOH 82  382 57  HOH HOH B . 
F 5 HOH 83  383 304 HOH HOH B . 
F 5 HOH 84  384 61  HOH HOH B . 
F 5 HOH 85  385 257 HOH HOH B . 
F 5 HOH 86  386 4   HOH HOH B . 
F 5 HOH 87  387 71  HOH HOH B . 
F 5 HOH 88  388 97  HOH HOH B . 
F 5 HOH 89  389 8   HOH HOH B . 
F 5 HOH 90  390 13  HOH HOH B . 
F 5 HOH 91  391 60  HOH HOH B . 
F 5 HOH 92  392 263 HOH HOH B . 
F 5 HOH 93  393 3   HOH HOH B . 
F 5 HOH 94  394 19  HOH HOH B . 
F 5 HOH 95  395 69  HOH HOH B . 
F 5 HOH 96  396 54  HOH HOH B . 
F 5 HOH 97  397 126 HOH HOH B . 
F 5 HOH 98  398 157 HOH HOH B . 
F 5 HOH 99  399 38  HOH HOH B . 
F 5 HOH 100 400 23  HOH HOH B . 
F 5 HOH 101 401 46  HOH HOH B . 
F 5 HOH 102 402 32  HOH HOH B . 
F 5 HOH 103 403 15  HOH HOH B . 
F 5 HOH 104 404 120 HOH HOH B . 
F 5 HOH 105 405 5   HOH HOH B . 
F 5 HOH 106 406 7   HOH HOH B . 
F 5 HOH 107 407 140 HOH HOH B . 
F 5 HOH 108 408 137 HOH HOH B . 
F 5 HOH 109 409 42  HOH HOH B . 
F 5 HOH 110 410 30  HOH HOH B . 
F 5 HOH 111 411 133 HOH HOH B . 
F 5 HOH 112 412 53  HOH HOH B . 
F 5 HOH 113 413 44  HOH HOH B . 
F 5 HOH 114 414 41  HOH HOH B . 
F 5 HOH 115 415 22  HOH HOH B . 
F 5 HOH 116 416 125 HOH HOH B . 
F 5 HOH 117 417 197 HOH HOH B . 
F 5 HOH 118 418 82  HOH HOH B . 
F 5 HOH 119 419 18  HOH HOH B . 
F 5 HOH 120 420 114 HOH HOH B . 
F 5 HOH 121 421 115 HOH HOH B . 
F 5 HOH 122 422 30  HOH HOH B . 
F 5 HOH 123 423 266 HOH HOH B . 
F 5 HOH 124 424 270 HOH HOH B . 
F 5 HOH 125 425 14  HOH HOH B . 
F 5 HOH 126 426 21  HOH HOH B . 
F 5 HOH 127 427 23  HOH HOH B . 
F 5 HOH 128 428 98  HOH HOH B . 
F 5 HOH 129 429 127 HOH HOH B . 
F 5 HOH 130 430 104 HOH HOH B . 
F 5 HOH 131 431 166 HOH HOH B . 
F 5 HOH 132 432 205 HOH HOH B . 
F 5 HOH 133 433 131 HOH HOH B . 
F 5 HOH 134 434 259 HOH HOH B . 
# 
loop_
_pdbx_unobs_or_zero_occ_atoms.id 
_pdbx_unobs_or_zero_occ_atoms.PDB_model_num 
_pdbx_unobs_or_zero_occ_atoms.polymer_flag 
_pdbx_unobs_or_zero_occ_atoms.occupancy_flag 
_pdbx_unobs_or_zero_occ_atoms.auth_asym_id 
_pdbx_unobs_or_zero_occ_atoms.auth_comp_id 
_pdbx_unobs_or_zero_occ_atoms.auth_seq_id 
_pdbx_unobs_or_zero_occ_atoms.PDB_ins_code 
_pdbx_unobs_or_zero_occ_atoms.auth_atom_id 
_pdbx_unobs_or_zero_occ_atoms.label_alt_id 
_pdbx_unobs_or_zero_occ_atoms.label_asym_id 
_pdbx_unobs_or_zero_occ_atoms.label_comp_id 
_pdbx_unobs_or_zero_occ_atoms.label_seq_id 
_pdbx_unobs_or_zero_occ_atoms.label_atom_id 
1 1 Y 1 B LEU 192 ? CG  ? A LEU 186 CG  
2 1 Y 1 B LEU 192 ? CD1 ? A LEU 186 CD1 
3 1 Y 1 B LEU 192 ? CD2 ? A LEU 186 CD2 
# 
loop_
_software.pdbx_ordinal 
_software.name 
_software.version 
_software.date 
_software.type 
_software.contact_author 
_software.contact_author_email 
_software.classification 
_software.location 
_software.language 
_software.citation_id 
1 REFMAC      5.8.0267 ?               program 'Garib N. Murshudov' garib@ysbl.york.ac.uk    refinement        
http://www.ccp4.ac.uk/dist/html/refmac5.html        Fortran_77 ? 
2 Aimless     0.7.7    23/04/21        program 'Phil Evans'         ?                        'data scaling'    
http://www.mrc-lmb.cam.ac.uk/harry/pre/aimless.html ?          ? 
3 PDB_EXTRACT 3.23     'SEP. 23, 2016' package PDB                  deposit@deposit.rcsb.org 'data extraction' 
http://sw-tools.pdb.org/apps/PDB_EXTRACT/           C++        ? 
4 XDS         .        ?               program ?                    ?                        'data reduction'  ? ?          ? 
5 REFMAC      .        ?               program ?                    ?                        phasing           ? ?          ? 
# 
_cell.entry_id           7HMX 
_cell.length_a           95.583 
_cell.length_b           95.583 
_cell.length_c           45.936 
_cell.angle_alpha        90.000 
_cell.angle_beta         90.000 
_cell.angle_gamma        90.000 
_cell.Z_PDB              8 
_cell.pdbx_unique_axis   ? 
# 
_symmetry.entry_id                         7HMX 
_symmetry.space_group_name_H-M             'I 4' 
_symmetry.pdbx_full_space_group_name_H-M   ? 
_symmetry.cell_setting                     ? 
_symmetry.Int_Tables_number                79 
# 
_exptl.crystals_number   1 
_exptl.entry_id          7HMX 
_exptl.method            'X-RAY DIFFRACTION' 
# 
_exptl_crystal.id                    1 
_exptl_crystal.pdbx_mosaicity        0.000 
_exptl_crystal.pdbx_mosaicity_esd    ? 
_exptl_crystal.density_Matthews      2.43 
_exptl_crystal.density_diffrn        ? 
_exptl_crystal.density_meas          ? 
_exptl_crystal.density_meas_temp     ? 
_exptl_crystal.density_percent_sol   49.36 
_exptl_crystal.size_max              ? 
_exptl_crystal.size_mid              ? 
_exptl_crystal.size_min              ? 
_exptl_crystal.size_rad              ? 
_exptl_crystal.description           ? 
# 
_exptl_crystal_grow.crystal_id      1 
_exptl_crystal_grow.method          'VAPOR DIFFUSION, SITTING DROP' 
_exptl_crystal_grow.pH              8 
_exptl_crystal_grow.temp            293 
_exptl_crystal_grow.pdbx_details    '4 % PEG 400, 2 M AmmSO4, 0.1 M HEPES pH 8' 
_exptl_crystal_grow.temp_details    ? 
_exptl_crystal_grow.pdbx_pH_range   ? 
# 
_diffrn.id                     1 
_diffrn.ambient_temp           100 
_diffrn.crystal_id             1 
_diffrn.ambient_temp_details   ? 
# 
_diffrn_detector.detector               PIXEL 
_diffrn_detector.type                   'DECTRIS EIGER2 XE 9M' 
_diffrn_detector.pdbx_collection_date   2024-05-24 
_diffrn_detector.diffrn_id              1 
_diffrn_detector.details                ? 
# 
_diffrn_radiation.diffrn_id                        1 
_diffrn_radiation.wavelength_id                    1 
_diffrn_radiation.pdbx_diffrn_protocol             'SINGLE WAVELENGTH' 
_diffrn_radiation.pdbx_monochromatic_or_laue_m_l   ? 
_diffrn_radiation.monochromator                    ? 
_diffrn_radiation.pdbx_scattering_type             x-ray 
# 
_diffrn_radiation_wavelength.id           1 
_diffrn_radiation_wavelength.wavelength   0.92124 
_diffrn_radiation_wavelength.wt           1.0 
# 
_diffrn_source.diffrn_id                   1 
_diffrn_source.source                      SYNCHROTRON 
_diffrn_source.type                        'DIAMOND BEAMLINE I04-1' 
_diffrn_source.pdbx_wavelength_list        0.92124 
_diffrn_source.pdbx_synchrotron_site       Diamond 
_diffrn_source.pdbx_synchrotron_beamline   I04-1 
_diffrn_source.pdbx_wavelength             ? 
# 
_reflns.entry_id                     7HMX 
_reflns.pdbx_diffrn_id               1 
_reflns.pdbx_ordinal                 1 
_reflns.observed_criterion_sigma_I   ? 
_reflns.observed_criterion_sigma_F   ? 
_reflns.d_resolution_low             33.790 
_reflns.d_resolution_high            1.570 
_reflns.number_obs                   29079 
_reflns.number_all                   ? 
_reflns.percent_possible_obs         100.000 
_reflns.pdbx_Rmerge_I_obs            0.356 
_reflns.pdbx_Rsym_value              ? 
_reflns.pdbx_netI_over_sigmaI        3.500 
_reflns.B_iso_Wilson_estimate        ? 
_reflns.pdbx_redundancy              13.600 
_reflns.pdbx_Rrim_I_all              0.370 
_reflns.pdbx_Rpim_I_all              0.100 
_reflns.pdbx_CC_half                 0.983 
_reflns.pdbx_netI_over_av_sigmaI     ? 
_reflns.pdbx_number_measured_all     395942 
_reflns.pdbx_scaling_rejects         0 
_reflns.pdbx_chi_squared             ? 
_reflns.Rmerge_F_all                 ? 
_reflns.Rmerge_F_obs                 ? 
_reflns.observed_criterion_F_max     ? 
_reflns.observed_criterion_F_min     ? 
_reflns.observed_criterion_I_max     ? 
_reflns.observed_criterion_I_min     ? 
_reflns.pdbx_d_res_high_opt          ? 
_reflns.pdbx_d_res_low_opt           ? 
_reflns.details                      ? 
# 
loop_
_reflns_shell.pdbx_diffrn_id 
_reflns_shell.pdbx_ordinal 
_reflns_shell.d_res_high 
_reflns_shell.d_res_low 
_reflns_shell.number_measured_obs 
_reflns_shell.number_measured_all 
_reflns_shell.number_unique_obs 
_reflns_shell.pdbx_rejects 
_reflns_shell.Rmerge_I_obs 
_reflns_shell.meanI_over_sigI_obs 
_reflns_shell.pdbx_Rsym_value 
_reflns_shell.pdbx_chi_squared 
_reflns_shell.pdbx_redundancy 
_reflns_shell.percent_possible_obs 
_reflns_shell.pdbx_netI_over_sigmaI_obs 
_reflns_shell.number_possible 
_reflns_shell.number_unique_all 
_reflns_shell.Rmerge_F_all 
_reflns_shell.Rmerge_F_obs 
_reflns_shell.Rmerge_I_all 
_reflns_shell.meanI_over_sigI_all 
_reflns_shell.percent_possible_all 
_reflns_shell.pdbx_Rrim_I_all 
_reflns_shell.pdbx_Rpim_I_all 
_reflns_shell.pdbx_CC_half 
1 1 1.570 1.600  ? 16778 1425 ? 3.228 ? ? ? 11.800 ? 0.300  ? ? ? ? ? ? 99.300 3.376 0.977 0.265 
1 2 8.600 33.790 ? 2368  197  ? 0.337 ? ? ? 12.000 ? 11.600 ? ? ? ? ? ? 98.700 0.354 0.104 0.936 
# 
_refine.entry_id                                 7HMX 
_refine.pdbx_refine_id                           'X-RAY DIFFRACTION' 
_refine.ls_d_res_high                            1.5700 
_refine.ls_d_res_low                             33.8200 
_refine.pdbx_ls_sigma_F                          0.000 
_refine.pdbx_data_cutoff_high_absF               ? 
_refine.pdbx_data_cutoff_low_absF                ? 
_refine.ls_percent_reflns_obs                    97.7200 
_refine.ls_number_reflns_obs                     27030 
_refine.ls_number_reflns_all                     ? 
_refine.pdbx_ls_cross_valid_method               THROUGHOUT 
_refine.ls_matrix_type                           ? 
_refine.pdbx_R_Free_selection_details            RANDOM 
_refine.details                                  
'HYDROGENS HAVE BEEN ADDED IN THE RIDING POSITIONS U VALUES      : REFINED INDIVIDUALLY' 
_refine.ls_R_factor_all                          ? 
_refine.ls_R_factor_obs                          0.2041 
_refine.ls_R_factor_R_work                       0.2023 
_refine.ls_wR_factor_R_work                      ? 
_refine.ls_R_factor_R_free                       0.2395 
_refine.ls_wR_factor_R_free                      ? 
_refine.ls_percent_reflns_R_free                 4.9000 
_refine.ls_number_reflns_R_free                  1395 
_refine.ls_number_reflns_R_work                  ? 
_refine.ls_R_factor_R_free_error                 ? 
_refine.B_iso_mean                               22.0920 
_refine.solvent_model_param_bsol                 ? 
_refine.solvent_model_param_ksol                 ? 
_refine.pdbx_isotropic_thermal_model             ? 
_refine.aniso_B[1][1]                            0.2200 
_refine.aniso_B[2][2]                            0.2200 
_refine.aniso_B[3][3]                            -0.4500 
_refine.aniso_B[1][2]                            0.0000 
_refine.aniso_B[1][3]                            0.0000 
_refine.aniso_B[2][3]                            -0.0000 
_refine.correlation_coeff_Fo_to_Fc               0.9600 
_refine.correlation_coeff_Fo_to_Fc_free          0.9370 
_refine.overall_SU_R_Cruickshank_DPI             ? 
_refine.pdbx_overall_SU_R_free_Cruickshank_DPI   ? 
_refine.pdbx_overall_SU_R_Blow_DPI               ? 
_refine.pdbx_overall_SU_R_free_Blow_DPI          ? 
_refine.overall_SU_R_free                        ? 
_refine.pdbx_overall_ESU_R                       0.1020 
_refine.pdbx_overall_ESU_R_Free                  0.1030 
_refine.overall_SU_ML                            0.1310 
_refine.overall_SU_B                             4.3750 
_refine.solvent_model_details                    MASK 
_refine.pdbx_solvent_vdw_probe_radii             1.2000 
_refine.pdbx_solvent_ion_probe_radii             0.8000 
_refine.pdbx_solvent_shrinkage_radii             0.8000 
_refine.ls_number_parameters                     ? 
_refine.ls_number_restraints                     ? 
_refine.pdbx_starting_model                      ? 
_refine.pdbx_method_to_determine_struct          'FOURIER SYNTHESIS' 
_refine.pdbx_stereochemistry_target_values       'MAXIMUM LIKELIHOOD' 
_refine.pdbx_stereochem_target_val_spec_case     ? 
_refine.overall_FOM_work_R_set                   ? 
_refine.B_iso_max                                83.930 
_refine.B_iso_min                                13.250 
_refine.pdbx_overall_phase_error                 ? 
_refine.occupancy_max                            ? 
_refine.occupancy_min                            ? 
_refine.pdbx_diffrn_id                           1 
_refine.pdbx_TLS_residual_ADP_flag               ? 
_refine.pdbx_ls_sigma_I                          ? 
_refine.pdbx_data_cutoff_high_rms_absF           ? 
_refine.ls_R_factor_R_free_error_details         ? 
# 
_refine_hist.cycle_id                         final 
_refine_hist.pdbx_refine_id                   'X-RAY DIFFRACTION' 
_refine_hist.d_res_high                       1.5700 
_refine_hist.d_res_low                        33.8200 
_refine_hist.pdbx_number_atoms_ligand         25 
_refine_hist.number_atoms_solvent             134 
_refine_hist.number_atoms_total               1652 
_refine_hist.pdbx_number_residues_total       185 
_refine_hist.pdbx_B_iso_mean_ligand           39.86 
_refine_hist.pdbx_B_iso_mean_solvent          32.18 
_refine_hist.pdbx_number_atoms_protein        1493 
_refine_hist.pdbx_number_atoms_nucleic_acid   0 
# 
loop_
_refine_ls_restr.pdbx_refine_id 
_refine_ls_restr.type 
_refine_ls_restr.number 
_refine_ls_restr.dev_ideal 
_refine_ls_restr.dev_ideal_target 
_refine_ls_restr.weight 
_refine_ls_restr.pdbx_restraint_function 
'X-RAY DIFFRACTION' r_bond_refined_d       1991 0.007  0.013  ? ? 
'X-RAY DIFFRACTION' r_bond_other_d         1600 0.001  0.015  ? ? 
'X-RAY DIFFRACTION' r_angle_refined_deg    2500 1.434  1.638  ? ? 
'X-RAY DIFFRACTION' r_angle_other_deg      3691 1.273  1.580  ? ? 
'X-RAY DIFFRACTION' r_dihedral_angle_1_deg 235  6.984  5.000  ? ? 
'X-RAY DIFFRACTION' r_dihedral_angle_2_deg 107  26.169 21.215 ? ? 
'X-RAY DIFFRACTION' r_dihedral_angle_3_deg 285  12.641 15.000 ? ? 
'X-RAY DIFFRACTION' r_dihedral_angle_4_deg 15   20.309 15.000 ? ? 
'X-RAY DIFFRACTION' r_chiral_restr         219  0.060  0.200  ? ? 
'X-RAY DIFFRACTION' r_gen_planes_refined   2214 0.007  0.020  ? ? 
'X-RAY DIFFRACTION' r_gen_planes_other     488  0.001  0.020  ? ? 
'X-RAY DIFFRACTION' r_mcbond_it            958  1.463  2.120  ? ? 
'X-RAY DIFFRACTION' r_mcbond_other         942  1.420  2.080  ? ? 
'X-RAY DIFFRACTION' r_mcangle_it           1129 2.348  3.116  ? ? 
# 
_refine_ls_shell.d_res_high                       1.5710 
_refine_ls_shell.d_res_low                        1.6120 
_refine_ls_shell.pdbx_total_number_of_bins_used   20 
_refine_ls_shell.percent_reflns_obs               78.6700 
_refine_ls_shell.number_reflns_R_work             1619 
_refine_ls_shell.R_factor_all                     ? 
_refine_ls_shell.R_factor_R_work                  0.3500 
_refine_ls_shell.R_factor_R_free                  0.3690 
_refine_ls_shell.percent_reflns_R_free            ? 
_refine_ls_shell.number_reflns_R_free             78 
_refine_ls_shell.R_factor_R_free_error            ? 
_refine_ls_shell.number_reflns_all                1697 
_refine_ls_shell.number_reflns_obs                ? 
_refine_ls_shell.pdbx_refine_id                   'X-RAY DIFFRACTION' 
# 
_struct.entry_id                  7HMX 
_struct.title                     'PanDDA analysis group deposition -- Crystal Structure of TRIM21 in complex with Z763030030' 
_struct.pdbx_model_details        ? 
_struct.pdbx_CASP_flag            ? 
_struct.pdbx_model_type_details   ? 
# 
_struct_keywords.entry_id        7HMX 
_struct_keywords.text            'SGC - Diamond I04-1 fragment screening, PanDDA, XChemExplorer, TRIM21, LIGASE' 
_struct_keywords.pdbx_keywords   LIGASE 
# 
loop_
_struct_asym.id 
_struct_asym.pdbx_blank_PDB_chainid_flag 
_struct_asym.pdbx_modified 
_struct_asym.entity_id 
_struct_asym.details 
A N N 1 ? 
B N N 2 ? 
C N N 3 ? 
D N N 2 ? 
E N N 4 ? 
F N N 5 ? 
# 
_struct_ref.id                         1 
_struct_ref.db_name                    UNP 
_struct_ref.db_code                    RO52_MOUSE 
_struct_ref.pdbx_db_accession          Q62191 
_struct_ref.pdbx_db_isoform            ? 
_struct_ref.entity_id                  1 
_struct_ref.pdbx_seq_one_letter_code   
;VHITLDRNTANSWLIISKDRRQVRMGDTHQNVSDNKERFSNYPMVLGAQRFSSGKMYWEVDVTQKEAWDLGVCRDSVQRK
GQFSLSPENGFWTIWLWQDSYEAGTSPQTTLHIQVPPCQIGIFVDYEAGVVSFYNITDHGSLIYTFSECVFAGPLRPFFN
VGFNYSGGNAAPLKLCPLKM
;
_struct_ref.pdbx_align_begin           291 
# 
_struct_ref_seq.align_id                      1 
_struct_ref_seq.ref_id                        1 
_struct_ref_seq.pdbx_PDB_id_code              7HMX 
_struct_ref_seq.pdbx_strand_id                B 
_struct_ref_seq.seq_align_beg                 9 
_struct_ref_seq.pdbx_seq_align_beg_ins_code   ? 
_struct_ref_seq.seq_align_end                 188 
_struct_ref_seq.pdbx_seq_align_end_ins_code   ? 
_struct_ref_seq.pdbx_db_accession             Q62191 
_struct_ref_seq.db_align_beg                  291 
_struct_ref_seq.pdbx_db_align_beg_ins_code    ? 
_struct_ref_seq.db_align_end                  470 
_struct_ref_seq.pdbx_db_align_end_ins_code    ? 
_struct_ref_seq.pdbx_auth_seq_align_beg       15 
_struct_ref_seq.pdbx_auth_seq_align_end       194 
# 
loop_
_struct_ref_seq_dif.align_id 
_struct_ref_seq_dif.pdbx_pdb_id_code 
_struct_ref_seq_dif.mon_id 
_struct_ref_seq_dif.pdbx_pdb_strand_id 
_struct_ref_seq_dif.seq_num 
_struct_ref_seq_dif.pdbx_pdb_ins_code 
_struct_ref_seq_dif.pdbx_seq_db_name 
_struct_ref_seq_dif.pdbx_seq_db_accession_code 
_struct_ref_seq_dif.db_mon_id 
_struct_ref_seq_dif.pdbx_seq_db_seq_num 
_struct_ref_seq_dif.details 
_struct_ref_seq_dif.pdbx_auth_seq_num 
_struct_ref_seq_dif.pdbx_ordinal 
1 7HMX MET B 1 ? UNP Q62191 ? ? 'initiating methionine' 7  1 
1 7HMX HIS B 2 ? UNP Q62191 ? ? 'expression tag'        8  2 
1 7HMX HIS B 3 ? UNP Q62191 ? ? 'expression tag'        9  3 
1 7HMX HIS B 4 ? UNP Q62191 ? ? 'expression tag'        10 4 
1 7HMX HIS B 5 ? UNP Q62191 ? ? 'expression tag'        11 5 
1 7HMX HIS B 6 ? UNP Q62191 ? ? 'expression tag'        12 6 
1 7HMX HIS B 7 ? UNP Q62191 ? ? 'expression tag'        13 7 
1 7HMX MET B 8 ? UNP Q62191 ? ? 'expression tag'        14 8 
# 
_pdbx_struct_assembly.id                   1 
_pdbx_struct_assembly.details              author_defined_assembly 
_pdbx_struct_assembly.method_details       ? 
_pdbx_struct_assembly.oligomeric_details   monomeric 
_pdbx_struct_assembly.oligomeric_count     1 
# 
_pdbx_struct_assembly_gen.assembly_id       1 
_pdbx_struct_assembly_gen.oper_expression   1 
_pdbx_struct_assembly_gen.asym_id_list      A,B,C,D,E,F 
# 
_pdbx_struct_oper_list.id                   1 
_pdbx_struct_oper_list.type                 'identity operation' 
_pdbx_struct_oper_list.name                 1_555 
_pdbx_struct_oper_list.symmetry_operation   x,y,z 
_pdbx_struct_oper_list.matrix[1][1]         1.0000000000 
_pdbx_struct_oper_list.matrix[1][2]         0.0000000000 
_pdbx_struct_oper_list.matrix[1][3]         0.0000000000 
_pdbx_struct_oper_list.vector[1]            0.0000000000 
_pdbx_struct_oper_list.matrix[2][1]         0.0000000000 
_pdbx_struct_oper_list.matrix[2][2]         1.0000000000 
_pdbx_struct_oper_list.matrix[2][3]         0.0000000000 
_pdbx_struct_oper_list.vector[2]            0.0000000000 
_pdbx_struct_oper_list.matrix[3][1]         0.0000000000 
_pdbx_struct_oper_list.matrix[3][2]         0.0000000000 
_pdbx_struct_oper_list.matrix[3][3]         1.0000000000 
_pdbx_struct_oper_list.vector[3]            0.0000000000 
# 
loop_
_struct_conf.conf_type_id 
_struct_conf.id 
_struct_conf.pdbx_PDB_helix_id 
_struct_conf.beg_label_comp_id 
_struct_conf.beg_label_asym_id 
_struct_conf.beg_label_seq_id 
_struct_conf.pdbx_beg_PDB_ins_code 
_struct_conf.end_label_comp_id 
_struct_conf.end_label_asym_id 
_struct_conf.end_label_seq_id 
_struct_conf.pdbx_end_PDB_ins_code 
_struct_conf.beg_auth_comp_id 
_struct_conf.beg_auth_asym_id 
_struct_conf.beg_auth_seq_id 
_struct_conf.end_auth_comp_id 
_struct_conf.end_auth_asym_id 
_struct_conf.end_auth_seq_id 
_struct_conf.pdbx_PDB_helix_class 
_struct_conf.details 
_struct_conf.pdbx_PDB_helix_length 
HELX_P HELX_P1 AA1 HIS A 4  ? MET A 8  ? HIS B 10  MET B 14  5 ? 5 
HELX_P HELX_P2 AA2 ARG A 15 ? ALA A 18 ? ARG B 21  ALA B 24  5 ? 4 
HELX_P HELX_P3 AA3 SER A 94 ? ASN A 97 ? SER B 100 ASN B 103 5 ? 4 
# 
_struct_conf_type.id          HELX_P 
_struct_conf_type.criteria    ? 
_struct_conf_type.reference   ? 
# 
_struct_mon_prot_cis.pdbx_id                1 
_struct_mon_prot_cis.label_comp_id          SER 
_struct_mon_prot_cis.label_seq_id           114 
_struct_mon_prot_cis.label_asym_id          A 
_struct_mon_prot_cis.label_alt_id           . 
_struct_mon_prot_cis.pdbx_PDB_ins_code      ? 
_struct_mon_prot_cis.auth_comp_id           SER 
_struct_mon_prot_cis.auth_seq_id            120 
_struct_mon_prot_cis.auth_asym_id           B 
_struct_mon_prot_cis.pdbx_label_comp_id_2   PRO 
_struct_mon_prot_cis.pdbx_label_seq_id_2    115 
_struct_mon_prot_cis.pdbx_label_asym_id_2   A 
_struct_mon_prot_cis.pdbx_PDB_ins_code_2    ? 
_struct_mon_prot_cis.pdbx_auth_comp_id_2    PRO 
_struct_mon_prot_cis.pdbx_auth_seq_id_2     121 
_struct_mon_prot_cis.pdbx_auth_asym_id_2    B 
_struct_mon_prot_cis.pdbx_PDB_model_num     1 
_struct_mon_prot_cis.pdbx_omega_angle       -1.01 
# 
loop_
_struct_sheet.id 
_struct_sheet.type 
_struct_sheet.number_strands 
_struct_sheet.details 
AA1 ? 7 ? 
AA2 ? 7 ? 
# 
loop_
_struct_sheet_order.sheet_id 
_struct_sheet_order.range_id_1 
_struct_sheet_order.range_id_2 
_struct_sheet_order.offset 
_struct_sheet_order.sense 
AA1 1 2 ? anti-parallel 
AA1 2 3 ? anti-parallel 
AA1 3 4 ? anti-parallel 
AA1 4 5 ? anti-parallel 
AA1 5 6 ? anti-parallel 
AA1 6 7 ? anti-parallel 
AA2 1 2 ? anti-parallel 
AA2 2 3 ? anti-parallel 
AA2 3 4 ? anti-parallel 
AA2 4 5 ? anti-parallel 
AA2 5 6 ? anti-parallel 
AA2 6 7 ? anti-parallel 
# 
loop_
_struct_sheet_range.sheet_id 
_struct_sheet_range.id 
_struct_sheet_range.beg_label_comp_id 
_struct_sheet_range.beg_label_asym_id 
_struct_sheet_range.beg_label_seq_id 
_struct_sheet_range.pdbx_beg_PDB_ins_code 
_struct_sheet_range.end_label_comp_id 
_struct_sheet_range.end_label_asym_id 
_struct_sheet_range.end_label_seq_id 
_struct_sheet_range.pdbx_end_PDB_ins_code 
_struct_sheet_range.beg_auth_comp_id 
_struct_sheet_range.beg_auth_asym_id 
_struct_sheet_range.beg_auth_seq_id 
_struct_sheet_range.end_auth_comp_id 
_struct_sheet_range.end_auth_asym_id 
_struct_sheet_range.end_auth_seq_id 
AA1 1 LEU A 13  ? ASP A 14  ? LEU B 19  ASP B 20  
AA1 2 MET A 52  ? GLY A 55  ? MET B 58  GLY B 61  
AA1 3 LEU A 163 ? ASN A 168 ? LEU B 169 ASN B 174 
AA1 4 TRP A 76  ? ARG A 82  ? TRP B 82  ARG B 88  
AA1 5 PHE A 99  ? TRP A 105 ? PHE B 105 TRP B 111 
AA1 6 SER A 108 ? ALA A 111 ? SER B 114 ALA B 117 
AA1 7 THR A 117 ? THR A 118 ? THR B 123 THR B 124 
AA2 1 LEU A 22  ? ILE A 24  ? LEU B 28  ILE B 30  
AA2 2 GLN A 30  ? MET A 33  ? GLN B 36  MET B 39  
AA2 3 LEU A 181 ? LEU A 183 ? LEU B 187 LEU B 189 
AA2 4 LYS A 63  ? ASP A 69  ? LYS B 69  ASP B 75  
AA2 5 GLN A 127 ? ASP A 133 ? GLN B 133 ASP B 139 
AA2 6 VAL A 138 ? ASN A 143 ? VAL B 144 ASN B 149 
AA2 7 SER A 149 ? PHE A 154 ? SER B 155 PHE B 160 
# 
loop_
_pdbx_struct_sheet_hbond.sheet_id 
_pdbx_struct_sheet_hbond.range_id_1 
_pdbx_struct_sheet_hbond.range_id_2 
_pdbx_struct_sheet_hbond.range_1_label_atom_id 
_pdbx_struct_sheet_hbond.range_1_label_comp_id 
_pdbx_struct_sheet_hbond.range_1_label_asym_id 
_pdbx_struct_sheet_hbond.range_1_label_seq_id 
_pdbx_struct_sheet_hbond.range_1_PDB_ins_code 
_pdbx_struct_sheet_hbond.range_1_auth_atom_id 
_pdbx_struct_sheet_hbond.range_1_auth_comp_id 
_pdbx_struct_sheet_hbond.range_1_auth_asym_id 
_pdbx_struct_sheet_hbond.range_1_auth_seq_id 
_pdbx_struct_sheet_hbond.range_2_label_atom_id 
_pdbx_struct_sheet_hbond.range_2_label_comp_id 
_pdbx_struct_sheet_hbond.range_2_label_asym_id 
_pdbx_struct_sheet_hbond.range_2_label_seq_id 
_pdbx_struct_sheet_hbond.range_2_PDB_ins_code 
_pdbx_struct_sheet_hbond.range_2_auth_atom_id 
_pdbx_struct_sheet_hbond.range_2_auth_comp_id 
_pdbx_struct_sheet_hbond.range_2_auth_asym_id 
_pdbx_struct_sheet_hbond.range_2_auth_seq_id 
AA1 1 2 N ASP A 14  ? N ASP B 20  O LEU A 54  ? O LEU B 60  
AA1 2 3 N GLY A 55  ? N GLY B 61  O PRO A 165 ? O PRO B 171 
AA1 3 4 O ARG A 164 ? O ARG B 170 N CYS A 81  ? N CYS B 87  
AA1 4 5 N LEU A 78  ? N LEU B 84  O ILE A 102 ? O ILE B 108 
AA1 5 6 N TRP A 105 ? N TRP B 111 O SER A 108 ? O SER B 114 
AA1 6 7 N ALA A 111 ? N ALA B 117 O THR A 117 ? O THR B 123 
AA2 1 2 N ILE A 23  ? N ILE B 29  O ARG A 32  ? O ARG B 38  
AA2 2 3 N VAL A 31  ? N VAL B 37  O LEU A 181 ? O LEU B 187 
AA2 3 4 O LYS A 182 ? O LYS B 188 N ASP A 69  ? N ASP B 75  
AA2 4 5 N TRP A 66  ? N TRP B 72  O ILE A 130 ? O ILE B 136 
AA2 5 6 N PHE A 131 ? N PHE B 137 O SER A 140 ? O SER B 146 
AA2 6 7 N PHE A 141 ? N PHE B 147 O ILE A 151 ? O ILE B 157 
# 
_pdbx_entry_details.entry_id                   7HMX 
_pdbx_entry_details.compound_details           ? 
_pdbx_entry_details.source_details             ? 
_pdbx_entry_details.nonpolymer_details         ? 
_pdbx_entry_details.sequence_details           ? 
_pdbx_entry_details.has_ligand_of_interest     Y 
_pdbx_entry_details.has_protein_modification   N 
# 
_pdbx_validate_torsion.id              1 
_pdbx_validate_torsion.PDB_model_num   1 
_pdbx_validate_torsion.auth_comp_id    ASP 
_pdbx_validate_torsion.auth_asym_id    B 
_pdbx_validate_torsion.auth_seq_id     152 
_pdbx_validate_torsion.PDB_ins_code    ? 
_pdbx_validate_torsion.label_alt_id    ? 
_pdbx_validate_torsion.phi             -103.78 
_pdbx_validate_torsion.psi             55.92 
# 
_pdbx_struct_special_symmetry.id              1 
_pdbx_struct_special_symmetry.PDB_model_num   1 
_pdbx_struct_special_symmetry.auth_asym_id    B 
_pdbx_struct_special_symmetry.auth_comp_id    HOH 
_pdbx_struct_special_symmetry.auth_seq_id     420 
_pdbx_struct_special_symmetry.PDB_ins_code    ? 
_pdbx_struct_special_symmetry.label_asym_id   F 
_pdbx_struct_special_symmetry.label_comp_id   HOH 
_pdbx_struct_special_symmetry.label_seq_id    . 
# 
_phasing.method   MR 
# 
loop_
_pdbx_unobs_or_zero_occ_residues.id 
_pdbx_unobs_or_zero_occ_residues.PDB_model_num 
_pdbx_unobs_or_zero_occ_residues.polymer_flag 
_pdbx_unobs_or_zero_occ_residues.occupancy_flag 
_pdbx_unobs_or_zero_occ_residues.auth_asym_id 
_pdbx_unobs_or_zero_occ_residues.auth_comp_id 
_pdbx_unobs_or_zero_occ_residues.auth_seq_id 
_pdbx_unobs_or_zero_occ_residues.PDB_ins_code 
_pdbx_unobs_or_zero_occ_residues.label_asym_id 
_pdbx_unobs_or_zero_occ_residues.label_comp_id 
_pdbx_unobs_or_zero_occ_residues.label_seq_id 
1 1 Y 1 B MET 7   ? A MET 1   
2 1 Y 1 B LYS 193 ? A LYS 187 
3 1 Y 1 B MET 194 ? A MET 188 
# 
loop_
_chem_comp_atom.comp_id 
_chem_comp_atom.atom_id 
_chem_comp_atom.type_symbol 
_chem_comp_atom.pdbx_aromatic_flag 
_chem_comp_atom.pdbx_stereo_config 
_chem_comp_atom.pdbx_ordinal 
ALA N    N N N 1   
ALA CA   C N S 2   
ALA C    C N N 3   
ALA O    O N N 4   
ALA CB   C N N 5   
ALA OXT  O N N 6   
ALA H    H N N 7   
ALA H2   H N N 8   
ALA HA   H N N 9   
ALA HB1  H N N 10  
ALA HB2  H N N 11  
ALA HB3  H N N 12  
ALA HXT  H N N 13  
ARG N    N N N 14  
ARG CA   C N S 15  
ARG C    C N N 16  
ARG O    O N N 17  
ARG CB   C N N 18  
ARG CG   C N N 19  
ARG CD   C N N 20  
ARG NE   N N N 21  
ARG CZ   C N N 22  
ARG NH1  N N N 23  
ARG NH2  N N N 24  
ARG OXT  O N N 25  
ARG H    H N N 26  
ARG H2   H N N 27  
ARG HA   H N N 28  
ARG HB2  H N N 29  
ARG HB3  H N N 30  
ARG HG2  H N N 31  
ARG HG3  H N N 32  
ARG HD2  H N N 33  
ARG HD3  H N N 34  
ARG HE   H N N 35  
ARG HH11 H N N 36  
ARG HH12 H N N 37  
ARG HH21 H N N 38  
ARG HH22 H N N 39  
ARG HXT  H N N 40  
ASN N    N N N 41  
ASN CA   C N S 42  
ASN C    C N N 43  
ASN O    O N N 44  
ASN CB   C N N 45  
ASN CG   C N N 46  
ASN OD1  O N N 47  
ASN ND2  N N N 48  
ASN OXT  O N N 49  
ASN H    H N N 50  
ASN H2   H N N 51  
ASN HA   H N N 52  
ASN HB2  H N N 53  
ASN HB3  H N N 54  
ASN HD21 H N N 55  
ASN HD22 H N N 56  
ASN HXT  H N N 57  
ASP N    N N N 58  
ASP CA   C N S 59  
ASP C    C N N 60  
ASP O    O N N 61  
ASP CB   C N N 62  
ASP CG   C N N 63  
ASP OD1  O N N 64  
ASP OD2  O N N 65  
ASP OXT  O N N 66  
ASP H    H N N 67  
ASP H2   H N N 68  
ASP HA   H N N 69  
ASP HB2  H N N 70  
ASP HB3  H N N 71  
ASP HD2  H N N 72  
ASP HXT  H N N 73  
CYS N    N N N 74  
CYS CA   C N R 75  
CYS C    C N N 76  
CYS O    O N N 77  
CYS CB   C N N 78  
CYS SG   S N N 79  
CYS OXT  O N N 80  
CYS H    H N N 81  
CYS H2   H N N 82  
CYS HA   H N N 83  
CYS HB2  H N N 84  
CYS HB3  H N N 85  
CYS HG   H N N 86  
CYS HXT  H N N 87  
EDO C1   C N N 88  
EDO O1   O N N 89  
EDO C2   C N N 90  
EDO O2   O N N 91  
EDO H11  H N N 92  
EDO H12  H N N 93  
EDO HO1  H N N 94  
EDO H21  H N N 95  
EDO H22  H N N 96  
EDO HO2  H N N 97  
GLN N    N N N 98  
GLN CA   C N S 99  
GLN C    C N N 100 
GLN O    O N N 101 
GLN CB   C N N 102 
GLN CG   C N N 103 
GLN CD   C N N 104 
GLN OE1  O N N 105 
GLN NE2  N N N 106 
GLN OXT  O N N 107 
GLN H    H N N 108 
GLN H2   H N N 109 
GLN HA   H N N 110 
GLN HB2  H N N 111 
GLN HB3  H N N 112 
GLN HG2  H N N 113 
GLN HG3  H N N 114 
GLN HE21 H N N 115 
GLN HE22 H N N 116 
GLN HXT  H N N 117 
GLU N    N N N 118 
GLU CA   C N S 119 
GLU C    C N N 120 
GLU O    O N N 121 
GLU CB   C N N 122 
GLU CG   C N N 123 
GLU CD   C N N 124 
GLU OE1  O N N 125 
GLU OE2  O N N 126 
GLU OXT  O N N 127 
GLU H    H N N 128 
GLU H2   H N N 129 
GLU HA   H N N 130 
GLU HB2  H N N 131 
GLU HB3  H N N 132 
GLU HG2  H N N 133 
GLU HG3  H N N 134 
GLU HE2  H N N 135 
GLU HXT  H N N 136 
GLY N    N N N 137 
GLY CA   C N N 138 
GLY C    C N N 139 
GLY O    O N N 140 
GLY OXT  O N N 141 
GLY H    H N N 142 
GLY H2   H N N 143 
GLY HA2  H N N 144 
GLY HA3  H N N 145 
GLY HXT  H N N 146 
HIS N    N N N 147 
HIS CA   C N S 148 
HIS C    C N N 149 
HIS O    O N N 150 
HIS CB   C N N 151 
HIS CG   C Y N 152 
HIS ND1  N Y N 153 
HIS CD2  C Y N 154 
HIS CE1  C Y N 155 
HIS NE2  N Y N 156 
HIS OXT  O N N 157 
HIS H    H N N 158 
HIS H2   H N N 159 
HIS HA   H N N 160 
HIS HB2  H N N 161 
HIS HB3  H N N 162 
HIS HD1  H N N 163 
HIS HD2  H N N 164 
HIS HE1  H N N 165 
HIS HE2  H N N 166 
HIS HXT  H N N 167 
HOH O    O N N 168 
HOH H1   H N N 169 
HOH H2   H N N 170 
ILE N    N N N 171 
ILE CA   C N S 172 
ILE C    C N N 173 
ILE O    O N N 174 
ILE CB   C N S 175 
ILE CG1  C N N 176 
ILE CG2  C N N 177 
ILE CD1  C N N 178 
ILE OXT  O N N 179 
ILE H    H N N 180 
ILE H2   H N N 181 
ILE HA   H N N 182 
ILE HB   H N N 183 
ILE HG12 H N N 184 
ILE HG13 H N N 185 
ILE HG21 H N N 186 
ILE HG22 H N N 187 
ILE HG23 H N N 188 
ILE HD11 H N N 189 
ILE HD12 H N N 190 
ILE HD13 H N N 191 
ILE HXT  H N N 192 
LEU N    N N N 193 
LEU CA   C N S 194 
LEU C    C N N 195 
LEU O    O N N 196 
LEU CB   C N N 197 
LEU CG   C N N 198 
LEU CD1  C N N 199 
LEU CD2  C N N 200 
LEU OXT  O N N 201 
LEU H    H N N 202 
LEU H2   H N N 203 
LEU HA   H N N 204 
LEU HB2  H N N 205 
LEU HB3  H N N 206 
LEU HG   H N N 207 
LEU HD11 H N N 208 
LEU HD12 H N N 209 
LEU HD13 H N N 210 
LEU HD21 H N N 211 
LEU HD22 H N N 212 
LEU HD23 H N N 213 
LEU HXT  H N N 214 
LYS N    N N N 215 
LYS CA   C N S 216 
LYS C    C N N 217 
LYS O    O N N 218 
LYS CB   C N N 219 
LYS CG   C N N 220 
LYS CD   C N N 221 
LYS CE   C N N 222 
LYS NZ   N N N 223 
LYS OXT  O N N 224 
LYS H    H N N 225 
LYS H2   H N N 226 
LYS HA   H N N 227 
LYS HB2  H N N 228 
LYS HB3  H N N 229 
LYS HG2  H N N 230 
LYS HG3  H N N 231 
LYS HD2  H N N 232 
LYS HD3  H N N 233 
LYS HE2  H N N 234 
LYS HE3  H N N 235 
LYS HZ1  H N N 236 
LYS HZ2  H N N 237 
LYS HZ3  H N N 238 
LYS HXT  H N N 239 
MET N    N N N 240 
MET CA   C N S 241 
MET C    C N N 242 
MET O    O N N 243 
MET CB   C N N 244 
MET CG   C N N 245 
MET SD   S N N 246 
MET CE   C N N 247 
MET OXT  O N N 248 
MET H    H N N 249 
MET H2   H N N 250 
MET HA   H N N 251 
MET HB2  H N N 252 
MET HB3  H N N 253 
MET HG2  H N N 254 
MET HG3  H N N 255 
MET HE1  H N N 256 
MET HE2  H N N 257 
MET HE3  H N N 258 
MET HXT  H N N 259 
PHE N    N N N 260 
PHE CA   C N S 261 
PHE C    C N N 262 
PHE O    O N N 263 
PHE CB   C N N 264 
PHE CG   C Y N 265 
PHE CD1  C Y N 266 
PHE CD2  C Y N 267 
PHE CE1  C Y N 268 
PHE CE2  C Y N 269 
PHE CZ   C Y N 270 
PHE OXT  O N N 271 
PHE H    H N N 272 
PHE H2   H N N 273 
PHE HA   H N N 274 
PHE HB2  H N N 275 
PHE HB3  H N N 276 
PHE HD1  H N N 277 
PHE HD2  H N N 278 
PHE HE1  H N N 279 
PHE HE2  H N N 280 
PHE HZ   H N N 281 
PHE HXT  H N N 282 
PRO N    N N N 283 
PRO CA   C N S 284 
PRO C    C N N 285 
PRO O    O N N 286 
PRO CB   C N N 287 
PRO CG   C N N 288 
PRO CD   C N N 289 
PRO OXT  O N N 290 
PRO H    H N N 291 
PRO HA   H N N 292 
PRO HB2  H N N 293 
PRO HB3  H N N 294 
PRO HG2  H N N 295 
PRO HG3  H N N 296 
PRO HD2  H N N 297 
PRO HD3  H N N 298 
PRO HXT  H N N 299 
SER N    N N N 300 
SER CA   C N S 301 
SER C    C N N 302 
SER O    O N N 303 
SER CB   C N N 304 
SER OG   O N N 305 
SER OXT  O N N 306 
SER H    H N N 307 
SER H2   H N N 308 
SER HA   H N N 309 
SER HB2  H N N 310 
SER HB3  H N N 311 
SER HG   H N N 312 
SER HXT  H N N 313 
SO4 S    S N N 314 
SO4 O1   O N N 315 
SO4 O2   O N N 316 
SO4 O3   O N N 317 
SO4 O4   O N N 318 
THR N    N N N 319 
THR CA   C N S 320 
THR C    C N N 321 
THR O    O N N 322 
THR CB   C N R 323 
THR OG1  O N N 324 
THR CG2  C N N 325 
THR OXT  O N N 326 
THR H    H N N 327 
THR H2   H N N 328 
THR HA   H N N 329 
THR HB   H N N 330 
THR HG1  H N N 331 
THR HG21 H N N 332 
THR HG22 H N N 333 
THR HG23 H N N 334 
THR HXT  H N N 335 
TRP N    N N N 336 
TRP CA   C N S 337 
TRP C    C N N 338 
TRP O    O N N 339 
TRP CB   C N N 340 
TRP CG   C Y N 341 
TRP CD1  C Y N 342 
TRP CD2  C Y N 343 
TRP NE1  N Y N 344 
TRP CE2  C Y N 345 
TRP CE3  C Y N 346 
TRP CZ2  C Y N 347 
TRP CZ3  C Y N 348 
TRP CH2  C Y N 349 
TRP OXT  O N N 350 
TRP H    H N N 351 
TRP H2   H N N 352 
TRP HA   H N N 353 
TRP HB2  H N N 354 
TRP HB3  H N N 355 
TRP HD1  H N N 356 
TRP HE1  H N N 357 
TRP HE3  H N N 358 
TRP HZ2  H N N 359 
TRP HZ3  H N N 360 
TRP HH2  H N N 361 
TRP HXT  H N N 362 
TYR N    N N N 363 
TYR CA   C N S 364 
TYR C    C N N 365 
TYR O    O N N 366 
TYR CB   C N N 367 
TYR CG   C Y N 368 
TYR CD1  C Y N 369 
TYR CD2  C Y N 370 
TYR CE1  C Y N 371 
TYR CE2  C Y N 372 
TYR CZ   C Y N 373 
TYR OH   O N N 374 
TYR OXT  O N N 375 
TYR H    H N N 376 
TYR H2   H N N 377 
TYR HA   H N N 378 
TYR HB2  H N N 379 
TYR HB3  H N N 380 
TYR HD1  H N N 381 
TYR HD2  H N N 382 
TYR HE1  H N N 383 
TYR HE2  H N N 384 
TYR HH   H N N 385 
TYR HXT  H N N 386 
VAL N    N N N 387 
VAL CA   C N S 388 
VAL C    C N N 389 
VAL O    O N N 390 
VAL CB   C N N 391 
VAL CG1  C N N 392 
VAL CG2  C N N 393 
VAL OXT  O N N 394 
VAL H    H N N 395 
VAL H2   H N N 396 
VAL HA   H N N 397 
VAL HB   H N N 398 
VAL HG11 H N N 399 
VAL HG12 H N N 400 
VAL HG13 H N N 401 
VAL HG21 H N N 402 
VAL HG22 H N N 403 
VAL HG23 H N N 404 
VAL HXT  H N N 405 
WJA N1   N Y N 406 
WJA C4   C Y N 407 
WJA C5   C N N 408 
WJA N    N N N 409 
WJA C    C N N 410 
WJA O    O N N 411 
WJA C1   C N N 412 
WJA C2   C Y N 413 
WJA C3   C Y N 414 
WJA O1   O N N 415 
WJA O2   O Y N 416 
WJA S    S N N 417 
WJA H7   H N N 418 
WJA H9   H N N 419 
WJA H8   H N N 420 
WJA H3   H N N 421 
WJA H    H N N 422 
WJA H2   H N N 423 
WJA H1   H N N 424 
WJA H4   H N N 425 
WJA H5   H N N 426 
WJA H6   H N N 427 
# 
loop_
_chem_comp_bond.comp_id 
_chem_comp_bond.atom_id_1 
_chem_comp_bond.atom_id_2 
_chem_comp_bond.value_order 
_chem_comp_bond.pdbx_aromatic_flag 
_chem_comp_bond.pdbx_stereo_config 
_chem_comp_bond.pdbx_ordinal 
ALA N   CA   sing N N 1   
ALA N   H    sing N N 2   
ALA N   H2   sing N N 3   
ALA CA  C    sing N N 4   
ALA CA  CB   sing N N 5   
ALA CA  HA   sing N N 6   
ALA C   O    doub N N 7   
ALA C   OXT  sing N N 8   
ALA CB  HB1  sing N N 9   
ALA CB  HB2  sing N N 10  
ALA CB  HB3  sing N N 11  
ALA OXT HXT  sing N N 12  
ARG N   CA   sing N N 13  
ARG N   H    sing N N 14  
ARG N   H2   sing N N 15  
ARG CA  C    sing N N 16  
ARG CA  CB   sing N N 17  
ARG CA  HA   sing N N 18  
ARG C   O    doub N N 19  
ARG C   OXT  sing N N 20  
ARG CB  CG   sing N N 21  
ARG CB  HB2  sing N N 22  
ARG CB  HB3  sing N N 23  
ARG CG  CD   sing N N 24  
ARG CG  HG2  sing N N 25  
ARG CG  HG3  sing N N 26  
ARG CD  NE   sing N N 27  
ARG CD  HD2  sing N N 28  
ARG CD  HD3  sing N N 29  
ARG NE  CZ   sing N N 30  
ARG NE  HE   sing N N 31  
ARG CZ  NH1  sing N N 32  
ARG CZ  NH2  doub N N 33  
ARG NH1 HH11 sing N N 34  
ARG NH1 HH12 sing N N 35  
ARG NH2 HH21 sing N N 36  
ARG NH2 HH22 sing N N 37  
ARG OXT HXT  sing N N 38  
ASN N   CA   sing N N 39  
ASN N   H    sing N N 40  
ASN N   H2   sing N N 41  
ASN CA  C    sing N N 42  
ASN CA  CB   sing N N 43  
ASN CA  HA   sing N N 44  
ASN C   O    doub N N 45  
ASN C   OXT  sing N N 46  
ASN CB  CG   sing N N 47  
ASN CB  HB2  sing N N 48  
ASN CB  HB3  sing N N 49  
ASN CG  OD1  doub N N 50  
ASN CG  ND2  sing N N 51  
ASN ND2 HD21 sing N N 52  
ASN ND2 HD22 sing N N 53  
ASN OXT HXT  sing N N 54  
ASP N   CA   sing N N 55  
ASP N   H    sing N N 56  
ASP N   H2   sing N N 57  
ASP CA  C    sing N N 58  
ASP CA  CB   sing N N 59  
ASP CA  HA   sing N N 60  
ASP C   O    doub N N 61  
ASP C   OXT  sing N N 62  
ASP CB  CG   sing N N 63  
ASP CB  HB2  sing N N 64  
ASP CB  HB3  sing N N 65  
ASP CG  OD1  doub N N 66  
ASP CG  OD2  sing N N 67  
ASP OD2 HD2  sing N N 68  
ASP OXT HXT  sing N N 69  
CYS N   CA   sing N N 70  
CYS N   H    sing N N 71  
CYS N   H2   sing N N 72  
CYS CA  C    sing N N 73  
CYS CA  CB   sing N N 74  
CYS CA  HA   sing N N 75  
CYS C   O    doub N N 76  
CYS C   OXT  sing N N 77  
CYS CB  SG   sing N N 78  
CYS CB  HB2  sing N N 79  
CYS CB  HB3  sing N N 80  
CYS SG  HG   sing N N 81  
CYS OXT HXT  sing N N 82  
EDO C1  O1   sing N N 83  
EDO C1  C2   sing N N 84  
EDO C1  H11  sing N N 85  
EDO C1  H12  sing N N 86  
EDO O1  HO1  sing N N 87  
EDO C2  O2   sing N N 88  
EDO C2  H21  sing N N 89  
EDO C2  H22  sing N N 90  
EDO O2  HO2  sing N N 91  
GLN N   CA   sing N N 92  
GLN N   H    sing N N 93  
GLN N   H2   sing N N 94  
GLN CA  C    sing N N 95  
GLN CA  CB   sing N N 96  
GLN CA  HA   sing N N 97  
GLN C   O    doub N N 98  
GLN C   OXT  sing N N 99  
GLN CB  CG   sing N N 100 
GLN CB  HB2  sing N N 101 
GLN CB  HB3  sing N N 102 
GLN CG  CD   sing N N 103 
GLN CG  HG2  sing N N 104 
GLN CG  HG3  sing N N 105 
GLN CD  OE1  doub N N 106 
GLN CD  NE2  sing N N 107 
GLN NE2 HE21 sing N N 108 
GLN NE2 HE22 sing N N 109 
GLN OXT HXT  sing N N 110 
GLU N   CA   sing N N 111 
GLU N   H    sing N N 112 
GLU N   H2   sing N N 113 
GLU CA  C    sing N N 114 
GLU CA  CB   sing N N 115 
GLU CA  HA   sing N N 116 
GLU C   O    doub N N 117 
GLU C   OXT  sing N N 118 
GLU CB  CG   sing N N 119 
GLU CB  HB2  sing N N 120 
GLU CB  HB3  sing N N 121 
GLU CG  CD   sing N N 122 
GLU CG  HG2  sing N N 123 
GLU CG  HG3  sing N N 124 
GLU CD  OE1  doub N N 125 
GLU CD  OE2  sing N N 126 
GLU OE2 HE2  sing N N 127 
GLU OXT HXT  sing N N 128 
GLY N   CA   sing N N 129 
GLY N   H    sing N N 130 
GLY N   H2   sing N N 131 
GLY CA  C    sing N N 132 
GLY CA  HA2  sing N N 133 
GLY CA  HA3  sing N N 134 
GLY C   O    doub N N 135 
GLY C   OXT  sing N N 136 
GLY OXT HXT  sing N N 137 
HIS N   CA   sing N N 138 
HIS N   H    sing N N 139 
HIS N   H2   sing N N 140 
HIS CA  C    sing N N 141 
HIS CA  CB   sing N N 142 
HIS CA  HA   sing N N 143 
HIS C   O    doub N N 144 
HIS C   OXT  sing N N 145 
HIS CB  CG   sing N N 146 
HIS CB  HB2  sing N N 147 
HIS CB  HB3  sing N N 148 
HIS CG  ND1  sing Y N 149 
HIS CG  CD2  doub Y N 150 
HIS ND1 CE1  doub Y N 151 
HIS ND1 HD1  sing N N 152 
HIS CD2 NE2  sing Y N 153 
HIS CD2 HD2  sing N N 154 
HIS CE1 NE2  sing Y N 155 
HIS CE1 HE1  sing N N 156 
HIS NE2 HE2  sing N N 157 
HIS OXT HXT  sing N N 158 
HOH O   H1   sing N N 159 
HOH O   H2   sing N N 160 
ILE N   CA   sing N N 161 
ILE N   H    sing N N 162 
ILE N   H2   sing N N 163 
ILE CA  C    sing N N 164 
ILE CA  CB   sing N N 165 
ILE CA  HA   sing N N 166 
ILE C   O    doub N N 167 
ILE C   OXT  sing N N 168 
ILE CB  CG1  sing N N 169 
ILE CB  CG2  sing N N 170 
ILE CB  HB   sing N N 171 
ILE CG1 CD1  sing N N 172 
ILE CG1 HG12 sing N N 173 
ILE CG1 HG13 sing N N 174 
ILE CG2 HG21 sing N N 175 
ILE CG2 HG22 sing N N 176 
ILE CG2 HG23 sing N N 177 
ILE CD1 HD11 sing N N 178 
ILE CD1 HD12 sing N N 179 
ILE CD1 HD13 sing N N 180 
ILE OXT HXT  sing N N 181 
LEU N   CA   sing N N 182 
LEU N   H    sing N N 183 
LEU N   H2   sing N N 184 
LEU CA  C    sing N N 185 
LEU CA  CB   sing N N 186 
LEU CA  HA   sing N N 187 
LEU C   O    doub N N 188 
LEU C   OXT  sing N N 189 
LEU CB  CG   sing N N 190 
LEU CB  HB2  sing N N 191 
LEU CB  HB3  sing N N 192 
LEU CG  CD1  sing N N 193 
LEU CG  CD2  sing N N 194 
LEU CG  HG   sing N N 195 
LEU CD1 HD11 sing N N 196 
LEU CD1 HD12 sing N N 197 
LEU CD1 HD13 sing N N 198 
LEU CD2 HD21 sing N N 199 
LEU CD2 HD22 sing N N 200 
LEU CD2 HD23 sing N N 201 
LEU OXT HXT  sing N N 202 
LYS N   CA   sing N N 203 
LYS N   H    sing N N 204 
LYS N   H2   sing N N 205 
LYS CA  C    sing N N 206 
LYS CA  CB   sing N N 207 
LYS CA  HA   sing N N 208 
LYS C   O    doub N N 209 
LYS C   OXT  sing N N 210 
LYS CB  CG   sing N N 211 
LYS CB  HB2  sing N N 212 
LYS CB  HB3  sing N N 213 
LYS CG  CD   sing N N 214 
LYS CG  HG2  sing N N 215 
LYS CG  HG3  sing N N 216 
LYS CD  CE   sing N N 217 
LYS CD  HD2  sing N N 218 
LYS CD  HD3  sing N N 219 
LYS CE  NZ   sing N N 220 
LYS CE  HE2  sing N N 221 
LYS CE  HE3  sing N N 222 
LYS NZ  HZ1  sing N N 223 
LYS NZ  HZ2  sing N N 224 
LYS NZ  HZ3  sing N N 225 
LYS OXT HXT  sing N N 226 
MET N   CA   sing N N 227 
MET N   H    sing N N 228 
MET N   H2   sing N N 229 
MET CA  C    sing N N 230 
MET CA  CB   sing N N 231 
MET CA  HA   sing N N 232 
MET C   O    doub N N 233 
MET C   OXT  sing N N 234 
MET CB  CG   sing N N 235 
MET CB  HB2  sing N N 236 
MET CB  HB3  sing N N 237 
MET CG  SD   sing N N 238 
MET CG  HG2  sing N N 239 
MET CG  HG3  sing N N 240 
MET SD  CE   sing N N 241 
MET CE  HE1  sing N N 242 
MET CE  HE2  sing N N 243 
MET CE  HE3  sing N N 244 
MET OXT HXT  sing N N 245 
PHE N   CA   sing N N 246 
PHE N   H    sing N N 247 
PHE N   H2   sing N N 248 
PHE CA  C    sing N N 249 
PHE CA  CB   sing N N 250 
PHE CA  HA   sing N N 251 
PHE C   O    doub N N 252 
PHE C   OXT  sing N N 253 
PHE CB  CG   sing N N 254 
PHE CB  HB2  sing N N 255 
PHE CB  HB3  sing N N 256 
PHE CG  CD1  doub Y N 257 
PHE CG  CD2  sing Y N 258 
PHE CD1 CE1  sing Y N 259 
PHE CD1 HD1  sing N N 260 
PHE CD2 CE2  doub Y N 261 
PHE CD2 HD2  sing N N 262 
PHE CE1 CZ   doub Y N 263 
PHE CE1 HE1  sing N N 264 
PHE CE2 CZ   sing Y N 265 
PHE CE2 HE2  sing N N 266 
PHE CZ  HZ   sing N N 267 
PHE OXT HXT  sing N N 268 
PRO N   CA   sing N N 269 
PRO N   CD   sing N N 270 
PRO N   H    sing N N 271 
PRO CA  C    sing N N 272 
PRO CA  CB   sing N N 273 
PRO CA  HA   sing N N 274 
PRO C   O    doub N N 275 
PRO C   OXT  sing N N 276 
PRO CB  CG   sing N N 277 
PRO CB  HB2  sing N N 278 
PRO CB  HB3  sing N N 279 
PRO CG  CD   sing N N 280 
PRO CG  HG2  sing N N 281 
PRO CG  HG3  sing N N 282 
PRO CD  HD2  sing N N 283 
PRO CD  HD3  sing N N 284 
PRO OXT HXT  sing N N 285 
SER N   CA   sing N N 286 
SER N   H    sing N N 287 
SER N   H2   sing N N 288 
SER CA  C    sing N N 289 
SER CA  CB   sing N N 290 
SER CA  HA   sing N N 291 
SER C   O    doub N N 292 
SER C   OXT  sing N N 293 
SER CB  OG   sing N N 294 
SER CB  HB2  sing N N 295 
SER CB  HB3  sing N N 296 
SER OG  HG   sing N N 297 
SER OXT HXT  sing N N 298 
SO4 S   O1   doub N N 299 
SO4 S   O2   doub N N 300 
SO4 S   O3   sing N N 301 
SO4 S   O4   sing N N 302 
THR N   CA   sing N N 303 
THR N   H    sing N N 304 
THR N   H2   sing N N 305 
THR CA  C    sing N N 306 
THR CA  CB   sing N N 307 
THR CA  HA   sing N N 308 
THR C   O    doub N N 309 
THR C   OXT  sing N N 310 
THR CB  OG1  sing N N 311 
THR CB  CG2  sing N N 312 
THR CB  HB   sing N N 313 
THR OG1 HG1  sing N N 314 
THR CG2 HG21 sing N N 315 
THR CG2 HG22 sing N N 316 
THR CG2 HG23 sing N N 317 
THR OXT HXT  sing N N 318 
TRP N   CA   sing N N 319 
TRP N   H    sing N N 320 
TRP N   H2   sing N N 321 
TRP CA  C    sing N N 322 
TRP CA  CB   sing N N 323 
TRP CA  HA   sing N N 324 
TRP C   O    doub N N 325 
TRP C   OXT  sing N N 326 
TRP CB  CG   sing N N 327 
TRP CB  HB2  sing N N 328 
TRP CB  HB3  sing N N 329 
TRP CG  CD1  doub Y N 330 
TRP CG  CD2  sing Y N 331 
TRP CD1 NE1  sing Y N 332 
TRP CD1 HD1  sing N N 333 
TRP CD2 CE2  doub Y N 334 
TRP CD2 CE3  sing Y N 335 
TRP NE1 CE2  sing Y N 336 
TRP NE1 HE1  sing N N 337 
TRP CE2 CZ2  sing Y N 338 
TRP CE3 CZ3  doub Y N 339 
TRP CE3 HE3  sing N N 340 
TRP CZ2 CH2  doub Y N 341 
TRP CZ2 HZ2  sing N N 342 
TRP CZ3 CH2  sing Y N 343 
TRP CZ3 HZ3  sing N N 344 
TRP CH2 HH2  sing N N 345 
TRP OXT HXT  sing N N 346 
TYR N   CA   sing N N 347 
TYR N   H    sing N N 348 
TYR N   H2   sing N N 349 
TYR CA  C    sing N N 350 
TYR CA  CB   sing N N 351 
TYR CA  HA   sing N N 352 
TYR C   O    doub N N 353 
TYR C   OXT  sing N N 354 
TYR CB  CG   sing N N 355 
TYR CB  HB2  sing N N 356 
TYR CB  HB3  sing N N 357 
TYR CG  CD1  doub Y N 358 
TYR CG  CD2  sing Y N 359 
TYR CD1 CE1  sing Y N 360 
TYR CD1 HD1  sing N N 361 
TYR CD2 CE2  doub Y N 362 
TYR CD2 HD2  sing N N 363 
TYR CE1 CZ   doub Y N 364 
TYR CE1 HE1  sing N N 365 
TYR CE2 CZ   sing Y N 366 
TYR CE2 HE2  sing N N 367 
TYR CZ  OH   sing N N 368 
TYR OH  HH   sing N N 369 
TYR OXT HXT  sing N N 370 
VAL N   CA   sing N N 371 
VAL N   H    sing N N 372 
VAL N   H2   sing N N 373 
VAL CA  C    sing N N 374 
VAL CA  CB   sing N N 375 
VAL CA  HA   sing N N 376 
VAL C   O    doub N N 377 
VAL C   OXT  sing N N 378 
VAL CB  CG1  sing N N 379 
VAL CB  CG2  sing N N 380 
VAL CB  HB   sing N N 381 
VAL CG1 HG11 sing N N 382 
VAL CG1 HG12 sing N N 383 
VAL CG1 HG13 sing N N 384 
VAL CG2 HG21 sing N N 385 
VAL CG2 HG22 sing N N 386 
VAL CG2 HG23 sing N N 387 
VAL OXT HXT  sing N N 388 
WJA C   N    sing N N 389 
WJA N   S    sing N N 390 
WJA O   S    doub N N 391 
WJA S   O1   doub N N 392 
WJA C1  S    sing N N 393 
WJA C2  C1   sing N N 394 
WJA C2  C3   sing Y N 395 
WJA C3  C4   doub Y N 396 
WJA C5  C4   sing N N 397 
WJA C4  O2   sing Y N 398 
WJA O2  N1   sing Y N 399 
WJA N1  C2   doub Y N 400 
WJA C5  H7   sing N N 401 
WJA C5  H9   sing N N 402 
WJA C5  H8   sing N N 403 
WJA N   H3   sing N N 404 
WJA C   H    sing N N 405 
WJA C   H2   sing N N 406 
WJA C   H1   sing N N 407 
WJA C1  H4   sing N N 408 
WJA C1  H5   sing N N 409 
WJA C3  H6   sing N N 410 
# 
_pdbx_audit_support.ordinal                1 
_pdbx_audit_support.funding_organization   'European Union (EU)' 
_pdbx_audit_support.grant_number           875510 
_pdbx_audit_support.country                'European Union' 
# 
_pdbx_deposit_group.group_id            G_1002320 
_pdbx_deposit_group.group_description   
;PRYSPRY domain of murine TRIM21 screened against the DSI-poised Fragment Library by X-ray Crystallography at the XChem facility of Diamon Light Source
;
_pdbx_deposit_group.group_title         'PanDDA analysis group deposition' 
_pdbx_deposit_group.group_type          'changed state' 
# 
_pdbx_initial_refinement_model.id               1 
_pdbx_initial_refinement_model.entity_id_list   ? 
_pdbx_initial_refinement_model.type             'experimental model' 
_pdbx_initial_refinement_model.source_name      PDB 
_pdbx_initial_refinement_model.accession_code   2VOK 
_pdbx_initial_refinement_model.details          ? 
# 
_atom_sites.entry_id                    7HMX 
_atom_sites.fract_transf_matrix[1][1]   0.00846051 
_atom_sites.fract_transf_matrix[1][2]   -0.00582304 
_atom_sites.fract_transf_matrix[1][3]   -0.00199135 
_atom_sites.fract_transf_matrix[2][1]   -0.00491155 
_atom_sites.fract_transf_matrix[2][2]   -0.00842875 
_atom_sites.fract_transf_matrix[2][3]   0.00377971 
_atom_sites.fract_transf_matrix[3][1]   -0.00771566 
_atom_sites.fract_transf_matrix[3][2]   -0.00441485 
_atom_sites.fract_transf_matrix[3][3]   -0.01987126 
_atom_sites.fract_transf_vector[1]      -0.299214 
_atom_sites.fract_transf_vector[2]      -0.117548 
_atom_sites.fract_transf_vector[3]      -0.503683 
# 
loop_
_atom_type.symbol 
C 
N 
O 
S 
# 
loop_
_atom_site.group_PDB 
_atom_site.id 
_atom_site.type_symbol 
_atom_site.label_atom_id 
_atom_site.label_alt_id 
_atom_site.label_comp_id 
_atom_site.label_asym_id 
_atom_site.label_entity_id 
_atom_site.label_seq_id 
_atom_site.pdbx_PDB_ins_code 
_atom_site.Cartn_x 
_atom_site.Cartn_y 
_atom_site.Cartn_z 
_atom_site.occupancy 
_atom_site.B_iso_or_equiv 
_atom_site.pdbx_formal_charge 
_atom_site.auth_seq_id 
_atom_site.auth_comp_id 
_atom_site.auth_asym_id 
_atom_site.auth_atom_id 
_atom_site.pdbx_PDB_model_num 
ATOM   1    N N   . HIS A 1 2   ? 8.456   -9.782  -15.583 1.00 75.60 ? 8   HIS B N   1 
ATOM   2    C CA  . HIS A 1 2   ? 9.535   -9.262  -14.681 1.00 71.42 ? 8   HIS B CA  1 
ATOM   3    C C   . HIS A 1 2   ? 10.228  -10.433 -13.971 1.00 70.49 ? 8   HIS B C   1 
ATOM   4    O O   . HIS A 1 2   ? 9.599   -11.506 -13.825 1.00 71.78 ? 8   HIS B O   1 
ATOM   5    C CB  . HIS A 1 2   ? 8.969   -8.231  -13.685 1.00 65.49 ? 8   HIS B CB  1 
ATOM   6    C CG  . HIS A 1 2   ? 8.168   -8.818  -12.569 1.00 59.81 ? 8   HIS B CG  1 
ATOM   7    N ND1 . HIS A 1 2   ? 8.757   -9.333  -11.429 1.00 57.62 ? 8   HIS B ND1 1 
ATOM   8    C CD2 . HIS A 1 2   ? 6.834   -8.959  -12.401 1.00 59.79 ? 8   HIS B CD2 1 
ATOM   9    C CE1 . HIS A 1 2   ? 7.819   -9.779  -10.615 1.00 57.79 ? 8   HIS B CE1 1 
ATOM   10   N NE2 . HIS A 1 2   ? 6.629   -9.564  -11.187 1.00 54.75 ? 8   HIS B NE2 1 
ATOM   11   N N   . HIS A 1 3   ? 11.463  -10.212 -13.516 1.00 67.83 ? 9   HIS B N   1 
ATOM   12   C CA  . HIS A 1 3   ? 12.318  -11.217 -12.830 1.00 65.15 ? 9   HIS B CA  1 
ATOM   13   C C   . HIS A 1 3   ? 12.724  -10.696 -11.438 1.00 57.16 ? 9   HIS B C   1 
ATOM   14   O O   . HIS A 1 3   ? 13.907  -10.875 -11.083 1.00 53.78 ? 9   HIS B O   1 
ATOM   15   C CB  . HIS A 1 3   ? 13.509  -11.564 -13.749 1.00 70.98 ? 9   HIS B CB  1 
ATOM   16   C CG  . HIS A 1 3   ? 13.092  -11.961 -15.132 1.00 79.10 ? 9   HIS B CG  1 
ATOM   17   N ND1 . HIS A 1 3   ? 12.787  -13.272 -15.474 1.00 77.96 ? 9   HIS B ND1 1 
ATOM   18   C CD2 . HIS A 1 3   ? 12.892  -11.226 -16.252 1.00 81.55 ? 9   HIS B CD2 1 
ATOM   19   C CE1 . HIS A 1 3   ? 12.434  -13.327 -16.743 1.00 79.93 ? 9   HIS B CE1 1 
ATOM   20   N NE2 . HIS A 1 3   ? 12.491  -12.085 -17.243 1.00 83.93 ? 9   HIS B NE2 1 
ATOM   21   N N   . HIS A 1 4   ? 11.776  -10.106 -10.680 1.00 44.99 ? 10  HIS B N   1 
ATOM   22   C CA  . HIS A 1 4   ? 12.000  -9.424  -9.369  1.00 40.15 ? 10  HIS B CA  1 
ATOM   23   C C   . HIS A 1 4   ? 11.680  -10.357 -8.196  1.00 39.78 ? 10  HIS B C   1 
ATOM   24   O O   . HIS A 1 4   ? 12.056  -10.017 -7.060  1.00 36.76 ? 10  HIS B O   1 
ATOM   25   C CB  . HIS A 1 4   ? 11.169  -8.129  -9.266  1.00 39.66 ? 10  HIS B CB  1 
ATOM   26   C CG  . HIS A 1 4   ? 11.517  -7.085  -10.280 1.00 39.66 ? 10  HIS B CG  1 
ATOM   27   N ND1 . HIS A 1 4   ? 12.833  -6.718  -10.563 1.00 39.50 ? 10  HIS B ND1 1 
ATOM   28   C CD2 . HIS A 1 4   ? 10.736  -6.310  -11.064 1.00 39.88 ? 10  HIS B CD2 1 
ATOM   29   C CE1 . HIS A 1 4   ? 12.840  -5.768  -11.479 1.00 41.17 ? 10  HIS B CE1 1 
ATOM   30   N NE2 . HIS A 1 4   ? 11.563  -5.497  -11.802 1.00 41.14 ? 10  HIS B NE2 1 
ATOM   31   N N   . HIS A 1 5   ? 11.018  -11.488 -8.464  1.00 41.05 ? 11  HIS B N   1 
ATOM   32   C CA  . HIS A 1 5   ? 10.482  -12.450 -7.456  1.00 44.54 ? 11  HIS B CA  1 
ATOM   33   C C   . HIS A 1 5   ? 11.557  -12.848 -6.425  1.00 44.37 ? 11  HIS B C   1 
ATOM   34   O O   . HIS A 1 5   ? 11.207  -12.989 -5.230  1.00 43.02 ? 11  HIS B O   1 
ATOM   35   C CB  . HIS A 1 5   ? 9.877   -13.680 -8.157  1.00 48.95 ? 11  HIS B CB  1 
ATOM   36   C CG  . HIS A 1 5   ? 8.875   -13.353 -9.217  1.00 59.58 ? 11  HIS B CG  1 
ATOM   37   N ND1 . HIS A 1 5   ? 9.220   -13.240 -10.565 1.00 67.86 ? 11  HIS B ND1 1 
ATOM   38   C CD2 . HIS A 1 5   ? 7.546   -13.109 -9.146  1.00 63.59 ? 11  HIS B CD2 1 
ATOM   39   C CE1 . HIS A 1 5   ? 8.145   -12.941 -11.272 1.00 66.41 ? 11  HIS B CE1 1 
ATOM   40   N NE2 . HIS A 1 5   ? 7.102   -12.854 -10.424 1.00 67.78 ? 11  HIS B NE2 1 
ATOM   41   N N   . HIS A 1 6   ? 12.816  -13.023 -6.850  1.00 40.30 ? 12  HIS B N   1 
ATOM   42   C CA  . HIS A 1 6   ? 13.957  -13.454 -5.990  1.00 38.12 ? 12  HIS B CA  1 
ATOM   43   C C   . HIS A 1 6   ? 14.395  -12.359 -5.000  1.00 34.89 ? 12  HIS B C   1 
ATOM   44   O O   . HIS A 1 6   ? 15.239  -12.677 -4.158  1.00 33.58 ? 12  HIS B O   1 
ATOM   45   C CB  . HIS A 1 6   ? 15.139  -13.926 -6.849  1.00 41.78 ? 12  HIS B CB  1 
ATOM   46   C CG  . HIS A 1 6   ? 15.830  -12.854 -7.627  1.00 46.40 ? 12  HIS B CG  1 
ATOM   47   N ND1 . HIS A 1 6   ? 17.109  -12.420 -7.316  1.00 50.96 ? 12  HIS B ND1 1 
ATOM   48   C CD2 . HIS A 1 6   ? 15.461  -12.163 -8.730  1.00 51.21 ? 12  HIS B CD2 1 
ATOM   49   C CE1 . HIS A 1 6   ? 17.486  -11.493 -8.176  1.00 48.46 ? 12  HIS B CE1 1 
ATOM   50   N NE2 . HIS A 1 6   ? 16.495  -11.317 -9.057  1.00 52.59 ? 12  HIS B NE2 1 
ATOM   51   N N   . HIS A 1 7   ? 13.863  -11.128 -5.080  1.00 32.07 ? 13  HIS B N   1 
ATOM   52   C CA  . HIS A 1 7   ? 14.023  -10.075 -4.034  1.00 27.61 ? 13  HIS B CA  1 
ATOM   53   C C   . HIS A 1 7   ? 12.862  -10.110 -3.035  1.00 25.67 ? 13  HIS B C   1 
ATOM   54   O O   . HIS A 1 7   ? 12.681  -9.116  -2.312  1.00 21.69 ? 13  HIS B O   1 
ATOM   55   C CB  . HIS A 1 7   ? 14.142  -8.688  -4.674  1.00 27.04 ? 13  HIS B CB  1 
ATOM   56   C CG  . HIS A 1 7   ? 15.328  -8.581  -5.565  1.00 28.59 ? 13  HIS B CG  1 
ATOM   57   N ND1 . HIS A 1 7   ? 16.614  -8.730  -5.084  1.00 25.86 ? 13  HIS B ND1 1 
ATOM   58   C CD2 . HIS A 1 7   ? 15.425  -8.387  -6.897  1.00 28.63 ? 13  HIS B CD2 1 
ATOM   59   C CE1 . HIS A 1 7   ? 17.464  -8.633  -6.088  1.00 27.96 ? 13  HIS B CE1 1 
ATOM   60   N NE2 . HIS A 1 7   ? 16.758  -8.412  -7.216  1.00 30.10 ? 13  HIS B NE2 1 
ATOM   61   N N   . MET A 1 8   ? 12.107  -11.209 -2.997  1.00 28.34 ? 14  MET B N   1 
ATOM   62   C CA  . MET A 1 8   ? 10.890  -11.364 -2.149  1.00 30.56 ? 14  MET B CA  1 
ATOM   63   C C   . MET A 1 8   ? 11.272  -11.101 -0.681  1.00 29.12 ? 14  MET B C   1 
ATOM   64   O O   . MET A 1 8   ? 12.276  -11.626 -0.227  1.00 28.94 ? 14  MET B O   1 
ATOM   65   C CB  . MET A 1 8   ? 10.299  -12.773 -2.324  1.00 37.00 ? 14  MET B CB  1 
ATOM   66   C CG  . MET A 1 8   ? 9.012   -13.058 -1.532  1.00 42.56 ? 14  MET B CG  1 
ATOM   67   S SD  . MET A 1 8   ? 7.501   -12.142 -2.045  1.00 52.38 ? 14  MET B SD  1 
ATOM   68   C CE  . MET A 1 8   ? 6.794   -13.232 -3.279  1.00 47.06 ? 14  MET B CE  1 
ATOM   69   N N   . VAL A 1 9   ? 10.528  -10.255 0.026   1.00 25.38 ? 15  VAL B N   1 
ATOM   70   C CA  . VAL A 1 9   ? 10.706  -10.012 1.485   1.00 26.10 ? 15  VAL B CA  1 
ATOM   71   C C   . VAL A 1 9   ? 9.384   -10.379 2.173   1.00 27.82 ? 15  VAL B C   1 
ATOM   72   O O   . VAL A 1 9   ? 8.306   -10.245 1.544   1.00 28.29 ? 15  VAL B O   1 
ATOM   73   C CB  . VAL A 1 9   ? 11.125  -8.561  1.798   1.00 26.98 ? 15  VAL B CB  1 
ATOM   74   C CG1 . VAL A 1 9   ? 12.550  -8.281  1.357   1.00 28.61 ? 15  VAL B CG1 1 
ATOM   75   C CG2 . VAL A 1 9   ? 10.170  -7.554  1.177   1.00 25.83 ? 15  VAL B CG2 1 
ATOM   76   N N   . HIS A 1 10  ? 9.460   -10.829 3.421   1.00 26.53 ? 16  HIS B N   1 
ATOM   77   C CA  . HIS A 1 10  ? 8.278   -11.228 4.217   1.00 26.91 ? 16  HIS B CA  1 
ATOM   78   C C   . HIS A 1 10  ? 7.774   -9.998  4.973   1.00 27.06 ? 16  HIS B C   1 
ATOM   79   O O   . HIS A 1 10  ? 8.471   -9.551  5.901   1.00 27.68 ? 16  HIS B O   1 
ATOM   80   C CB  . HIS A 1 10  ? 8.646   -12.404 5.116   1.00 28.50 ? 16  HIS B CB  1 
ATOM   81   C CG  . HIS A 1 10  ? 7.500   -12.921 5.917   1.00 30.43 ? 16  HIS B CG  1 
ATOM   82   N ND1 . HIS A 1 10  ? 6.597   -13.842 5.406   1.00 31.60 ? 16  HIS B ND1 1 
ATOM   83   C CD2 . HIS A 1 10  ? 7.126   -12.675 7.198   1.00 32.77 ? 16  HIS B CD2 1 
ATOM   84   C CE1 . HIS A 1 10  ? 5.703   -14.140 6.338   1.00 32.98 ? 16  HIS B CE1 1 
ATOM   85   N NE2 . HIS A 1 10  ? 6.013   -13.442 7.460   1.00 32.80 ? 16  HIS B NE2 1 
ATOM   86   N N   . ILE A 1 11  ? 6.634   -9.440  4.547   1.00 23.78 ? 17  ILE B N   1 
ATOM   87   C CA  . ILE A 1 11  ? 6.071   -8.189  5.120   1.00 23.62 ? 17  ILE B CA  1 
ATOM   88   C C   . ILE A 1 11  ? 5.037   -8.577  6.175   1.00 21.76 ? 17  ILE B C   1 
ATOM   89   O O   . ILE A 1 11  ? 4.309   -9.559  5.974   1.00 20.59 ? 17  ILE B O   1 
ATOM   90   C CB  . ILE A 1 11  ? 5.463   -7.267  4.038   1.00 23.64 ? 17  ILE B CB  1 
ATOM   91   C CG1 . ILE A 1 11  ? 6.499   -6.857  2.988   1.00 25.41 ? 17  ILE B CG1 1 
ATOM   92   C CG2 . ILE A 1 11  ? 4.794   -6.057  4.678   1.00 23.08 ? 17  ILE B CG2 1 
ATOM   93   C CD1 . ILE A 1 11  ? 7.721   -6.153  3.541   1.00 27.39 ? 17  ILE B CD1 1 
ATOM   94   N N   . THR A 1 12  ? 5.022   -7.835  7.269   1.00 21.37 ? 18  THR B N   1 
ATOM   95   C CA  . THR A 1 12  ? 4.012   -7.952  8.351   1.00 21.79 ? 18  THR B CA  1 
ATOM   96   C C   . THR A 1 12  ? 3.515   -6.548  8.688   1.00 21.27 ? 18  THR B C   1 
ATOM   97   O O   . THR A 1 12  ? 4.256   -5.582  8.488   1.00 20.93 ? 18  THR B O   1 
ATOM   98   C CB  . THR A 1 12  ? 4.588   -8.709  9.560   1.00 21.78 ? 18  THR B CB  1 
ATOM   99   O OG1 . THR A 1 12  ? 5.688   -7.945  10.031  1.00 21.91 ? 18  THR B OG1 1 
ATOM   100  C CG2 . THR A 1 12  ? 5.000   -10.138 9.257   1.00 22.74 ? 18  THR B CG2 1 
ATOM   101  N N   . LEU A 1 13  ? 2.268   -6.443  9.149   1.00 21.02 ? 19  LEU B N   1 
ATOM   102  C CA  . LEU A 1 13  ? 1.584   -5.155  9.388   1.00 20.75 ? 19  LEU B CA  1 
ATOM   103  C C   . LEU A 1 13  ? 1.874   -4.705  10.829  1.00 20.71 ? 19  LEU B C   1 
ATOM   104  O O   . LEU A 1 13  ? 1.944   -5.559  11.719  1.00 21.52 ? 19  LEU B O   1 
ATOM   105  C CB  . LEU A 1 13  ? 0.092   -5.372  9.105   1.00 20.30 ? 19  LEU B CB  1 
ATOM   106  C CG  . LEU A 1 13  ? -0.204  -5.855  7.685   1.00 21.00 ? 19  LEU B CG  1 
ATOM   107  C CD1 . LEU A 1 13  ? -1.656  -6.252  7.508   1.00 21.99 ? 19  LEU B CD1 1 
ATOM   108  C CD2 . LEU A 1 13  ? 0.186   -4.788  6.668   1.00 20.91 ? 19  LEU B CD2 1 
ATOM   109  N N   . ASP A 1 14  ? 2.102   -3.416  11.032  1.00 19.43 ? 20  ASP B N   1 
ATOM   110  C CA  . ASP A 1 14  ? 2.391   -2.816  12.356  1.00 22.21 ? 20  ASP B CA  1 
ATOM   111  C C   . ASP A 1 14  ? 1.061   -2.281  12.932  1.00 23.14 ? 20  ASP B C   1 
ATOM   112  O O   . ASP A 1 14  ? 0.615   -1.201  12.503  1.00 21.31 ? 20  ASP B O   1 
ATOM   113  C CB  . ASP A 1 14  ? 3.448   -1.723  12.226  1.00 22.73 ? 20  ASP B CB  1 
ATOM   114  C CG  . ASP A 1 14  ? 3.808   -1.069  13.544  1.00 24.95 ? 20  ASP B CG  1 
ATOM   115  O OD1 . ASP A 1 14  ? 3.127   -1.370  14.539  1.00 24.90 ? 20  ASP B OD1 1 
ATOM   116  O OD2 . ASP A 1 14  ? 4.780   -0.267  13.565  1.00 25.76 ? 20  ASP B OD2 1 
ATOM   117  N N   A ARG A 1 15  ? 0.467   -3.039  13.865  0.25 23.15 ? 21  ARG B N   1 
ATOM   118  N N   B ARG A 1 15  ? 0.474   -3.027  13.877  0.25 24.46 ? 21  ARG B N   1 
ATOM   119  C CA  A ARG A 1 15  ? -0.817  -2.739  14.568  0.25 23.78 ? 21  ARG B CA  1 
ATOM   120  C CA  B ARG A 1 15  ? -0.833  -2.740  14.541  0.25 25.95 ? 21  ARG B CA  1 
ATOM   121  C C   A ARG A 1 15  ? -0.842  -1.300  15.085  0.25 23.34 ? 21  ARG B C   1 
ATOM   122  C C   B ARG A 1 15  ? -0.854  -1.323  15.127  0.25 24.53 ? 21  ARG B C   1 
ATOM   123  O O   A ARG A 1 15  ? -1.923  -0.683  15.059  0.25 23.59 ? 21  ARG B O   1 
ATOM   124  O O   B ARG A 1 15  ? -1.949  -0.736  15.184  0.25 24.51 ? 21  ARG B O   1 
ATOM   125  C CB  A ARG A 1 15  ? -1.001  -3.650  15.786  0.25 24.15 ? 21  ARG B CB  1 
ATOM   126  C CB  B ARG A 1 15  ? -1.105  -3.739  15.674  0.25 28.24 ? 21  ARG B CB  1 
ATOM   127  C CG  A ARG A 1 15  ? -1.318  -5.095  15.445  0.25 25.01 ? 21  ARG B CG  1 
ATOM   128  C CG  B ARG A 1 15  ? -1.561  -5.116  15.213  0.25 31.02 ? 21  ARG B CG  1 
ATOM   129  C CD  A ARG A 1 15  ? -1.356  -5.999  16.663  0.25 24.53 ? 21  ARG B CD  1 
ATOM   130  C CD  B ARG A 1 15  ? -0.411  -6.102  15.057  0.25 32.93 ? 21  ARG B CD  1 
ATOM   131  N NE  A ARG A 1 15  ? -1.626  -7.363  16.235  0.25 24.00 ? 21  ARG B NE  1 
ATOM   132  N NE  B ARG A 1 15  ? -0.244  -7.023  16.182  0.25 34.11 ? 21  ARG B NE  1 
ATOM   133  C CZ  A ARG A 1 15  ? -2.767  -7.744  15.685  0.25 22.89 ? 21  ARG B CZ  1 
ATOM   134  C CZ  B ARG A 1 15  ? 0.651   -6.884  17.159  0.25 35.44 ? 21  ARG B CZ  1 
ATOM   135  N NH1 A ARG A 1 15  ? -3.732  -6.861  15.514  0.25 23.20 ? 21  ARG B NH1 1 
ATOM   136  N NH1 B ARG A 1 15  ? 1.473   -5.850  17.178  0.25 35.44 ? 21  ARG B NH1 1 
ATOM   137  N NH2 A ARG A 1 15  ? -2.938  -8.992  15.299  0.25 22.65 ? 21  ARG B NH2 1 
ATOM   138  N NH2 B ARG A 1 15  ? 0.722   -7.787  18.118  0.25 36.71 ? 21  ARG B NH2 1 
ATOM   139  N N   . ASN A 1 16  ? 0.296   -0.815  15.582  1.00 23.59 ? 22  ASN B N   1 
ATOM   140  C CA  . ASN A 1 16  ? 0.387   0.494   16.269  1.00 24.29 ? 22  ASN B CA  1 
ATOM   141  C C   . ASN A 1 16  ? 0.181   1.649   15.284  1.00 20.85 ? 22  ASN B C   1 
ATOM   142  O O   . ASN A 1 16  ? -0.207  2.710   15.777  1.00 19.92 ? 22  ASN B O   1 
ATOM   143  C CB  . ASN A 1 16  ? 1.691   0.611   17.069  1.00 29.57 ? 22  ASN B CB  1 
ATOM   144  C CG  . ASN A 1 16  ? 1.688   -0.288  18.293  1.00 34.95 ? 22  ASN B CG  1 
ATOM   145  O OD1 . ASN A 1 16  ? 0.631   -0.639  18.826  1.00 40.05 ? 22  ASN B OD1 1 
ATOM   146  N ND2 . ASN A 1 16  ? 2.868   -0.695  18.735  1.00 41.42 ? 22  ASN B ND2 1 
ATOM   147  N N   . THR A 1 17  ? 0.419   1.444   13.977  1.00 16.96 ? 23  THR B N   1 
ATOM   148  C CA  . THR A 1 17  ? 0.210   2.466   12.918  1.00 18.46 ? 23  THR B CA  1 
ATOM   149  C C   . THR A 1 17  ? -1.235  2.419   12.402  1.00 17.61 ? 23  THR B C   1 
ATOM   150  O O   . THR A 1 17  ? -1.617  3.345   11.705  1.00 18.26 ? 23  THR B O   1 
ATOM   151  C CB  . THR A 1 17  ? 1.219   2.334   11.764  1.00 17.34 ? 23  THR B CB  1 
ATOM   152  O OG1 . THR A 1 17  ? 0.880   1.134   11.066  1.00 16.84 ? 23  THR B OG1 1 
ATOM   153  C CG2 . THR A 1 17  ? 2.649   2.340   12.260  1.00 16.91 ? 23  THR B CG2 1 
ATOM   154  N N   . ALA A 1 18  ? -2.020  1.388   12.714  1.00 17.63 ? 24  ALA B N   1 
ATOM   155  C CA  . ALA A 1 18  ? -3.347  1.177   12.080  1.00 17.78 ? 24  ALA B CA  1 
ATOM   156  C C   . ALA A 1 18  ? -4.388  2.189   12.583  1.00 18.36 ? 24  ALA B C   1 
ATOM   157  O O   . ALA A 1 18  ? -4.411  2.503   13.797  1.00 17.26 ? 24  ALA B O   1 
ATOM   158  C CB  . ALA A 1 18  ? -3.847  -0.217  12.311  1.00 18.63 ? 24  ALA B CB  1 
ATOM   159  N N   . ASN A 1 19  ? -5.210  2.684   11.653  1.00 17.39 ? 25  ASN B N   1 
ATOM   160  C CA  . ASN A 1 19  ? -6.499  3.338   11.968  1.00 18.12 ? 25  ASN B CA  1 
ATOM   161  C C   . ASN A 1 19  ? -7.252  2.436   12.959  1.00 17.71 ? 25  ASN B C   1 
ATOM   162  O O   . ASN A 1 19  ? -7.255  1.213   12.807  1.00 16.44 ? 25  ASN B O   1 
ATOM   163  C CB  . ASN A 1 19  ? -7.255  3.668   10.677  1.00 17.82 ? 25  ASN B CB  1 
ATOM   164  C CG  . ASN A 1 19  ? -8.616  4.272   10.935  1.00 19.49 ? 25  ASN B CG  1 
ATOM   165  O OD1 . ASN A 1 19  ? -9.522  3.554   11.312  1.00 18.14 ? 25  ASN B OD1 1 
ATOM   166  N ND2 . ASN A 1 19  ? -8.750  5.578   10.746  1.00 21.18 ? 25  ASN B ND2 1 
ATOM   167  N N   . SER A 1 20  ? -7.917  3.033   13.940  1.00 19.17 ? 26  SER B N   1 
ATOM   168  C CA  . SER A 1 20  ? -8.506  2.321   15.108  1.00 19.17 ? 26  SER B CA  1 
ATOM   169  C C   . SER A 1 20  ? -9.658  1.390   14.699  1.00 18.67 ? 26  SER B C   1 
ATOM   170  O O   . SER A 1 20  ? -10.112 0.615   15.557  1.00 19.94 ? 26  SER B O   1 
ATOM   171  C CB  . SER A 1 20  ? -8.960  3.330   16.104  1.00 20.19 ? 26  SER B CB  1 
ATOM   172  O OG  . SER A 1 20  ? -9.869  4.230   15.484  1.00 20.91 ? 26  SER B OG  1 
ATOM   173  N N   . TRP A 1 21  ? -10.113 1.464   13.447  1.00 17.88 ? 27  TRP B N   1 
ATOM   174  C CA  . TRP A 1 21  ? -11.218 0.649   12.891  1.00 17.01 ? 27  TRP B CA  1 
ATOM   175  C C   . TRP A 1 21  ? -10.677 -0.579  12.183  1.00 18.18 ? 27  TRP B C   1 
ATOM   176  O O   . TRP A 1 21  ? -11.486 -1.409  11.801  1.00 17.84 ? 27  TRP B O   1 
ATOM   177  C CB  . TRP A 1 21  ? -12.086 1.503   11.973  1.00 19.13 ? 27  TRP B CB  1 
ATOM   178  C CG  . TRP A 1 21  ? -12.966 2.469   12.702  1.00 19.52 ? 27  TRP B CG  1 
ATOM   179  C CD1 . TRP A 1 21  ? -12.625 3.337   13.702  1.00 20.70 ? 27  TRP B CD1 1 
ATOM   180  C CD2 . TRP A 1 21  ? -14.376 2.641   12.500  1.00 21.49 ? 27  TRP B CD2 1 
ATOM   181  N NE1 . TRP A 1 21  ? -13.720 4.059   14.113  1.00 22.66 ? 27  TRP B NE1 1 
ATOM   182  C CE2 . TRP A 1 21  ? -14.804 3.662   13.379  1.00 22.32 ? 27  TRP B CE2 1 
ATOM   183  C CE3 . TRP A 1 21  ? -15.308 2.033   11.654  1.00 22.97 ? 27  TRP B CE3 1 
ATOM   184  C CZ2 . TRP A 1 21  ? -16.137 4.068   13.447  1.00 24.45 ? 27  TRP B CZ2 1 
ATOM   185  C CZ3 . TRP A 1 21  ? -16.624 2.436   11.719  1.00 22.70 ? 27  TRP B CZ3 1 
ATOM   186  C CH2 . TRP A 1 21  ? -17.021 3.450   12.589  1.00 23.80 ? 27  TRP B CH2 1 
ATOM   187  N N   . LEU A 1 22  ? -9.353  -0.695  11.994  1.00 18.23 ? 28  LEU B N   1 
ATOM   188  C CA  . LEU A 1 22  ? -8.774  -1.830  11.224  1.00 17.99 ? 28  LEU B CA  1 
ATOM   189  C C   . LEU A 1 22  ? -8.647  -3.054  12.142  1.00 17.45 ? 28  LEU B C   1 
ATOM   190  O O   . LEU A 1 22  ? -8.350  -2.911  13.342  1.00 16.88 ? 28  LEU B O   1 
ATOM   191  C CB  . LEU A 1 22  ? -7.423  -1.450  10.608  1.00 17.11 ? 28  LEU B CB  1 
ATOM   192  C CG  . LEU A 1 22  ? -7.424  -0.286  9.600   1.00 17.41 ? 28  LEU B CG  1 
ATOM   193  C CD1 . LEU A 1 22  ? -6.064  -0.123  8.948   1.00 17.18 ? 28  LEU B CD1 1 
ATOM   194  C CD2 . LEU A 1 22  ? -8.462  -0.467  8.514   1.00 17.54 ? 28  LEU B CD2 1 
ATOM   195  N N   . ILE A 1 23  ? -8.884  -4.218  11.563  1.00 18.24 ? 29  ILE B N   1 
ATOM   196  C CA  . ILE A 1 23  ? -8.633  -5.543  12.190  1.00 17.65 ? 29  ILE B CA  1 
ATOM   197  C C   . ILE A 1 23  ? -7.497  -6.200  11.413  1.00 18.09 ? 29  ILE B C   1 
ATOM   198  O O   . ILE A 1 23  ? -7.690  -6.524  10.215  1.00 18.31 ? 29  ILE B O   1 
ATOM   199  C CB  . ILE A 1 23  ? -9.893  -6.408  12.178  1.00 18.65 ? 29  ILE B CB  1 
ATOM   200  C CG1 . ILE A 1 23  ? -11.065 -5.706  12.886  1.00 17.65 ? 29  ILE B CG1 1 
ATOM   201  C CG2 . ILE A 1 23  ? -9.584  -7.784  12.775  1.00 20.11 ? 29  ILE B CG2 1 
ATOM   202  C CD1 . ILE A 1 23  ? -12.392 -6.309  12.589  1.00 18.02 ? 29  ILE B CD1 1 
ATOM   203  N N   . ILE A 1 24  ? -6.367  -6.373  12.083  1.00 20.43 ? 30  ILE B N   1 
ATOM   204  C CA  . ILE A 1 24  ? -5.167  -7.077  11.560  1.00 21.24 ? 30  ILE B CA  1 
ATOM   205  C C   . ILE A 1 24  ? -5.201  -8.512  12.092  1.00 23.86 ? 30  ILE B C   1 
ATOM   206  O O   . ILE A 1 24  ? -5.472  -8.726  13.308  1.00 24.67 ? 30  ILE B O   1 
ATOM   207  C CB  . ILE A 1 24  ? -3.900  -6.313  11.945  1.00 21.91 ? 30  ILE B CB  1 
ATOM   208  C CG1 . ILE A 1 24  ? -3.840  -5.017  11.140  1.00 22.55 ? 30  ILE B CG1 1 
ATOM   209  C CG2 . ILE A 1 24  ? -2.661  -7.159  11.720  1.00 22.79 ? 30  ILE B CG2 1 
ATOM   210  C CD1 . ILE A 1 24  ? -3.003  -3.999  11.741  1.00 24.62 ? 30  ILE B CD1 1 
ATOM   211  N N   . SER A 1 25  ? -5.025  -9.476  11.199  1.00 23.87 ? 31  SER B N   1 
ATOM   212  C CA  . SER A 1 25  ? -5.063  -10.917 11.541  1.00 22.75 ? 31  SER B CA  1 
ATOM   213  C C   . SER A 1 25  ? -3.933  -11.210 12.536  1.00 23.48 ? 31  SER B C   1 
ATOM   214  O O   . SER A 1 25  ? -2.977  -10.410 12.625  1.00 22.75 ? 31  SER B O   1 
ATOM   215  C CB  . SER A 1 25  ? -4.951  -11.764 10.311  1.00 22.70 ? 31  SER B CB  1 
ATOM   216  O OG  . SER A 1 25  ? -3.687  -11.554 9.697   1.00 21.17 ? 31  SER B OG  1 
ATOM   217  N N   . LYS A 1 26  ? -4.049  -12.327 13.253  1.00 25.90 ? 32  LYS B N   1 
ATOM   218  C CA  . LYS A 1 26  ? -3.090  -12.770 14.290  1.00 26.37 ? 32  LYS B CA  1 
ATOM   219  C C   . LYS A 1 26  ? -1.680  -12.891 13.691  1.00 24.43 ? 32  LYS B C   1 
ATOM   220  O O   . LYS A 1 26  ? -0.730  -12.552 14.412  1.00 24.50 ? 32  LYS B O   1 
ATOM   221  C CB  . LYS A 1 26  ? -3.549  -14.114 14.860  1.00 29.51 ? 32  LYS B CB  1 
ATOM   222  C CG  . LYS A 1 26  ? -2.580  -14.737 15.851  1.00 34.09 ? 32  LYS B CG  1 
ATOM   223  C CD  . LYS A 1 26  ? -3.142  -15.931 16.571  1.00 36.74 ? 32  LYS B CD  1 
ATOM   224  C CE  . LYS A 1 26  ? -3.743  -16.958 15.636  1.00 39.50 ? 32  LYS B CE  1 
ATOM   225  N NZ  . LYS A 1 26  ? -4.452  -18.002 16.400  1.00 42.75 ? 32  LYS B NZ  1 
ATOM   226  N N   . ASP A 1 27  ? -1.562  -13.348 12.435  1.00 22.82 ? 33  ASP B N   1 
ATOM   227  C CA  . ASP A 1 27  ? -0.250  -13.552 11.750  1.00 22.91 ? 33  ASP B CA  1 
ATOM   228  C C   . ASP A 1 27  ? 0.276   -12.226 11.180  1.00 23.17 ? 33  ASP B C   1 
ATOM   229  O O   . ASP A 1 27  ? 1.400   -12.235 10.597  1.00 23.04 ? 33  ASP B O   1 
ATOM   230  C CB  . ASP A 1 27  ? -0.331  -14.636 10.662  1.00 23.70 ? 33  ASP B CB  1 
ATOM   231  C CG  . ASP A 1 27  ? -1.228  -14.345 9.463   1.00 25.28 ? 33  ASP B CG  1 
ATOM   232  O OD1 . ASP A 1 27  ? -1.797  -13.226 9.373   1.00 25.77 ? 33  ASP B OD1 1 
ATOM   233  O OD2 . ASP A 1 27  ? -1.364  -15.250 8.606   1.00 29.11 ? 33  ASP B OD2 1 
ATOM   234  N N   . ARG A 1 28  ? -0.485  -11.141 11.303  1.00 22.42 ? 34  ARG B N   1 
ATOM   235  C CA  . ARG A 1 28  ? -0.102  -9.777  10.838  1.00 23.74 ? 34  ARG B CA  1 
ATOM   236  C C   . ARG A 1 28  ? 0.122   -9.779  9.311   1.00 21.75 ? 34  ARG B C   1 
ATOM   237  O O   . ARG A 1 28  ? 0.876   -8.944  8.817   1.00 21.09 ? 34  ARG B O   1 
ATOM   238  C CB  . ARG A 1 28  ? 1.079   -9.267  11.678  1.00 28.67 ? 34  ARG B CB  1 
ATOM   239  C CG  . ARG A 1 28  ? 0.794   -9.258  13.180  1.00 32.95 ? 34  ARG B CG  1 
ATOM   240  C CD  . ARG A 1 28  ? 1.878   -8.664  14.056  1.00 41.22 ? 34  ARG B CD  1 
ATOM   241  N NE  . ARG A 1 28  ? 3.202   -9.225  13.821  1.00 49.01 ? 34  ARG B NE  1 
ATOM   242  C CZ  . ARG A 1 28  ? 4.226   -8.600  13.215  1.00 64.58 ? 34  ARG B CZ  1 
ATOM   243  N NH1 . ARG A 1 28  ? 4.115   -7.356  12.755  1.00 63.42 ? 34  ARG B NH1 1 
ATOM   244  N NH2 . ARG A 1 28  ? 5.385   -9.232  13.076  1.00 67.11 ? 34  ARG B NH2 1 
ATOM   245  N N   . ARG A 1 29  ? -0.594  -10.611 8.561   1.00 19.92 ? 35  ARG B N   1 
ATOM   246  C CA  . ARG A 1 29  ? -0.478  -10.684 7.088   1.00 21.11 ? 35  ARG B CA  1 
ATOM   247  C C   . ARG A 1 29  ? -1.771  -10.239 6.385   1.00 20.52 ? 35  ARG B C   1 
ATOM   248  O O   . ARG A 1 29  ? -1.733  -10.142 5.141   1.00 19.49 ? 35  ARG B O   1 
ATOM   249  C CB  . ARG A 1 29  ? -0.134  -12.115 6.680   1.00 22.55 ? 35  ARG B CB  1 
ATOM   250  C CG  . ARG A 1 29  ? 1.198   -12.576 7.253   1.00 26.73 ? 35  ARG B CG  1 
ATOM   251  C CD  . ARG A 1 29  ? 2.380   -12.153 6.420   1.00 27.24 ? 35  ARG B CD  1 
ATOM   252  N NE  . ARG A 1 29  ? 2.438   -12.959 5.204   1.00 30.00 ? 35  ARG B NE  1 
ATOM   253  C CZ  . ARG A 1 29  ? 3.256   -12.716 4.186   1.00 28.35 ? 35  ARG B CZ  1 
ATOM   254  N NH1 . ARG A 1 29  ? 4.089   -11.695 4.256   1.00 27.25 ? 35  ARG B NH1 1 
ATOM   255  N NH2 . ARG A 1 29  ? 3.257   -13.514 3.127   1.00 26.10 ? 35  ARG B NH2 1 
ATOM   256  N N   . GLN A 1 30  ? -2.866  -9.991  7.124   1.00 18.67 ? 36  GLN B N   1 
ATOM   257  C CA  . GLN A 1 30  ? -4.162  -9.550  6.557   1.00 19.14 ? 36  GLN B CA  1 
ATOM   258  C C   . GLN A 1 30  ? -4.721  -8.376  7.358   1.00 19.13 ? 36  GLN B C   1 
ATOM   259  O O   . GLN A 1 30  ? -4.496  -8.305  8.602   1.00 17.63 ? 36  GLN B O   1 
ATOM   260  C CB  . GLN A 1 30  ? -5.240  -10.631 6.612   1.00 21.01 ? 36  GLN B CB  1 
ATOM   261  C CG  . GLN A 1 30  ? -4.798  -11.935 6.008   1.00 22.82 ? 36  GLN B CG  1 
ATOM   262  C CD  . GLN A 1 30  ? -5.949  -12.878 5.797   1.00 23.78 ? 36  GLN B CD  1 
ATOM   263  O OE1 . GLN A 1 30  ? -7.107  -12.479 5.728   1.00 27.01 ? 36  GLN B OE1 1 
ATOM   264  N NE2 . GLN A 1 30  ? -5.616  -14.146 5.658   1.00 25.74 ? 36  GLN B NE2 1 
ATOM   265  N N   . VAL A 1 31  ? -5.409  -7.484  6.654   1.00 18.01 ? 37  VAL B N   1 
ATOM   266  C CA  . VAL A 1 31  ? -6.075  -6.316  7.291   1.00 18.46 ? 37  VAL B CA  1 
ATOM   267  C C   . VAL A 1 31  ? -7.411  -6.098  6.581   1.00 17.87 ? 37  VAL B C   1 
ATOM   268  O O   . VAL A 1 31  ? -7.465  -6.195  5.342   1.00 19.61 ? 37  VAL B O   1 
ATOM   269  C CB  . VAL A 1 31  ? -5.160  -5.074  7.318   1.00 17.59 ? 37  VAL B CB  1 
ATOM   270  C CG1 . VAL A 1 31  ? -4.645  -4.667  5.934   1.00 17.11 ? 37  VAL B CG1 1 
ATOM   271  C CG2 . VAL A 1 31  ? -5.836  -3.902  8.016   1.00 18.15 ? 37  VAL B CG2 1 
ATOM   272  N N   . ARG A 1 32  ? -8.450  -5.812  7.346   1.00 18.24 ? 38  ARG B N   1 
ATOM   273  C CA  . ARG A 1 32  ? -9.774  -5.412  6.808   1.00 20.46 ? 38  ARG B CA  1 
ATOM   274  C C   . ARG A 1 32  ? -10.368 -4.311  7.694   1.00 20.75 ? 38  ARG B C   1 
ATOM   275  O O   . ARG A 1 32  ? -9.971  -4.163  8.870   1.00 17.90 ? 38  ARG B O   1 
ATOM   276  C CB  . ARG A 1 32  ? -10.724 -6.609  6.709   1.00 21.36 ? 38  ARG B CB  1 
ATOM   277  C CG  . ARG A 1 32  ? -11.164 -7.167  8.054   1.00 23.16 ? 38  ARG B CG  1 
ATOM   278  C CD  . ARG A 1 32  ? -11.970 -8.442  7.863   1.00 25.72 ? 38  ARG B CD  1 
ATOM   279  N NE  . ARG A 1 32  ? -12.360 -8.971  9.164   1.00 29.21 ? 38  ARG B NE  1 
ATOM   280  C CZ  . ARG A 1 32  ? -13.447 -8.626  9.855   1.00 30.08 ? 38  ARG B CZ  1 
ATOM   281  N NH1 . ARG A 1 32  ? -14.315 -7.747  9.382   1.00 29.79 ? 38  ARG B NH1 1 
ATOM   282  N NH2 . ARG A 1 32  ? -13.649 -9.170  11.042  1.00 33.50 ? 38  ARG B NH2 1 
ATOM   283  N N   A MET A 1 33  ? -11.306 -3.560  7.118   0.25 20.90 ? 39  MET B N   1 
ATOM   284  N N   B MET A 1 33  ? -11.283 -3.523  7.132   0.25 21.99 ? 39  MET B N   1 
ATOM   285  C CA  A MET A 1 33  ? -12.075 -2.483  7.793   0.25 21.98 ? 39  MET B CA  1 
ATOM   286  C CA  B MET A 1 33  ? -11.969 -2.438  7.878   0.25 23.75 ? 39  MET B CA  1 
ATOM   287  C C   A MET A 1 33  ? -13.078 -3.146  8.736   0.25 22.26 ? 39  MET B C   1 
ATOM   288  C C   B MET A 1 33  ? -13.070 -3.074  8.724   0.25 23.27 ? 39  MET B C   1 
ATOM   289  O O   A MET A 1 33  ? -13.852 -3.988  8.250   0.25 22.36 ? 39  MET B O   1 
ATOM   290  O O   B MET A 1 33  ? -13.905 -3.800  8.153   0.25 23.35 ? 39  MET B O   1 
ATOM   291  C CB  A MET A 1 33  ? -12.812 -1.635  6.749   0.25 21.99 ? 39  MET B CB  1 
ATOM   292  C CB  B MET A 1 33  ? -12.577 -1.380  6.954   0.25 25.24 ? 39  MET B CB  1 
ATOM   293  C CG  A MET A 1 33  ? -13.597 -0.466  7.329   0.25 22.38 ? 39  MET B CG  1 
ATOM   294  C CG  B MET A 1 33  ? -13.393 -0.342  7.720   0.25 26.77 ? 39  MET B CG  1 
ATOM   295  S SD  A MET A 1 33  ? -12.579 0.584   8.400   0.25 21.87 ? 39  MET B SD  1 
ATOM   296  S SD  B MET A 1 33  ? -13.074 1.355   7.184   0.25 28.66 ? 39  MET B SD  1 
ATOM   297  C CE  A MET A 1 33  ? -13.496 2.122   8.342   0.25 22.35 ? 39  MET B CE  1 
ATOM   298  C CE  B MET A 1 33  ? -13.678 2.270   8.602   0.25 28.59 ? 39  MET B CE  1 
ATOM   299  N N   . GLY A 1 34  ? -13.036 -2.825  10.033  1.00 23.25 ? 40  GLY B N   1 
ATOM   300  C CA  . GLY A 1 34  ? -14.083 -3.263  10.979  1.00 24.28 ? 40  GLY B CA  1 
ATOM   301  C C   . GLY A 1 34  ? -15.337 -2.426  10.782  1.00 24.81 ? 40  GLY B C   1 
ATOM   302  O O   . GLY A 1 34  ? -15.238 -1.358  10.156  1.00 21.57 ? 40  GLY B O   1 
ATOM   303  N N   . ASP A 1 35  ? -16.481 -2.863  11.308  1.00 29.28 ? 41  ASP B N   1 
ATOM   304  C CA  . ASP A 1 35  ? -17.745 -2.072  11.220  1.00 33.91 ? 41  ASP B CA  1 
ATOM   305  C C   . ASP A 1 35  ? -17.825 -1.103  12.417  1.00 31.61 ? 41  ASP B C   1 
ATOM   306  O O   . ASP A 1 35  ? -18.820 -0.344  12.506  1.00 29.05 ? 41  ASP B O   1 
ATOM   307  C CB  . ASP A 1 35  ? -18.958 -2.998  11.042  1.00 43.42 ? 41  ASP B CB  1 
ATOM   308  C CG  . ASP A 1 35  ? -19.045 -3.657  9.659   1.00 54.39 ? 41  ASP B CG  1 
ATOM   309  O OD1 . ASP A 1 35  ? -18.264 -3.261  8.754   1.00 60.86 ? 41  ASP B OD1 1 
ATOM   310  O OD2 . ASP A 1 35  ? -19.893 -4.574  9.481   1.00 58.20 ? 41  ASP B OD2 1 
ATOM   311  N N   . THR A 1 36  ? -16.787 -1.039  13.263  1.00 26.94 ? 42  THR B N   1 
ATOM   312  C CA  . THR A 1 36  ? -16.734 -0.136  14.443  1.00 24.63 ? 42  THR B CA  1 
ATOM   313  C C   . THR A 1 36  ? -15.295 0.087   14.919  1.00 22.97 ? 42  THR B C   1 
ATOM   314  O O   . THR A 1 36  ? -14.352 -0.593  14.416  1.00 19.36 ? 42  THR B O   1 
ATOM   315  C CB  . THR A 1 36  ? -17.578 -0.712  15.586  1.00 26.00 ? 42  THR B CB  1 
ATOM   316  O OG1 . THR A 1 36  ? -17.667 0.290   16.599  1.00 27.97 ? 42  THR B OG1 1 
ATOM   317  C CG2 . THR A 1 36  ? -16.965 -1.960  16.174  1.00 27.88 ? 42  THR B CG2 1 
ATOM   318  N N   . HIS A 1 37  ? -15.115 1.008   15.871  1.00 21.75 ? 43  HIS B N   1 
ATOM   319  C CA  . HIS A 1 37  ? -13.827 1.214   16.594  1.00 22.82 ? 43  HIS B CA  1 
ATOM   320  C C   . HIS A 1 37  ? -13.410 -0.126  17.227  1.00 21.49 ? 43  HIS B C   1 
ATOM   321  O O   . HIS A 1 37  ? -14.264 -0.756  17.861  1.00 21.22 ? 43  HIS B O   1 
ATOM   322  C CB  . HIS A 1 37  ? -13.991 2.391   17.573  1.00 24.05 ? 43  HIS B CB  1 
ATOM   323  C CG  . HIS A 1 37  ? -12.762 2.830   18.305  1.00 22.87 ? 43  HIS B CG  1 
ATOM   324  N ND1 . HIS A 1 37  ? -12.088 2.007   19.194  1.00 20.93 ? 43  HIS B ND1 1 
ATOM   325  C CD2 . HIS A 1 37  ? -12.136 4.029   18.331  1.00 22.45 ? 43  HIS B CD2 1 
ATOM   326  C CE1 . HIS A 1 37  ? -11.095 2.688   19.730  1.00 21.71 ? 43  HIS B CE1 1 
ATOM   327  N NE2 . HIS A 1 37  ? -11.096 3.929   19.209  1.00 21.71 ? 43  HIS B NE2 1 
ATOM   328  N N   . GLN A 1 38  ? -12.137 -0.534  17.066  1.00 19.44 ? 44  GLN B N   1 
ATOM   329  C CA  . GLN A 1 38  ? -11.628 -1.855  17.504  1.00 19.58 ? 44  GLN B CA  1 
ATOM   330  C C   . GLN A 1 38  ? -11.049 -1.836  18.932  1.00 19.10 ? 44  GLN B C   1 
ATOM   331  O O   . GLN A 1 38  ? -10.374 -2.828  19.298  1.00 20.31 ? 44  GLN B O   1 
ATOM   332  C CB  . GLN A 1 38  ? -10.645 -2.377  16.453  1.00 19.30 ? 44  GLN B CB  1 
ATOM   333  C CG  . GLN A 1 38  ? -11.328 -2.667  15.134  1.00 18.96 ? 44  GLN B CG  1 
ATOM   334  C CD  . GLN A 1 38  ? -12.530 -3.572  15.245  1.00 19.79 ? 44  GLN B CD  1 
ATOM   335  O OE1 . GLN A 1 38  ? -13.633 -3.230  14.817  1.00 21.26 ? 44  GLN B OE1 1 
ATOM   336  N NE2 . GLN A 1 38  ? -12.330 -4.752  15.813  1.00 19.89 ? 44  GLN B NE2 1 
ATOM   337  N N   . ASN A 1 39  ? -11.411 -0.853  19.754  1.00 19.03 ? 45  ASN B N   1 
ATOM   338  C CA  . ASN A 1 39  ? -11.188 -0.832  21.230  1.00 19.49 ? 45  ASN B CA  1 
ATOM   339  C C   . ASN A 1 39  ? -9.690  -0.772  21.552  1.00 20.97 ? 45  ASN B C   1 
ATOM   340  O O   . ASN A 1 39  ? -9.280  -1.369  22.537  1.00 20.21 ? 45  ASN B O   1 
ATOM   341  C CB  . ASN A 1 39  ? -11.851 -2.032  21.927  1.00 19.71 ? 45  ASN B CB  1 
ATOM   342  C CG  . ASN A 1 39  ? -12.121 -1.792  23.404  1.00 19.41 ? 45  ASN B CG  1 
ATOM   343  O OD1 . ASN A 1 39  ? -12.294 -0.652  23.814  1.00 20.12 ? 45  ASN B OD1 1 
ATOM   344  N ND2 . ASN A 1 39  ? -12.163 -2.844  24.213  1.00 17.38 ? 45  ASN B ND2 1 
ATOM   345  N N   . VAL A 1 40  ? -8.912  -0.028  20.765  1.00 21.13 ? 46  VAL B N   1 
ATOM   346  C CA  . VAL A 1 40  ? -7.455  0.185   21.001  1.00 22.18 ? 46  VAL B CA  1 
ATOM   347  C C   . VAL A 1 40  ? -7.291  1.618   21.504  1.00 22.92 ? 46  VAL B C   1 
ATOM   348  O O   . VAL A 1 40  ? -8.165  2.432   21.197  1.00 23.14 ? 46  VAL B O   1 
ATOM   349  C CB  . VAL A 1 40  ? -6.661  -0.071  19.711  1.00 22.58 ? 46  VAL B CB  1 
ATOM   350  C CG1 . VAL A 1 40  ? -6.786  -1.517  19.264  1.00 23.63 ? 46  VAL B CG1 1 
ATOM   351  C CG2 . VAL A 1 40  ? -7.097  0.849   18.580  1.00 24.12 ? 46  VAL B CG2 1 
ATOM   352  N N   . SER A 1 41  ? -6.221  1.912   22.238  1.00 23.56 ? 47  SER B N   1 
ATOM   353  C CA  . SER A 1 41  ? -5.905  3.285   22.692  1.00 24.90 ? 47  SER B CA  1 
ATOM   354  C C   . SER A 1 41  ? -5.424  4.099   21.483  1.00 25.43 ? 47  SER B C   1 
ATOM   355  O O   . SER A 1 41  ? -4.853  3.503   20.568  1.00 22.04 ? 47  SER B O   1 
ATOM   356  C CB  . SER A 1 41  ? -4.885  3.274   23.800  1.00 27.05 ? 47  SER B CB  1 
ATOM   357  O OG  . SER A 1 41  ? -3.680  2.649   23.370  1.00 28.19 ? 47  SER B OG  1 
ATOM   358  N N   . ASP A 1 42  ? -5.587  5.423   21.515  1.00 26.18 ? 48  ASP B N   1 
ATOM   359  C CA  . ASP A 1 42  ? -5.013  6.314   20.480  1.00 26.82 ? 48  ASP B CA  1 
ATOM   360  C C   . ASP A 1 42  ? -3.503  6.442   20.718  1.00 26.61 ? 48  ASP B C   1 
ATOM   361  O O   . ASP A 1 42  ? -3.049  6.202   21.846  1.00 25.63 ? 48  ASP B O   1 
ATOM   362  C CB  . ASP A 1 42  ? -5.690  7.675   20.450  1.00 27.88 ? 48  ASP B CB  1 
ATOM   363  C CG  . ASP A 1 42  ? -5.445  8.419   19.145  1.00 32.60 ? 48  ASP B CG  1 
ATOM   364  O OD1 . ASP A 1 42  ? -5.052  7.763   18.124  1.00 27.35 ? 48  ASP B OD1 1 
ATOM   365  O OD2 . ASP A 1 42  ? -5.635  9.644   19.151  1.00 40.44 ? 48  ASP B OD2 1 
ATOM   366  N N   . ASN A 1 43  ? -2.753  6.759   19.669  1.00 25.27 ? 49  ASN B N   1 
ATOM   367  C CA  . ASN A 1 43  ? -1.302  7.079   19.733  1.00 25.64 ? 49  ASN B CA  1 
ATOM   368  C C   . ASN A 1 43  ? -0.964  7.934   18.505  1.00 26.73 ? 49  ASN B C   1 
ATOM   369  O O   . ASN A 1 43  ? -1.827  8.068   17.590  1.00 25.17 ? 49  ASN B O   1 
ATOM   370  C CB  . ASN A 1 43  ? -0.436  5.830   19.923  1.00 25.56 ? 49  ASN B CB  1 
ATOM   371  C CG  . ASN A 1 43  ? -0.380  4.942   18.699  1.00 26.30 ? 49  ASN B CG  1 
ATOM   372  O OD1 . ASN A 1 43  ? 0.082   5.373   17.649  1.00 28.29 ? 49  ASN B OD1 1 
ATOM   373  N ND2 . ASN A 1 43  ? -0.826  3.707   18.812  1.00 23.34 ? 49  ASN B ND2 1 
ATOM   374  N N   . LYS A 1 44  ? 0.208   8.558   18.525  1.00 25.87 ? 50  LYS B N   1 
ATOM   375  C CA  . LYS A 1 44  ? 0.632   9.564   17.521  1.00 27.36 ? 50  LYS B CA  1 
ATOM   376  C C   . LYS A 1 44  ? 0.920   8.867   16.177  1.00 25.70 ? 50  LYS B C   1 
ATOM   377  O O   . LYS A 1 44  ? 0.883   9.576   15.141  1.00 24.15 ? 50  LYS B O   1 
ATOM   378  C CB  . LYS A 1 44  ? 1.856   10.312  18.059  1.00 31.52 ? 50  LYS B CB  1 
ATOM   379  C CG  . LYS A 1 44  ? 3.085   9.435   18.238  1.00 35.44 ? 50  LYS B CG  1 
ATOM   380  C CD  . LYS A 1 44  ? 4.241   10.124  18.918  1.00 42.01 ? 50  LYS B CD  1 
ATOM   381  C CE  . LYS A 1 44  ? 5.557   9.431   18.627  1.00 46.82 ? 50  LYS B CE  1 
ATOM   382  N NZ  . LYS A 1 44  ? 6.686   10.385  18.727  1.00 50.94 ? 50  LYS B NZ  1 
ATOM   383  N N   . GLU A 1 45  ? 1.157   7.548   16.181  1.00 22.83 ? 51  GLU B N   1 
ATOM   384  C CA  . GLU A 1 45  ? 1.462   6.768   14.947  1.00 27.41 ? 51  GLU B CA  1 
ATOM   385  C C   . GLU A 1 45  ? 0.207   6.460   14.115  1.00 24.00 ? 51  GLU B C   1 
ATOM   386  O O   . GLU A 1 45  ? 0.364   6.182   12.900  1.00 22.10 ? 51  GLU B O   1 
ATOM   387  C CB  . GLU A 1 45  ? 2.115   5.427   15.264  1.00 32.05 ? 51  GLU B CB  1 
ATOM   388  C CG  . GLU A 1 45  ? 3.487   5.523   15.886  1.00 39.95 ? 51  GLU B CG  1 
ATOM   389  C CD  . GLU A 1 45  ? 4.099   4.154   16.155  1.00 47.29 ? 51  GLU B CD  1 
ATOM   390  O OE1 . GLU A 1 45  ? 4.423   3.880   17.322  1.00 57.75 ? 51  GLU B OE1 1 
ATOM   391  O OE2 . GLU A 1 45  ? 4.232   3.348   15.204  1.00 59.17 ? 51  GLU B OE2 1 
ATOM   392  N N   . ARG A 1 46  ? -0.984  6.407   14.724  1.00 22.44 ? 52  ARG B N   1 
ATOM   393  C CA  . ARG A 1 46  ? -2.200  5.890   14.024  1.00 21.74 ? 52  ARG B CA  1 
ATOM   394  C C   . ARG A 1 46  ? -2.655  6.882   12.943  1.00 20.60 ? 52  ARG B C   1 
ATOM   395  O O   . ARG A 1 46  ? -2.727  8.100   13.230  1.00 20.34 ? 52  ARG B O   1 
ATOM   396  C CB  . ARG A 1 46  ? -3.342  5.627   15.011  1.00 22.61 ? 52  ARG B CB  1 
ATOM   397  C CG  . ARG A 1 46  ? -3.132  4.438   15.931  1.00 22.41 ? 52  ARG B CG  1 
ATOM   398  C CD  . ARG A 1 46  ? -4.430  4.054   16.640  1.00 22.07 ? 52  ARG B CD  1 
ATOM   399  N NE  . ARG A 1 46  ? -4.125  3.124   17.706  1.00 22.93 ? 52  ARG B NE  1 
ATOM   400  C CZ  . ARG A 1 46  ? -3.737  1.876   17.532  1.00 23.81 ? 52  ARG B CZ  1 
ATOM   401  N NH1 . ARG A 1 46  ? -3.652  1.339   16.318  1.00 23.08 ? 52  ARG B NH1 1 
ATOM   402  N NH2 . ARG A 1 46  ? -3.432  1.150   18.587  1.00 24.67 ? 52  ARG B NH2 1 
ATOM   403  N N   . PHE A 1 47  ? -2.950  6.394   11.735  1.00 18.43 ? 53  PHE B N   1 
ATOM   404  C CA  . PHE A 1 47  ? -3.609  7.206   10.687  1.00 17.96 ? 53  PHE B CA  1 
ATOM   405  C C   . PHE A 1 47  ? -5.028  7.509   11.190  1.00 18.19 ? 53  PHE B C   1 
ATOM   406  O O   . PHE A 1 47  ? -5.748  6.582   11.468  1.00 17.94 ? 53  PHE B O   1 
ATOM   407  C CB  . PHE A 1 47  ? -3.609  6.512   9.328   1.00 17.19 ? 53  PHE B CB  1 
ATOM   408  C CG  . PHE A 1 47  ? -2.264  6.470   8.649   1.00 17.28 ? 53  PHE B CG  1 
ATOM   409  C CD1 . PHE A 1 47  ? -1.770  7.585   7.978   1.00 17.09 ? 53  PHE B CD1 1 
ATOM   410  C CD2 . PHE A 1 47  ? -1.503  5.317   8.679   1.00 17.74 ? 53  PHE B CD2 1 
ATOM   411  C CE1 . PHE A 1 47  ? -0.547  7.514   7.317   1.00 17.65 ? 53  PHE B CE1 1 
ATOM   412  C CE2 . PHE A 1 47  ? -0.273  5.260   8.033   1.00 17.79 ? 53  PHE B CE2 1 
ATOM   413  C CZ  . PHE A 1 47  ? 0.210   6.367   7.379   1.00 16.73 ? 53  PHE B CZ  1 
ATOM   414  N N   . SER A 1 48  ? -5.369  8.775   11.328  1.00 19.78 ? 54  SER B N   1 
ATOM   415  C CA  . SER A 1 48  ? -6.655  9.188   11.951  1.00 20.58 ? 54  SER B CA  1 
ATOM   416  C C   . SER A 1 48  ? -7.779  9.220   10.911  1.00 20.81 ? 54  SER B C   1 
ATOM   417  O O   . SER A 1 48  ? -8.889  8.749   11.231  1.00 24.50 ? 54  SER B O   1 
ATOM   418  C CB  . SER A 1 48  ? -6.502  10.488  12.665  1.00 20.72 ? 54  SER B CB  1 
ATOM   419  O OG  . SER A 1 48  ? -6.231  11.534  11.759  1.00 21.49 ? 54  SER B OG  1 
ATOM   420  N N   . ASN A 1 49  ? -7.543  9.734   9.711   1.00 20.37 ? 55  ASN B N   1 
ATOM   421  C CA  . ASN A 1 49  ? -8.647  10.126  8.796   1.00 21.03 ? 55  ASN B CA  1 
ATOM   422  C C   . ASN A 1 49  ? -8.983  9.014   7.801   1.00 20.25 ? 55  ASN B C   1 
ATOM   423  O O   . ASN A 1 49  ? -10.060 9.085   7.187   1.00 20.02 ? 55  ASN B O   1 
ATOM   424  C CB  . ASN A 1 49  ? -8.343  11.417  8.046   1.00 21.91 ? 55  ASN B CB  1 
ATOM   425  C CG  . ASN A 1 49  ? -8.382  12.639  8.946   1.00 24.19 ? 55  ASN B CG  1 
ATOM   426  O OD1 . ASN A 1 49  ? -7.889  12.613  10.078  1.00 24.98 ? 55  ASN B OD1 1 
ATOM   427  N ND2 . ASN A 1 49  ? -8.908  13.732  8.422   1.00 24.70 ? 55  ASN B ND2 1 
ATOM   428  N N   . TYR A 1 50  ? -8.090  8.049   7.597   1.00 18.89 ? 56  TYR B N   1 
ATOM   429  C CA  . TYR A 1 50  ? -8.266  7.038   6.522   1.00 18.10 ? 56  TYR B CA  1 
ATOM   430  C C   . TYR A 1 50  ? -7.979  5.656   7.071   1.00 17.09 ? 56  TYR B C   1 
ATOM   431  O O   . TYR A 1 50  ? -7.209  5.513   8.021   1.00 18.73 ? 56  TYR B O   1 
ATOM   432  C CB  . TYR A 1 50  ? -7.340  7.350   5.345   1.00 18.73 ? 56  TYR B CB  1 
ATOM   433  C CG  . TYR A 1 50  ? -7.343  8.795   4.911   1.00 19.46 ? 56  TYR B CG  1 
ATOM   434  C CD1 . TYR A 1 50  ? -8.346  9.319   4.107   1.00 21.63 ? 56  TYR B CD1 1 
ATOM   435  C CD2 . TYR A 1 50  ? -6.342  9.653   5.315   1.00 21.34 ? 56  TYR B CD2 1 
ATOM   436  C CE1 . TYR A 1 50  ? -8.349  10.654  3.716   1.00 21.52 ? 56  TYR B CE1 1 
ATOM   437  C CE2 . TYR A 1 50  ? -6.331  10.989  4.941   1.00 21.66 ? 56  TYR B CE2 1 
ATOM   438  C CZ  . TYR A 1 50  ? -7.336  11.493  4.138   1.00 22.31 ? 56  TYR B CZ  1 
ATOM   439  O OH  . TYR A 1 50  ? -7.283  12.812  3.768   1.00 23.29 ? 56  TYR B OH  1 
ATOM   440  N N   . PRO A 1 51  ? -8.522  4.600   6.440   1.00 16.75 ? 57  PRO B N   1 
ATOM   441  C CA  . PRO A 1 51  ? -8.269  3.223   6.878   1.00 16.72 ? 57  PRO B CA  1 
ATOM   442  C C   . PRO A 1 51  ? -6.906  2.677   6.413   1.00 17.47 ? 57  PRO B C   1 
ATOM   443  O O   . PRO A 1 51  ? -6.873  1.686   5.685   1.00 17.64 ? 57  PRO B O   1 
ATOM   444  C CB  . PRO A 1 51  ? -9.408  2.420   6.229   1.00 17.80 ? 57  PRO B CB  1 
ATOM   445  C CG  . PRO A 1 51  ? -10.337 3.470   5.620   1.00 17.70 ? 57  PRO B CG  1 
ATOM   446  C CD  . PRO A 1 51  ? -9.477  4.675   5.340   1.00 16.62 ? 57  PRO B CD  1 
ATOM   447  N N   . MET A 1 52  ? -5.819  3.299   6.887   1.00 16.21 ? 58  MET B N   1 
ATOM   448  C CA  . MET A 1 52  ? -4.431  3.025   6.446   1.00 15.25 ? 58  MET B CA  1 
ATOM   449  C C   . MET A 1 52  ? -3.643  2.329   7.559   1.00 15.78 ? 58  MET B C   1 
ATOM   450  O O   . MET A 1 52  ? -3.957  2.508   8.735   1.00 16.69 ? 58  MET B O   1 
ATOM   451  C CB  . MET A 1 52  ? -3.754  4.354   6.076   1.00 15.46 ? 58  MET B CB  1 
ATOM   452  C CG  . MET A 1 52  ? -4.376  5.026   4.871   1.00 14.44 ? 58  MET B CG  1 
ATOM   453  S SD  . MET A 1 52  ? -3.790  6.769   4.711   1.00 16.91 ? 58  MET B SD  1 
ATOM   454  C CE  . MET A 1 52  ? -4.547  7.291   3.176   1.00 17.65 ? 58  MET B CE  1 
ATOM   455  N N   . VAL A 1 53  ? -2.574  1.622   7.192   1.00 15.17 ? 59  VAL B N   1 
ATOM   456  C CA  . VAL A 1 53  ? -1.666  0.929   8.135   1.00 16.04 ? 59  VAL B CA  1 
ATOM   457  C C   . VAL A 1 53  ? -0.327  0.758   7.399   1.00 16.87 ? 59  VAL B C   1 
ATOM   458  O O   . VAL A 1 53  ? -0.349  0.683   6.138   1.00 16.54 ? 59  VAL B O   1 
ATOM   459  C CB  . VAL A 1 53  ? -2.262  -0.415  8.600   1.00 15.72 ? 59  VAL B CB  1 
ATOM   460  C CG1 . VAL A 1 53  ? -2.441  -1.393  7.461   1.00 16.31 ? 59  VAL B CG1 1 
ATOM   461  C CG2 . VAL A 1 53  ? -1.423  -1.029  9.709   1.00 15.90 ? 59  VAL B CG2 1 
ATOM   462  N N   . LEU A 1 54  ? 0.767   0.700   8.142   1.00 15.27 ? 60  LEU B N   1 
ATOM   463  C CA  . LEU A 1 54  ? 2.118   0.480   7.565   1.00 16.23 ? 60  LEU B CA  1 
ATOM   464  C C   . LEU A 1 54  ? 2.599   -0.938  7.854   1.00 17.67 ? 60  LEU B C   1 
ATOM   465  O O   . LEU A 1 54  ? 2.226   -1.527  8.910   1.00 18.07 ? 60  LEU B O   1 
ATOM   466  C CB  . LEU A 1 54  ? 3.111   1.482   8.146   1.00 15.95 ? 60  LEU B CB  1 
ATOM   467  C CG  . LEU A 1 54  ? 2.735   2.952   8.041   1.00 16.03 ? 60  LEU B CG  1 
ATOM   468  C CD1 . LEU A 1 54  ? 3.880   3.836   8.498   1.00 16.19 ? 60  LEU B CD1 1 
ATOM   469  C CD2 . LEU A 1 54  ? 2.316   3.323   6.624   1.00 15.79 ? 60  LEU B CD2 1 
ATOM   470  N N   . GLY A 1 55  ? 3.446   -1.455  6.963   1.00 17.32 ? 61  GLY B N   1 
ATOM   471  C CA  . GLY A 1 55  ? 4.259   -2.641  7.288   1.00 17.74 ? 61  GLY B CA  1 
ATOM   472  C C   . GLY A 1 55  ? 5.261   -2.296  8.386   1.00 17.78 ? 61  GLY B C   1 
ATOM   473  O O   . GLY A 1 55  ? 5.624   -1.094  8.524   1.00 19.05 ? 61  GLY B O   1 
ATOM   474  N N   . ALA A 1 56  ? 5.699   -3.289  9.151   1.00 17.57 ? 62  ALA B N   1 
ATOM   475  C CA  . ALA A 1 56  ? 6.693   -3.133  10.246  1.00 19.42 ? 62  ALA B CA  1 
ATOM   476  C C   . ALA A 1 56  ? 8.096   -2.865  9.675   1.00 20.97 ? 62  ALA B C   1 
ATOM   477  O O   . ALA A 1 56  ? 8.876   -2.093  10.297  1.00 23.88 ? 62  ALA B O   1 
ATOM   478  C CB  . ALA A 1 56  ? 6.688   -4.378  11.084  1.00 20.69 ? 62  ALA B CB  1 
ATOM   479  N N   . GLN A 1 57  ? 8.392   -3.441  8.514   1.00 20.45 ? 63  GLN B N   1 
ATOM   480  C CA  . GLN A 1 57  ? 9.743   -3.436  7.912   1.00 21.50 ? 63  GLN B CA  1 
ATOM   481  C C   . GLN A 1 57  ? 10.075  -2.004  7.473   1.00 22.56 ? 63  GLN B C   1 
ATOM   482  O O   . GLN A 1 57  ? 9.185   -1.325  6.946   1.00 20.15 ? 63  GLN B O   1 
ATOM   483  C CB  . GLN A 1 57  ? 9.808   -4.446  6.758   1.00 22.59 ? 63  GLN B CB  1 
ATOM   484  C CG  . GLN A 1 57  ? 9.746   -5.900  7.205   1.00 23.78 ? 63  GLN B CG  1 
ATOM   485  C CD  . GLN A 1 57  ? 8.376   -6.332  7.686   1.00 23.26 ? 63  GLN B CD  1 
ATOM   486  O OE1 . GLN A 1 57  ? 7.346   -5.894  7.191   1.00 23.20 ? 63  GLN B OE1 1 
ATOM   487  N NE2 . GLN A 1 57  ? 8.344   -7.220  8.661   1.00 24.67 ? 63  GLN B NE2 1 
ATOM   488  N N   . ARG A 1 58  ? 11.309  -1.566  7.751   1.00 22.15 ? 64  ARG B N   1 
ATOM   489  C CA  . ARG A 1 58  ? 11.912  -0.294  7.281   1.00 23.10 ? 64  ARG B CA  1 
ATOM   490  C C   . ARG A 1 58  ? 12.995  -0.647  6.254   1.00 22.53 ? 64  ARG B C   1 
ATOM   491  O O   . ARG A 1 58  ? 13.772  -1.581  6.519   1.00 22.20 ? 64  ARG B O   1 
ATOM   492  C CB  . ARG A 1 58  ? 12.533  0.495   8.441   1.00 27.23 ? 64  ARG B CB  1 
ATOM   493  C CG  . ARG A 1 58  ? 11.551  1.235   9.349   1.00 31.49 ? 64  ARG B CG  1 
ATOM   494  C CD  . ARG A 1 58  ? 10.619  0.292   10.091  1.00 35.98 ? 64  ARG B CD  1 
ATOM   495  N NE  . ARG A 1 58  ? 9.819   0.683   11.260  1.00 38.19 ? 64  ARG B NE  1 
ATOM   496  C CZ  . ARG A 1 58  ? 9.875   1.812   11.967  1.00 40.36 ? 64  ARG B CZ  1 
ATOM   497  N NH1 . ARG A 1 58  ? 9.070   1.952   13.000  1.00 40.12 ? 64  ARG B NH1 1 
ATOM   498  N NH2 . ARG A 1 58  ? 10.702  2.797   11.683  1.00 44.93 ? 64  ARG B NH2 1 
ATOM   499  N N   . PHE A 1 59  ? 13.021  0.032   5.106   1.00 20.32 ? 65  PHE B N   1 
ATOM   500  C CA  . PHE A 1 59  ? 14.012  -0.205  4.023   1.00 20.19 ? 65  PHE B CA  1 
ATOM   501  C C   . PHE A 1 59  ? 14.759  1.095   3.751   1.00 18.90 ? 65  PHE B C   1 
ATOM   502  O O   . PHE A 1 59  ? 14.115  2.124   3.528   1.00 18.89 ? 65  PHE B O   1 
ATOM   503  C CB  . PHE A 1 59  ? 13.340  -0.674  2.731   1.00 21.77 ? 65  PHE B CB  1 
ATOM   504  C CG  . PHE A 1 59  ? 12.469  -1.883  2.913   1.00 23.48 ? 65  PHE B CG  1 
ATOM   505  C CD1 . PHE A 1 59  ? 12.991  -3.030  3.475   1.00 26.16 ? 65  PHE B CD1 1 
ATOM   506  C CD2 . PHE A 1 59  ? 11.143  -1.866  2.545   1.00 26.85 ? 65  PHE B CD2 1 
ATOM   507  C CE1 . PHE A 1 59  ? 12.207  -4.154  3.660   1.00 28.30 ? 65  PHE B CE1 1 
ATOM   508  C CE2 . PHE A 1 59  ? 10.360  -2.996  2.731   1.00 27.52 ? 65  PHE B CE2 1 
ATOM   509  C CZ  . PHE A 1 59  ? 10.893  -4.126  3.291   1.00 26.91 ? 65  PHE B CZ  1 
ATOM   510  N N   A SER A 1 60  ? 16.094  1.032   3.747   0.25 18.46 ? 66  SER B N   1 
ATOM   511  N N   B SER A 1 60  ? 16.095  1.040   3.765   0.25 19.32 ? 66  SER B N   1 
ATOM   512  C CA  A SER A 1 60  ? 16.996  2.186   3.504   0.25 18.57 ? 66  SER B CA  1 
ATOM   513  C CA  B SER A 1 60  ? 16.999  2.193   3.518   0.25 20.02 ? 66  SER B CA  1 
ATOM   514  C C   A SER A 1 60  ? 18.072  1.804   2.480   0.25 18.99 ? 66  SER B C   1 
ATOM   515  C C   B SER A 1 60  ? 18.019  1.836   2.434   0.25 20.70 ? 66  SER B C   1 
ATOM   516  O O   A SER A 1 60  ? 18.965  2.626   2.222   0.25 18.45 ? 66  SER B O   1 
ATOM   517  O O   B SER A 1 60  ? 18.910  2.657   2.161   0.25 20.09 ? 66  SER B O   1 
ATOM   518  C CB  A SER A 1 60  ? 17.595  2.674   4.798   0.25 18.48 ? 66  SER B CB  1 
ATOM   519  C CB  B SER A 1 60  ? 17.683  2.629   4.788   0.25 20.20 ? 66  SER B CB  1 
ATOM   520  O OG  A SER A 1 60  ? 16.636  3.414   5.550   0.25 17.69 ? 66  SER B OG  1 
ATOM   521  O OG  B SER A 1 60  ? 18.356  1.545   5.408   0.25 20.18 ? 66  SER B OG  1 
ATOM   522  N N   A SER A 1 61  ? 17.978  0.599   1.910   0.25 19.57 ? 67  SER B N   1 
ATOM   523  N N   B SER A 1 61  ? 17.891  0.650   1.837   0.25 21.69 ? 67  SER B N   1 
ATOM   524  C CA  A SER A 1 61  ? 18.916  0.098   0.874   0.25 19.58 ? 67  SER B CA  1 
ATOM   525  C CA  B SER A 1 61  ? 18.859  0.126   0.844   0.25 21.86 ? 67  SER B CA  1 
ATOM   526  C C   A SER A 1 61  ? 18.322  -1.116  0.156   0.25 20.36 ? 67  SER B C   1 
ATOM   527  C C   B SER A 1 61  ? 18.295  -1.106  0.137   0.25 21.66 ? 67  SER B C   1 
ATOM   528  O O   A SER A 1 61  ? 17.336  -1.682  0.662   0.25 19.71 ? 67  SER B O   1 
ATOM   529  O O   B SER A 1 61  ? 17.310  -1.679  0.636   0.25 20.87 ? 67  SER B O   1 
ATOM   530  C CB  A SER A 1 61  ? 20.255  -0.234  1.487   0.25 19.41 ? 67  SER B CB  1 
ATOM   531  C CB  B SER A 1 61  ? 20.169  -0.190  1.512   0.25 22.65 ? 67  SER B CB  1 
ATOM   532  O OG  A SER A 1 61  ? 20.204  -1.460  2.202   0.25 17.62 ? 67  SER B OG  1 
ATOM   533  O OG  B SER A 1 61  ? 21.125  -0.613  0.554   0.25 22.83 ? 67  SER B OG  1 
ATOM   534  N N   . GLY A 1 62  ? 18.925  -1.493  -0.976  1.00 21.27 ? 68  GLY B N   1 
ATOM   535  C CA  . GLY A 1 62  ? 18.668  -2.787  -1.632  1.00 22.77 ? 68  GLY B CA  1 
ATOM   536  C C   . GLY A 1 62  ? 17.403  -2.828  -2.476  1.00 23.21 ? 68  GLY B C   1 
ATOM   537  O O   . GLY A 1 62  ? 16.799  -1.765  -2.764  1.00 19.70 ? 68  GLY B O   1 
ATOM   538  N N   . LYS A 1 63  ? 17.061  -4.042  -2.902  1.00 22.03 ? 69  LYS B N   1 
ATOM   539  C CA  . LYS A 1 63  ? 15.920  -4.319  -3.795  1.00 22.92 ? 69  LYS B CA  1 
ATOM   540  C C   . LYS A 1 63  ? 14.965  -5.201  -3.007  1.00 21.70 ? 69  LYS B C   1 
ATOM   541  O O   . LYS A 1 63  ? 15.447  -6.094  -2.325  1.00 21.61 ? 69  LYS B O   1 
ATOM   542  C CB  . LYS A 1 63  ? 16.375  -4.974  -5.099  1.00 25.05 ? 69  LYS B CB  1 
ATOM   543  C CG  . LYS A 1 63  ? 17.307  -4.127  -5.954  1.00 26.75 ? 69  LYS B CG  1 
ATOM   544  C CD  . LYS A 1 63  ? 17.988  -4.931  -7.054  1.00 28.02 ? 69  LYS B CD  1 
ATOM   545  C CE  . LYS A 1 63  ? 18.895  -4.076  -7.906  1.00 29.23 ? 69  LYS B CE  1 
ATOM   546  N NZ  . LYS A 1 63  ? 19.303  -4.803  -9.126  1.00 32.31 ? 69  LYS B NZ  1 
ATOM   547  N N   . MET A 1 64  ? 13.674  -4.877  -3.054  1.00 20.93 ? 70  MET B N   1 
ATOM   548  C CA  . MET A 1 64  ? 12.603  -5.479  -2.224  1.00 20.07 ? 70  MET B CA  1 
ATOM   549  C C   . MET A 1 64  ? 11.389  -5.730  -3.110  1.00 18.85 ? 70  MET B C   1 
ATOM   550  O O   . MET A 1 64  ? 11.058  -4.871  -3.911  1.00 17.73 ? 70  MET B O   1 
ATOM   551  C CB  . MET A 1 64  ? 12.176  -4.529  -1.110  1.00 20.75 ? 70  MET B CB  1 
ATOM   552  C CG  . MET A 1 64  ? 13.107  -4.505  0.076   1.00 24.11 ? 70  MET B CG  1 
ATOM   553  S SD  . MET A 1 64  ? 14.641  -3.583  -0.126  1.00 24.33 ? 70  MET B SD  1 
ATOM   554  C CE  . MET A 1 64  ? 14.098  -1.960  -0.656  1.00 22.99 ? 70  MET B CE  1 
ATOM   555  N N   . TYR A 1 65  ? 10.762  -6.885  -2.978  1.00 18.12 ? 71  TYR B N   1 
ATOM   556  C CA  . TYR A 1 65  ? 9.558   -7.260  -3.755  1.00 18.42 ? 71  TYR B CA  1 
ATOM   557  C C   . TYR A 1 65  ? 8.558   -7.904  -2.802  1.00 18.13 ? 71  TYR B C   1 
ATOM   558  O O   . TYR A 1 65  ? 8.937   -8.739  -1.954  1.00 19.36 ? 71  TYR B O   1 
ATOM   559  C CB  . TYR A 1 65  ? 9.929   -8.186  -4.921  1.00 20.11 ? 71  TYR B CB  1 
ATOM   560  C CG  . TYR A 1 65  ? 8.742   -8.651  -5.728  1.00 18.68 ? 71  TYR B CG  1 
ATOM   561  C CD1 . TYR A 1 65  ? 8.191   -7.839  -6.705  1.00 19.60 ? 71  TYR B CD1 1 
ATOM   562  C CD2 . TYR A 1 65  ? 8.157   -9.887  -5.490  1.00 20.20 ? 71  TYR B CD2 1 
ATOM   563  C CE1 . TYR A 1 65  ? 7.080   -8.244  -7.433  1.00 20.17 ? 71  TYR B CE1 1 
ATOM   564  C CE2 . TYR A 1 65  ? 7.048   -10.312 -6.206  1.00 20.24 ? 71  TYR B CE2 1 
ATOM   565  C CZ  . TYR A 1 65  ? 6.520   -9.493  -7.191  1.00 20.79 ? 71  TYR B CZ  1 
ATOM   566  O OH  . TYR A 1 65  ? 5.443   -9.906  -7.908  1.00 21.76 ? 71  TYR B OH  1 
ATOM   567  N N   . TRP A 1 66  ? 7.292   -7.528  -2.912  1.00 17.84 ? 72  TRP B N   1 
ATOM   568  C CA  . TRP A 1 66  ? 6.209   -8.257  -2.211  1.00 18.11 ? 72  TRP B CA  1 
ATOM   569  C C   . TRP A 1 66  ? 4.916   -8.194  -3.036  1.00 18.73 ? 72  TRP B C   1 
ATOM   570  O O   . TRP A 1 66  ? 4.840   -7.360  -3.986  1.00 17.80 ? 72  TRP B O   1 
ATOM   571  C CB  . TRP A 1 66  ? 6.012   -7.753  -0.769  1.00 17.77 ? 72  TRP B CB  1 
ATOM   572  C CG  . TRP A 1 66  ? 5.538   -6.336  -0.621  1.00 17.11 ? 72  TRP B CG  1 
ATOM   573  C CD1 . TRP A 1 66  ? 4.252   -5.906  -0.404  1.00 17.68 ? 72  TRP B CD1 1 
ATOM   574  C CD2 . TRP A 1 66  ? 6.353   -5.158  -0.605  1.00 17.79 ? 72  TRP B CD2 1 
ATOM   575  N NE1 . TRP A 1 66  ? 4.227   -4.543  -0.244  1.00 18.34 ? 72  TRP B NE1 1 
ATOM   576  C CE2 . TRP A 1 66  ? 5.493   -4.051  -0.414  1.00 17.46 ? 72  TRP B CE2 1 
ATOM   577  C CE3 . TRP A 1 66  ? 7.727   -4.939  -0.756  1.00 18.17 ? 72  TRP B CE3 1 
ATOM   578  C CZ2 . TRP A 1 66  ? 5.969   -2.745  -0.350  1.00 19.01 ? 72  TRP B CZ2 1 
ATOM   579  C CZ3 . TRP A 1 66  ? 8.199   -3.647  -0.719  1.00 19.55 ? 72  TRP B CZ3 1 
ATOM   580  C CH2 . TRP A 1 66  ? 7.333   -2.572  -0.499  1.00 18.68 ? 72  TRP B CH2 1 
ATOM   581  N N   . GLU A 1 67  ? 3.938   -9.029  -2.662  1.00 17.84 ? 73  GLU B N   1 
ATOM   582  C CA  . GLU A 1 67  ? 2.653   -9.150  -3.390  1.00 17.98 ? 73  GLU B CA  1 
ATOM   583  C C   . GLU A 1 67  ? 1.494   -8.978  -2.425  1.00 17.11 ? 73  GLU B C   1 
ATOM   584  O O   . GLU A 1 67  ? 1.576   -9.486  -1.298  1.00 17.95 ? 73  GLU B O   1 
ATOM   585  C CB  . GLU A 1 67  ? 2.598   -10.479 -4.133  1.00 19.53 ? 73  GLU B CB  1 
ATOM   586  C CG  . GLU A 1 67  ? 3.668   -10.566 -5.216  1.00 21.93 ? 73  GLU B CG  1 
ATOM   587  C CD  . GLU A 1 67  ? 3.659   -11.842 -6.027  1.00 24.73 ? 73  GLU B CD  1 
ATOM   588  O OE1 . GLU A 1 67  ? 2.951   -12.774 -5.589  1.00 27.58 ? 73  GLU B OE1 1 
ATOM   589  O OE2 . GLU A 1 67  ? 4.326   -11.892 -7.103  1.00 25.33 ? 73  GLU B OE2 1 
ATOM   590  N N   . VAL A 1 68  ? 0.424   -8.356  -2.911  1.00 17.53 ? 74  VAL B N   1 
ATOM   591  C CA  . VAL A 1 68  ? -0.795  -8.067  -2.105  1.00 17.71 ? 74  VAL B CA  1 
ATOM   592  C C   . VAL A 1 68  ? -2.019  -8.575  -2.868  1.00 17.77 ? 74  VAL B C   1 
ATOM   593  O O   . VAL A 1 68  ? -2.130  -8.257  -4.062  1.00 17.30 ? 74  VAL B O   1 
ATOM   594  C CB  . VAL A 1 68  ? -0.929  -6.565  -1.798  1.00 17.59 ? 74  VAL B CB  1 
ATOM   595  C CG1 . VAL A 1 68  ? -2.069  -6.326  -0.811  1.00 17.94 ? 74  VAL B CG1 1 
ATOM   596  C CG2 . VAL A 1 68  ? 0.372   -5.966  -1.300  1.00 17.40 ? 74  VAL B CG2 1 
ATOM   597  N N   . ASP A 1 69  ? -2.900  -9.305  -2.185  1.00 17.71 ? 75  ASP B N   1 
ATOM   598  C CA  . ASP A 1 69  ? -4.202  -9.783  -2.724  1.00 19.63 ? 75  ASP B CA  1 
ATOM   599  C C   . ASP A 1 69  ? -5.242  -8.681  -2.513  1.00 18.99 ? 75  ASP B C   1 
ATOM   600  O O   . ASP A 1 69  ? -5.355  -8.169  -1.372  1.00 18.27 ? 75  ASP B O   1 
ATOM   601  C CB  . ASP A 1 69  ? -4.625  -11.112 -2.090  1.00 21.23 ? 75  ASP B CB  1 
ATOM   602  C CG  . ASP A 1 69  ? -5.740  -11.781 -2.873  1.00 22.41 ? 75  ASP B CG  1 
ATOM   603  O OD1 . ASP A 1 69  ? -6.835  -11.250 -2.894  1.00 24.58 ? 75  ASP B OD1 1 
ATOM   604  O OD2 . ASP A 1 69  ? -5.477  -12.770 -3.526  1.00 29.04 ? 75  ASP B OD2 1 
ATOM   605  N N   . VAL A 1 70  ? -5.930  -8.300  -3.591  1.00 18.76 ? 76  VAL B N   1 
ATOM   606  C CA  . VAL A 1 70  ? -6.970  -7.239  -3.607  1.00 19.76 ? 76  VAL B CA  1 
ATOM   607  C C   . VAL A 1 70  ? -8.303  -7.816  -4.119  1.00 19.57 ? 76  VAL B C   1 
ATOM   608  O O   . VAL A 1 70  ? -9.190  -7.034  -4.472  1.00 19.69 ? 76  VAL B O   1 
ATOM   609  C CB  . VAL A 1 70  ? -6.477  -6.034  -4.441  1.00 18.90 ? 76  VAL B CB  1 
ATOM   610  C CG1 . VAL A 1 70  ? -5.199  -5.434  -3.864  1.00 19.22 ? 76  VAL B CG1 1 
ATOM   611  C CG2 . VAL A 1 70  ? -6.274  -6.398  -5.910  1.00 19.10 ? 76  VAL B CG2 1 
ATOM   612  N N   . THR A 1 71  ? -8.451  -9.138  -4.160  1.00 20.51 ? 77  THR B N   1 
ATOM   613  C CA  . THR A 1 71  ? -9.664  -9.831  -4.646  1.00 21.42 ? 77  THR B CA  1 
ATOM   614  C C   . THR A 1 71  ? -10.936 -9.200  -4.057  1.00 21.55 ? 77  THR B C   1 
ATOM   615  O O   . THR A 1 71  ? -11.009 -8.993  -2.818  1.00 18.56 ? 77  THR B O   1 
ATOM   616  C CB  . THR A 1 71  ? -9.611  -11.334 -4.342  1.00 21.66 ? 77  THR B CB  1 
ATOM   617  O OG1 . THR A 1 71  ? -8.410  -11.873 -4.899  1.00 23.16 ? 77  THR B OG1 1 
ATOM   618  C CG2 . THR A 1 71  ? -10.812 -12.039 -4.920  1.00 23.69 ? 77  THR B CG2 1 
ATOM   619  N N   . GLN A 1 72  ? -11.873 -8.909  -4.960  1.00 24.16 ? 78  GLN B N   1 
ATOM   620  C CA  . GLN A 1 72  ? -13.268 -8.421  -4.757  1.00 28.06 ? 78  GLN B CA  1 
ATOM   621  C C   . GLN A 1 72  ? -13.318 -7.025  -4.112  1.00 27.11 ? 78  GLN B C   1 
ATOM   622  O O   . GLN A 1 72  ? -14.423 -6.601  -3.749  1.00 29.67 ? 78  GLN B O   1 
ATOM   623  C CB  . GLN A 1 72  ? -14.119 -9.464  -4.016  1.00 34.28 ? 78  GLN B CB  1 
ATOM   624  C CG  . GLN A 1 72  ? -13.686 -9.773  -2.588  1.00 41.92 ? 78  GLN B CG  1 
ATOM   625  C CD  . GLN A 1 72  ? -14.789 -10.267 -1.671  1.00 50.72 ? 78  GLN B CD  1 
ATOM   626  O OE1 . GLN A 1 72  ? -14.646 -11.285 -0.986  1.00 54.62 ? 78  GLN B OE1 1 
ATOM   627  N NE2 . GLN A 1 72  ? -15.875 -9.508  -1.579  1.00 54.65 ? 78  GLN B NE2 1 
ATOM   628  N N   . LYS A 1 73  ? -12.212 -6.289  -4.003  1.00 22.61 ? 79  LYS B N   1 
ATOM   629  C CA  . LYS A 1 73  ? -12.255 -4.920  -3.428  1.00 20.36 ? 79  LYS B CA  1 
ATOM   630  C C   . LYS A 1 73  ? -12.622 -3.883  -4.506  1.00 19.60 ? 79  LYS B C   1 
ATOM   631  O O   . LYS A 1 73  ? -12.273 -4.079  -5.715  1.00 18.76 ? 79  LYS B O   1 
ATOM   632  C CB  . LYS A 1 73  ? -10.944 -4.603  -2.714  1.00 19.85 ? 79  LYS B CB  1 
ATOM   633  C CG  . LYS A 1 73  ? -10.673 -5.465  -1.485  1.00 19.09 ? 79  LYS B CG  1 
ATOM   634  C CD  . LYS A 1 73  ? -9.537  -4.943  -0.602  1.00 19.72 ? 79  LYS B CD  1 
ATOM   635  C CE  . LYS A 1 73  ? -9.774  -3.551  -0.062  1.00 18.93 ? 79  LYS B CE  1 
ATOM   636  N NZ  . LYS A 1 73  ? -11.033 -3.452  0.731   1.00 19.15 ? 79  LYS B NZ  1 
ATOM   637  N N   . GLU A 1 74  ? -13.378 -2.863  -4.089  1.00 17.44 ? 80  GLU B N   1 
ATOM   638  C CA  . GLU A 1 74  ? -13.854 -1.731  -4.926  1.00 19.26 ? 80  GLU B CA  1 
ATOM   639  C C   . GLU A 1 74  ? -12.885 -0.544  -4.812  1.00 18.10 ? 80  GLU B C   1 
ATOM   640  O O   . GLU A 1 74  ? -12.890 0.310   -5.698  1.00 16.15 ? 80  GLU B O   1 
ATOM   641  C CB  . GLU A 1 74  ? -15.239 -1.257  -4.466  1.00 18.55 ? 80  GLU B CB  1 
ATOM   642  C CG  . GLU A 1 74  ? -16.340 -2.237  -4.759  1.00 19.50 ? 80  GLU B CG  1 
ATOM   643  C CD  . GLU A 1 74  ? -17.700 -1.781  -4.222  1.00 21.30 ? 80  GLU B CD  1 
ATOM   644  O OE1 . GLU A 1 74  ? -18.698 -2.397  -4.600  1.00 20.99 ? 80  GLU B OE1 1 
ATOM   645  O OE2 . GLU A 1 74  ? -17.742 -0.796  -3.420  1.00 22.56 ? 80  GLU B OE2 1 
ATOM   646  N N   . ALA A 1 75  ? -12.135 -0.458  -3.715  1.00 17.95 ? 81  ALA B N   1 
ATOM   647  C CA  . ALA A 1 75  ? -11.268 0.702   -3.427  1.00 17.75 ? 81  ALA B CA  1 
ATOM   648  C C   . ALA A 1 75  ? -10.102 0.260   -2.549  1.00 16.99 ? 81  ALA B C   1 
ATOM   649  O O   . ALA A 1 75  ? -10.322 -0.477  -1.563  1.00 17.22 ? 81  ALA B O   1 
ATOM   650  C CB  . ALA A 1 75  ? -12.066 1.787   -2.749  1.00 17.38 ? 81  ALA B CB  1 
ATOM   651  N N   . TRP A 1 76  ? -8.910  0.739   -2.863  1.00 17.25 ? 82  TRP B N   1 
ATOM   652  C CA  . TRP A 1 76  ? -7.692  0.486   -2.043  1.00 16.38 ? 82  TRP B CA  1 
ATOM   653  C C   . TRP A 1 76  ? -6.588  1.388   -2.556  1.00 15.81 ? 82  TRP B C   1 
ATOM   654  O O   . TRP A 1 76  ? -6.713  1.874   -3.702  1.00 15.57 ? 82  TRP B O   1 
ATOM   655  C CB  . TRP A 1 76  ? -7.281  -1.005  -2.036  1.00 16.39 ? 82  TRP B CB  1 
ATOM   656  C CG  . TRP A 1 76  ? -7.212  -1.645  -3.384  1.00 15.97 ? 82  TRP B CG  1 
ATOM   657  C CD1 . TRP A 1 76  ? -8.180  -2.403  -3.963  1.00 16.49 ? 82  TRP B CD1 1 
ATOM   658  C CD2 . TRP A 1 76  ? -6.183  -1.492  -4.377  1.00 15.83 ? 82  TRP B CD2 1 
ATOM   659  N NE1 . TRP A 1 76  ? -7.811  -2.775  -5.226  1.00 16.50 ? 82  TRP B NE1 1 
ATOM   660  C CE2 . TRP A 1 76  ? -6.591  -2.227  -5.510  1.00 16.43 ? 82  TRP B CE2 1 
ATOM   661  C CE3 . TRP A 1 76  ? -4.970  -0.796  -4.431  1.00 16.48 ? 82  TRP B CE3 1 
ATOM   662  C CZ2 . TRP A 1 76  ? -5.816  -2.324  -6.667  1.00 16.18 ? 82  TRP B CZ2 1 
ATOM   663  C CZ3 . TRP A 1 76  ? -4.199  -0.891  -5.573  1.00 16.13 ? 82  TRP B CZ3 1 
ATOM   664  C CH2 . TRP A 1 76  ? -4.611  -1.659  -6.667  1.00 16.35 ? 82  TRP B CH2 1 
ATOM   665  N N   . ASP A 1 77  ? -5.579  1.613   -1.716  1.00 17.07 ? 83  ASP B N   1 
ATOM   666  C CA  . ASP A 1 77  ? -4.294  2.256   -2.092  1.00 16.74 ? 83  ASP B CA  1 
ATOM   667  C C   . ASP A 1 77  ? -3.181  1.303   -1.648  1.00 15.91 ? 83  ASP B C   1 
ATOM   668  O O   . ASP A 1 77  ? -3.318  0.693   -0.551  1.00 16.26 ? 83  ASP B O   1 
ATOM   669  C CB  . ASP A 1 77  ? -4.062  3.620   -1.439  1.00 17.79 ? 83  ASP B CB  1 
ATOM   670  C CG  . ASP A 1 77  ? -5.251  4.566   -1.338  1.00 19.23 ? 83  ASP B CG  1 
ATOM   671  O OD1 . ASP A 1 77  ? -5.989  4.681   -2.288  1.00 20.53 ? 83  ASP B OD1 1 
ATOM   672  O OD2 . ASP A 1 77  ? -5.354  5.228   -0.314  1.00 20.95 ? 83  ASP B OD2 1 
ATOM   673  N N   . LEU A 1 78  ? -2.143  1.155   -2.472  1.00 15.38 ? 84  LEU B N   1 
ATOM   674  C CA  . LEU A 1 78  ? -0.955  0.324   -2.172  1.00 15.63 ? 84  LEU B CA  1 
ATOM   675  C C   . LEU A 1 78  ? 0.292   1.046   -2.664  1.00 15.25 ? 84  LEU B C   1 
ATOM   676  O O   . LEU A 1 78  ? 0.256   1.713   -3.704  1.00 14.35 ? 84  LEU B O   1 
ATOM   677  C CB  . LEU A 1 78  ? -1.035  -1.020  -2.891  1.00 15.78 ? 84  LEU B CB  1 
ATOM   678  C CG  . LEU A 1 78  ? -2.077  -1.993  -2.372  1.00 15.98 ? 84  LEU B CG  1 
ATOM   679  C CD1 . LEU A 1 78  ? -2.146  -3.207  -3.284  1.00 16.33 ? 84  LEU B CD1 1 
ATOM   680  C CD2 . LEU A 1 78  ? -1.745  -2.372  -0.946  1.00 16.35 ? 84  LEU B CD2 1 
ATOM   681  N N   . GLY A 1 79  ? 1.365   0.863   -1.914  1.00 15.14 ? 85  GLY B N   1 
ATOM   682  C CA  . GLY A 1 79  ? 2.722   1.147   -2.386  1.00 15.12 ? 85  GLY B CA  1 
ATOM   683  C C   . GLY A 1 79  ? 3.665   1.204   -1.205  1.00 14.57 ? 85  GLY B C   1 
ATOM   684  O O   . GLY A 1 79  ? 3.674   0.273   -0.375  1.00 13.86 ? 85  GLY B O   1 
ATOM   685  N N   A VAL A 1 80  ? 4.469   2.270   -1.143  0.24 14.44 ? 86  VAL B N   1 
ATOM   686  N N   B VAL A 1 80  ? 4.391   2.318   -1.089  0.28 14.62 ? 86  VAL B N   1 
ATOM   687  C CA  A VAL A 1 80  ? 5.437   2.542   -0.044  0.24 14.43 ? 86  VAL B CA  1 
ATOM   688  C CA  B VAL A 1 80  ? 5.454   2.529   -0.068  0.28 14.79 ? 86  VAL B CA  1 
ATOM   689  C C   A VAL A 1 80  ? 5.292   4.005   0.359   0.24 14.74 ? 86  VAL B C   1 
ATOM   690  C C   B VAL A 1 80  ? 5.474   4.019   0.277   0.28 14.95 ? 86  VAL B C   1 
ATOM   691  O O   A VAL A 1 80  ? 4.641   4.774   -0.384  0.24 14.74 ? 86  VAL B O   1 
ATOM   692  O O   B VAL A 1 80  ? 5.113   4.835   -0.596  0.28 15.04 ? 86  VAL B O   1 
ATOM   693  C CB  A VAL A 1 80  ? 6.891   2.235   -0.450  0.24 14.62 ? 86  VAL B CB  1 
ATOM   694  C CB  B VAL A 1 80  ? 6.809   2.023   -0.602  0.28 15.36 ? 86  VAL B CB  1 
ATOM   695  C CG1 A VAL A 1 80  ? 7.116   0.746   -0.621  0.24 14.60 ? 86  VAL B CG1 1 
ATOM   696  C CG1 B VAL A 1 80  ? 7.394   2.948   -1.659  0.28 15.41 ? 86  VAL B CG1 1 
ATOM   697  C CG2 A VAL A 1 80  ? 7.317   2.993   -1.700  0.24 14.62 ? 86  VAL B CG2 1 
ATOM   698  C CG2 B VAL A 1 80  ? 7.810   1.787   0.514   0.28 15.77 ? 86  VAL B CG2 1 
ATOM   699  N N   . CYS A 1 81  ? 5.866   4.356   1.505   1.00 14.68 ? 87  CYS B N   1 
ATOM   700  C CA  . CYS A 1 81  ? 5.907   5.753   1.964   1.00 15.72 ? 87  CYS B CA  1 
ATOM   701  C C   . CYS A 1 81  ? 7.099   5.920   2.898   1.00 15.81 ? 87  CYS B C   1 
ATOM   702  O O   . CYS A 1 81  ? 7.617   4.923   3.448   1.00 15.39 ? 87  CYS B O   1 
ATOM   703  C CB  . CYS A 1 81  ? 4.585   6.128   2.631   1.00 15.84 ? 87  CYS B CB  1 
ATOM   704  S SG  . CYS A 1 81  ? 4.332   5.314   4.237   1.00 18.20 ? 87  CYS B SG  1 
ATOM   705  N N   A ARG A 1 82  ? 7.536   7.168   3.055   0.24 16.14 ? 88  ARG B N   1 
ATOM   706  N N   B ARG A 1 82  ? 7.529   7.166   3.068   0.28 15.40 ? 88  ARG B N   1 
ATOM   707  C CA  A ARG A 1 82  ? 8.550   7.578   4.058   0.24 17.15 ? 88  ARG B CA  1 
ATOM   708  C CA  B ARG A 1 82  ? 8.588   7.554   4.031   0.28 16.01 ? 88  ARG B CA  1 
ATOM   709  C C   A ARG A 1 82  ? 8.045   7.199   5.451   0.24 17.04 ? 88  ARG B C   1 
ATOM   710  C C   B ARG A 1 82  ? 8.074   7.261   5.448   0.28 16.30 ? 88  ARG B C   1 
ATOM   711  O O   A ARG A 1 82  ? 6.819   7.288   5.687   0.24 16.75 ? 88  ARG B O   1 
ATOM   712  O O   B ARG A 1 82  ? 6.861   7.452   5.692   0.28 16.00 ? 88  ARG B O   1 
ATOM   713  C CB  A ARG A 1 82  ? 8.797   9.087   3.998   0.24 17.67 ? 88  ARG B CB  1 
ATOM   714  C CB  B ARG A 1 82  ? 8.949   9.029   3.831   0.28 15.69 ? 88  ARG B CB  1 
ATOM   715  C CG  A ARG A 1 82  ? 9.601   9.537   2.790   0.24 18.60 ? 88  ARG B CG  1 
ATOM   716  C CG  B ARG A 1 82  ? 10.310  9.416   4.391   0.28 15.86 ? 88  ARG B CG  1 
ATOM   717  C CD  A ARG A 1 82  ? 9.792   11.042  2.792   0.24 19.40 ? 88  ARG B CD  1 
ATOM   718  C CD  B ARG A 1 82  ? 10.574  10.899  4.259   0.28 16.00 ? 88  ARG B CD  1 
ATOM   719  N NE  A ARG A 1 82  ? 10.120  11.535  1.461   0.24 19.82 ? 88  ARG B NE  1 
ATOM   720  N NE  B ARG A 1 82  ? 10.587  11.328  2.870   0.28 15.86 ? 88  ARG B NE  1 
ATOM   721  C CZ  A ARG A 1 82  ? 9.758   12.716  0.967   0.24 20.64 ? 88  ARG B CZ  1 
ATOM   722  C CZ  B ARG A 1 82  ? 9.768   12.226  2.321   0.28 16.13 ? 88  ARG B CZ  1 
ATOM   723  N NH1 A ARG A 1 82  ? 9.022   13.554  1.678   0.24 20.60 ? 88  ARG B NH1 1 
ATOM   724  N NH1 B ARG A 1 82  ? 8.836   12.835  3.038   0.28 16.66 ? 88  ARG B NH1 1 
ATOM   725  N NH2 A ARG A 1 82  ? 10.123  13.053  -0.256  0.24 21.52 ? 88  ARG B NH2 1 
ATOM   726  N NH2 B ARG A 1 82  ? 9.897   12.524  1.040   0.28 16.36 ? 88  ARG B NH2 1 
ATOM   727  N N   . ASP A 1 83  ? 8.957   6.803   6.342   1.00 17.38 ? 89  ASP B N   1 
ATOM   728  C CA  . ASP A 1 83  ? 8.604   6.501   7.760   1.00 19.25 ? 89  ASP B CA  1 
ATOM   729  C C   . ASP A 1 83  ? 7.970   7.734   8.420   1.00 20.02 ? 89  ASP B C   1 
ATOM   730  O O   . ASP A 1 83  ? 7.097   7.559   9.259   1.00 22.33 ? 89  ASP B O   1 
ATOM   731  C CB  . ASP A 1 83  ? 9.823   6.004   8.536   1.00 22.45 ? 89  ASP B CB  1 
ATOM   732  C CG  . ASP A 1 83  ? 10.970  6.995   8.654   1.00 25.79 ? 89  ASP B CG  1 
ATOM   733  O OD1 . ASP A 1 83  ? 10.976  8.029   7.915   1.00 25.98 ? 89  ASP B OD1 1 
ATOM   734  O OD2 . ASP A 1 83  ? 11.875  6.719   9.466   1.00 30.84 ? 89  ASP B OD2 1 
ATOM   735  N N   . SER A 1 84  ? 8.298   8.947   7.973   1.00 20.05 ? 90  SER B N   1 
ATOM   736  C CA  . SER A 1 84  ? 7.922   10.217  8.639   1.00 20.29 ? 90  SER B CA  1 
ATOM   737  C C   . SER A 1 84  ? 6.672   10.864  8.017   1.00 18.31 ? 90  SER B C   1 
ATOM   738  O O   . SER A 1 84  ? 6.455   12.050  8.283   1.00 17.89 ? 90  SER B O   1 
ATOM   739  C CB  . SER A 1 84  ? 9.105   11.168  8.605   1.00 20.44 ? 90  SER B CB  1 
ATOM   740  O OG  . SER A 1 84  ? 9.507   11.452  7.278   1.00 22.13 ? 90  SER B OG  1 
ATOM   741  N N   . VAL A 1 85  ? 5.892   10.146  7.212   1.00 17.54 ? 91  VAL B N   1 
ATOM   742  C CA  . VAL A 1 85  ? 4.652   10.709  6.601   1.00 19.18 ? 91  VAL B CA  1 
ATOM   743  C C   . VAL A 1 85  ? 3.713   11.147  7.741   1.00 19.50 ? 91  VAL B C   1 
ATOM   744  O O   . VAL A 1 85  ? 3.681   10.483  8.812   1.00 17.88 ? 91  VAL B O   1 
ATOM   745  C CB  . VAL A 1 85  ? 3.921   9.789   5.599   1.00 17.93 ? 91  VAL B CB  1 
ATOM   746  C CG1 . VAL A 1 85  ? 4.710   9.633   4.318   1.00 18.19 ? 91  VAL B CG1 1 
ATOM   747  C CG2 . VAL A 1 85  ? 3.528   8.440   6.177   1.00 17.21 ? 91  VAL B CG2 1 
ATOM   748  N N   . GLN A 1 86  ? 2.996   12.238  7.489   1.00 20.75 ? 92  GLN B N   1 
ATOM   749  C CA  . GLN A 1 86  ? 1.884   12.780  8.329   1.00 22.58 ? 92  GLN B CA  1 
ATOM   750  C C   . GLN A 1 86  ? 0.879   11.648  8.593   1.00 21.81 ? 92  GLN B C   1 
ATOM   751  O O   . GLN A 1 86  ? 0.548   10.913  7.649   1.00 21.88 ? 92  GLN B O   1 
ATOM   752  C CB  . GLN A 1 86  ? 1.313   14.009  7.602   1.00 24.39 ? 92  GLN B CB  1 
ATOM   753  C CG  . GLN A 1 86  ? -0.057  14.485  8.067   1.00 26.39 ? 92  GLN B CG  1 
ATOM   754  C CD  . GLN A 1 86  ? -0.611  15.565  7.160   1.00 29.25 ? 92  GLN B CD  1 
ATOM   755  O OE1 . GLN A 1 86  ? 0.053   16.021  6.228   1.00 33.90 ? 92  GLN B OE1 1 
ATOM   756  N NE2 . GLN A 1 86  ? -1.844  15.999  7.420   1.00 30.18 ? 92  GLN B NE2 1 
ATOM   757  N N   . ARG A 1 87  ? 0.441   11.500  9.848   1.00 19.34 ? 93  ARG B N   1 
ATOM   758  C CA  . ARG A 1 87  ? -0.547  10.477  10.282  1.00 19.15 ? 93  ARG B CA  1 
ATOM   759  C C   . ARG A 1 87  ? -1.912  11.110  10.530  1.00 19.03 ? 93  ARG B C   1 
ATOM   760  O O   . ARG A 1 87  ? -2.894  10.390  10.307  1.00 19.78 ? 93  ARG B O   1 
ATOM   761  C CB  . ARG A 1 87  ? -0.088  9.775   11.556  1.00 17.85 ? 93  ARG B CB  1 
ATOM   762  C CG  . ARG A 1 87  ? 1.343   9.280   11.467  1.00 17.64 ? 93  ARG B CG  1 
ATOM   763  C CD  . ARG A 1 87  ? 1.522   8.318   10.307  1.00 18.77 ? 93  ARG B CD  1 
ATOM   764  N NE  . ARG A 1 87  ? 2.936   7.978   10.191  1.00 20.57 ? 93  ARG B NE  1 
ATOM   765  C CZ  . ARG A 1 87  ? 3.552   6.992   10.818  1.00 20.20 ? 93  ARG B CZ  1 
ATOM   766  N NH1 . ARG A 1 87  ? 2.900   6.185   11.635  1.00 21.12 ? 93  ARG B NH1 1 
ATOM   767  N NH2 . ARG A 1 87  ? 4.847   6.831   10.633  1.00 21.99 ? 93  ARG B NH2 1 
ATOM   768  N N   . LYS A 1 88  ? -1.952  12.379  10.956  1.00 18.29 ? 94  LYS B N   1 
ATOM   769  C CA  . LYS A 1 88  ? -3.178  13.051  11.466  1.00 19.30 ? 94  LYS B CA  1 
ATOM   770  C C   . LYS A 1 88  ? -3.676  14.033  10.416  1.00 21.67 ? 94  LYS B C   1 
ATOM   771  O O   . LYS A 1 88  ? -2.839  14.662  9.753   1.00 22.91 ? 94  LYS B O   1 
ATOM   772  C CB  . LYS A 1 88  ? -2.916  13.782  12.786  1.00 19.48 ? 94  LYS B CB  1 
ATOM   773  C CG  . LYS A 1 88  ? -2.269  12.956  13.885  1.00 20.32 ? 94  LYS B CG  1 
ATOM   774  C CD  . LYS A 1 88  ? -2.927  11.605  14.095  1.00 20.88 ? 94  LYS B CD  1 
ATOM   775  C CE  . LYS A 1 88  ? -2.427  10.887  15.322  1.00 20.95 ? 94  LYS B CE  1 
ATOM   776  N NZ  . LYS A 1 88  ? -3.080  9.563   15.461  1.00 23.07 ? 94  LYS B NZ  1 
ATOM   777  N N   . GLY A 1 89  ? -4.987  14.135  10.267  1.00 21.39 ? 95  GLY B N   1 
ATOM   778  C CA  . GLY A 1 89  ? -5.616  15.138  9.396   1.00 24.08 ? 95  GLY B CA  1 
ATOM   779  C C   . GLY A 1 89  ? -5.682  14.663  7.965   1.00 25.04 ? 95  GLY B C   1 
ATOM   780  O O   . GLY A 1 89  ? -5.407  13.451  7.716   1.00 25.54 ? 95  GLY B O   1 
ATOM   781  N N   . GLN A 1 90  ? -6.052  15.582  7.078   1.00 25.42 ? 96  GLN B N   1 
ATOM   782  C CA  . GLN A 1 90  ? -6.248  15.346  5.632   1.00 28.12 ? 96  GLN B CA  1 
ATOM   783  C C   . GLN A 1 90  ? -4.936  15.580  4.894   1.00 24.24 ? 96  GLN B C   1 
ATOM   784  O O   . GLN A 1 90  ? -4.192  16.493  5.282   1.00 26.01 ? 96  GLN B O   1 
ATOM   785  C CB  . GLN A 1 90  ? -7.336  16.269  5.096   1.00 31.80 ? 96  GLN B CB  1 
ATOM   786  C CG  . GLN A 1 90  ? -8.716  15.793  5.489   1.00 37.97 ? 96  GLN B CG  1 
ATOM   787  C CD  . GLN A 1 90  ? -9.727  16.874  5.243   1.00 43.05 ? 96  GLN B CD  1 
ATOM   788  O OE1 . GLN A 1 90  ? -10.529 16.783  4.316   1.00 48.53 ? 96  GLN B OE1 1 
ATOM   789  N NE2 . GLN A 1 90  ? -9.648  17.920  6.052   1.00 46.17 ? 96  GLN B NE2 1 
ATOM   790  N N   . PHE A 1 91  ? -4.662  14.750  3.899   1.00 20.88 ? 97  PHE B N   1 
ATOM   791  C CA  . PHE A 1 91  ? -3.486  14.875  3.004   1.00 20.93 ? 97  PHE B CA  1 
ATOM   792  C C   . PHE A 1 91  ? -3.748  14.066  1.739   1.00 20.74 ? 97  PHE B C   1 
ATOM   793  O O   . PHE A 1 91  ? -4.598  13.169  1.735   1.00 21.11 ? 97  PHE B O   1 
ATOM   794  C CB  . PHE A 1 91  ? -2.223  14.398  3.723   1.00 20.55 ? 97  PHE B CB  1 
ATOM   795  C CG  . PHE A 1 91  ? -2.316  12.974  4.212   1.00 21.01 ? 97  PHE B CG  1 
ATOM   796  C CD1 . PHE A 1 91  ? -2.080  11.910  3.352   1.00 22.53 ? 97  PHE B CD1 1 
ATOM   797  C CD2 . PHE A 1 91  ? -2.648  12.693  5.531   1.00 21.93 ? 97  PHE B CD2 1 
ATOM   798  C CE1 . PHE A 1 91  ? -2.181  10.600  3.800   1.00 21.79 ? 97  PHE B CE1 1 
ATOM   799  C CE2 . PHE A 1 91  ? -2.741  11.386  5.976   1.00 21.71 ? 97  PHE B CE2 1 
ATOM   800  C CZ  . PHE A 1 91  ? -2.495  10.344  5.111   1.00 21.95 ? 97  PHE B CZ  1 
ATOM   801  N N   A SER A 1 92  ? -3.026  14.385  0.665   0.25 21.02 ? 98  SER B N   1 
ATOM   802  N N   B SER A 1 92  ? -3.003  14.388  0.679   0.25 21.28 ? 98  SER B N   1 
ATOM   803  C CA  A SER A 1 92  ? -3.063  13.637  -0.619  0.25 20.80 ? 98  SER B CA  1 
ATOM   804  C CA  B SER A 1 92  ? -3.006  13.671  -0.622  0.25 21.20 ? 98  SER B CA  1 
ATOM   805  C C   A SER A 1 92  ? -1.858  12.694  -0.692  0.25 20.59 ? 98  SER B C   1 
ATOM   806  C C   B SER A 1 92  ? -1.847  12.670  -0.658  0.25 20.79 ? 98  SER B C   1 
ATOM   807  O O   A SER A 1 92  ? -0.819  13.001  -0.066  0.25 20.12 ? 98  SER B O   1 
ATOM   808  O O   B SER A 1 92  ? -0.825  12.918  0.022   0.25 20.17 ? 98  SER B O   1 
ATOM   809  C CB  A SER A 1 92  ? -3.106  14.579  -1.787  0.25 21.74 ? 98  SER B CB  1 
ATOM   810  C CB  B SER A 1 92  ? -2.926  14.642  -1.765  0.25 22.49 ? 98  SER B CB  1 
ATOM   811  O OG  A SER A 1 92  ? -2.181  15.640  -1.602  0.25 21.75 ? 98  SER B OG  1 
ATOM   812  O OG  B SER A 1 92  ? -4.100  15.434  -1.829  0.25 23.14 ? 98  SER B OG  1 
ATOM   813  N N   . LEU A 1 93  ? -2.023  11.575  -1.401  1.00 20.11 ? 99  LEU B N   1 
ATOM   814  C CA  . LEU A 1 93  ? -0.955  10.596  -1.672  1.00 20.80 ? 99  LEU B CA  1 
ATOM   815  C C   . LEU A 1 93  ? -0.160  11.108  -2.882  1.00 19.85 ? 99  LEU B C   1 
ATOM   816  O O   . LEU A 1 93  ? -0.676  11.080  -3.997  1.00 19.61 ? 99  LEU B O   1 
ATOM   817  C CB  . LEU A 1 93  ? -1.600  9.232   -1.947  1.00 22.27 ? 99  LEU B CB  1 
ATOM   818  C CG  . LEU A 1 93  ? -2.437  8.605   -0.836  1.00 22.98 ? 99  LEU B CG  1 
ATOM   819  C CD1 . LEU A 1 93  ? -2.881  7.204   -1.247  1.00 22.91 ? 99  LEU B CD1 1 
ATOM   820  C CD2 . LEU A 1 93  ? -1.697  8.548   0.492   1.00 22.30 ? 99  LEU B CD2 1 
ATOM   821  N N   . SER A 1 94  ? 1.040   11.633  -2.655  1.00 19.63 ? 100 SER B N   1 
ATOM   822  C CA  . SER A 1 94  ? 1.915   12.178  -3.716  1.00 19.11 ? 100 SER B CA  1 
ATOM   823  C C   . SER A 1 94  ? 3.356   12.010  -3.274  1.00 17.85 ? 100 SER B C   1 
ATOM   824  O O   . SER A 1 94  ? 3.639   11.946  -2.084  1.00 18.49 ? 100 SER B O   1 
ATOM   825  C CB  . SER A 1 94  ? 1.614   13.625  -3.978  1.00 18.24 ? 100 SER B CB  1 
ATOM   826  O OG  . SER A 1 94  ? 2.058   14.413  -2.871  1.00 20.72 ? 100 SER B OG  1 
ATOM   827  N N   . PRO A 1 95  ? 4.310   11.937  -4.209  1.00 18.31 ? 101 PRO B N   1 
ATOM   828  C CA  . PRO A 1 95  ? 5.722   11.939  -3.821  1.00 18.15 ? 101 PRO B CA  1 
ATOM   829  C C   . PRO A 1 95  ? 6.099   13.139  -2.935  1.00 18.87 ? 101 PRO B C   1 
ATOM   830  O O   . PRO A 1 95  ? 6.850   12.960  -1.983  1.00 16.87 ? 101 PRO B O   1 
ATOM   831  C CB  . PRO A 1 95  ? 6.428   11.917  -5.183  1.00 19.23 ? 101 PRO B CB  1 
ATOM   832  C CG  . PRO A 1 95  ? 5.438   11.190  -6.073  1.00 18.77 ? 101 PRO B CG  1 
ATOM   833  C CD  . PRO A 1 95  ? 4.097   11.745  -5.650  1.00 18.28 ? 101 PRO B CD  1 
ATOM   834  N N   . GLU A 1 96  ? 5.542   14.319  -3.202  1.00 20.68 ? 102 GLU B N   1 
ATOM   835  C CA  . GLU A 1 96  ? 5.820   15.550  -2.399  1.00 25.08 ? 102 GLU B CA  1 
ATOM   836  C C   . GLU A 1 96  ? 5.506   15.297  -0.916  1.00 22.71 ? 102 GLU B C   1 
ATOM   837  O O   . GLU A 1 96  ? 6.222   15.850  -0.058  1.00 20.79 ? 102 GLU B O   1 
ATOM   838  C CB  . GLU A 1 96  ? 5.021   16.745  -2.932  1.00 29.96 ? 102 GLU B CB  1 
ATOM   839  C CG  . GLU A 1 96  ? 5.293   17.031  -4.403  1.00 38.73 ? 102 GLU B CG  1 
ATOM   840  C CD  . GLU A 1 96  ? 4.252   16.529  -5.405  1.00 46.36 ? 102 GLU B CD  1 
ATOM   841  O OE1 . GLU A 1 96  ? 4.329   15.333  -5.828  1.00 37.69 ? 102 GLU B OE1 1 
ATOM   842  O OE2 . GLU A 1 96  ? 3.355   17.346  -5.771  1.00 55.10 ? 102 GLU B OE2 1 
ATOM   843  N N   . ASN A 1 97  ? 4.486   14.477  -0.615  1.00 21.85 ? 103 ASN B N   1 
ATOM   844  C CA  . ASN A 1 97  ? 4.073   14.150  0.774   1.00 20.14 ? 103 ASN B CA  1 
ATOM   845  C C   . ASN A 1 97  ? 4.772   12.869  1.265   1.00 19.71 ? 103 ASN B C   1 
ATOM   846  O O   . ASN A 1 97  ? 4.515   12.480  2.407   1.00 21.43 ? 103 ASN B O   1 
ATOM   847  C CB  . ASN A 1 97  ? 2.541   14.053  0.896   1.00 18.89 ? 103 ASN B CB  1 
ATOM   848  C CG  . ASN A 1 97  ? 1.845   15.390  0.778   1.00 21.40 ? 103 ASN B CG  1 
ATOM   849  O OD1 . ASN A 1 97  ? 2.464   16.437  0.981   1.00 22.10 ? 103 ASN B OD1 1 
ATOM   850  N ND2 . ASN A 1 97  ? 0.559   15.375  0.445   1.00 23.66 ? 103 ASN B ND2 1 
ATOM   851  N N   . GLY A 1 98  ? 5.619   12.220  0.470   1.00 18.21 ? 104 GLY B N   1 
ATOM   852  C CA  . GLY A 1 98  ? 6.334   11.013  0.927   1.00 18.49 ? 104 GLY B CA  1 
ATOM   853  C C   . GLY A 1 98  ? 5.665   9.693   0.554   1.00 17.54 ? 104 GLY B C   1 
ATOM   854  O O   . GLY A 1 98  ? 6.008   8.687   1.205   1.00 16.89 ? 104 GLY B O   1 
ATOM   855  N N   . PHE A 1 99  ? 4.784   9.651   -0.461  1.00 16.27 ? 105 PHE B N   1 
ATOM   856  C CA  . PHE A 1 99  ? 4.064   8.410   -0.882  1.00 15.55 ? 105 PHE B CA  1 
ATOM   857  C C   . PHE A 1 99  ? 4.322   8.092   -2.364  1.00 15.60 ? 105 PHE B C   1 
ATOM   858  O O   . PHE A 1 99  ? 4.225   9.005   -3.216  1.00 16.95 ? 105 PHE B O   1 
ATOM   859  C CB  . PHE A 1 99  ? 2.550   8.543   -0.690  1.00 15.25 ? 105 PHE B CB  1 
ATOM   860  C CG  . PHE A 1 99  ? 2.087   8.838   0.718   1.00 15.30 ? 105 PHE B CG  1 
ATOM   861  C CD1 . PHE A 1 99  ? 2.003   10.144  1.175   1.00 14.51 ? 105 PHE B CD1 1 
ATOM   862  C CD2 . PHE A 1 99  ? 1.738   7.807   1.583   1.00 15.95 ? 105 PHE B CD2 1 
ATOM   863  C CE1 . PHE A 1 99  ? 1.594   10.418  2.465   1.00 14.66 ? 105 PHE B CE1 1 
ATOM   864  C CE2 . PHE A 1 99  ? 1.287   8.085   2.866   1.00 15.57 ? 105 PHE B CE2 1 
ATOM   865  C CZ  . PHE A 1 99  ? 1.224   9.394   3.300   1.00 15.15 ? 105 PHE B CZ  1 
ATOM   866  N N   . TRP A 1 100 ? 4.551   6.812   -2.654  1.00 14.83 ? 106 TRP B N   1 
ATOM   867  C CA  . TRP A 1 100 ? 4.726   6.220   -4.006  1.00 14.90 ? 106 TRP B CA  1 
ATOM   868  C C   . TRP A 1 100 ? 3.724   5.079   -4.125  1.00 14.14 ? 106 TRP B C   1 
ATOM   869  O O   . TRP A 1 100 ? 3.969   3.972   -3.576  1.00 13.25 ? 106 TRP B O   1 
ATOM   870  C CB  . TRP A 1 100 ? 6.188   5.815   -4.275  1.00 15.68 ? 106 TRP B CB  1 
ATOM   871  C CG  . TRP A 1 100 ? 7.085   7.016   -4.231  1.00 16.78 ? 106 TRP B CG  1 
ATOM   872  C CD1 . TRP A 1 100 ? 7.460   7.814   -5.280  1.00 17.19 ? 106 TRP B CD1 1 
ATOM   873  C CD2 . TRP A 1 100 ? 7.686   7.587   -3.052  1.00 15.94 ? 106 TRP B CD2 1 
ATOM   874  N NE1 . TRP A 1 100 ? 8.231   8.852   -4.826  1.00 16.11 ? 106 TRP B NE1 1 
ATOM   875  C CE2 . TRP A 1 100 ? 8.382   8.743   -3.466  1.00 16.73 ? 106 TRP B CE2 1 
ATOM   876  C CE3 . TRP A 1 100 ? 7.679   7.243   -1.693  1.00 15.70 ? 106 TRP B CE3 1 
ATOM   877  C CZ2 . TRP A 1 100 ? 9.091   9.545   -2.567  1.00 16.93 ? 106 TRP B CZ2 1 
ATOM   878  C CZ3 . TRP A 1 100 ? 8.378   8.038   -0.811  1.00 17.01 ? 106 TRP B CZ3 1 
ATOM   879  C CH2 . TRP A 1 100 ? 9.067   9.178   -1.241  1.00 16.52 ? 106 TRP B CH2 1 
ATOM   880  N N   . THR A 1 101 ? 2.543   5.400   -4.657  1.00 15.39 ? 107 THR B N   1 
ATOM   881  C CA  . THR A 1 101 ? 1.329   4.545   -4.525  1.00 14.84 ? 107 THR B CA  1 
ATOM   882  C C   . THR A 1 101 ? 0.543   4.475   -5.842  1.00 14.26 ? 107 THR B C   1 
ATOM   883  O O   . THR A 1 101 ? 0.623   5.410   -6.639  1.00 14.17 ? 107 THR B O   1 
ATOM   884  C CB  . THR A 1 101 ? 0.390   5.038   -3.414  1.00 14.92 ? 107 THR B CB  1 
ATOM   885  O OG1 . THR A 1 101 ? -0.079  6.328   -3.793  1.00 16.40 ? 107 THR B OG1 1 
ATOM   886  C CG2 . THR A 1 101 ? 1.063   5.097   -2.063  1.00 15.33 ? 107 THR B CG2 1 
ATOM   887  N N   . ILE A 1 102 ? -0.241  3.411   -5.985  1.00 14.16 ? 108 ILE B N   1 
ATOM   888  C CA  . ILE A 1 102 ? -1.354  3.309   -6.965  1.00 14.96 ? 108 ILE B CA  1 
ATOM   889  C C   . ILE A 1 102 ? -2.645  3.040   -6.185  1.00 15.87 ? 108 ILE B C   1 
ATOM   890  O O   . ILE A 1 102 ? -2.598  2.662   -4.957  1.00 15.45 ? 108 ILE B O   1 
ATOM   891  C CB  . ILE A 1 102 ? -1.096  2.258   -8.064  1.00 15.37 ? 108 ILE B CB  1 
ATOM   892  C CG1 . ILE A 1 102 ? -1.144  0.824   -7.533  1.00 15.78 ? 108 ILE B CG1 1 
ATOM   893  C CG2 . ILE A 1 102 ? 0.210   2.553   -8.796  1.00 16.54 ? 108 ILE B CG2 1 
ATOM   894  C CD1 . ILE A 1 102 ? -1.122  -0.228  -8.616  1.00 16.06 ? 108 ILE B CD1 1 
ATOM   895  N N   . TRP A 1 103 ? -3.768  3.220   -6.862  1.00 16.10 ? 109 TRP B N   1 
ATOM   896  C CA  . TRP A 1 103 ? -5.077  2.941   -6.245  1.00 16.31 ? 109 TRP B CA  1 
ATOM   897  C C   . TRP A 1 103 ? -6.144  2.570   -7.257  1.00 16.31 ? 109 TRP B C   1 
ATOM   898  O O   . TRP A 1 103 ? -5.978  2.823   -8.451  1.00 15.58 ? 109 TRP B O   1 
ATOM   899  C CB  . TRP A 1 103 ? -5.519  4.097   -5.389  1.00 18.85 ? 109 TRP B CB  1 
ATOM   900  C CG  . TRP A 1 103 ? -5.841  5.359   -6.112  1.00 21.23 ? 109 TRP B CG  1 
ATOM   901  C CD1 . TRP A 1 103 ? -6.926  5.620   -6.899  1.00 21.34 ? 109 TRP B CD1 1 
ATOM   902  C CD2 . TRP A 1 103 ? -5.108  6.579   -5.995  1.00 23.42 ? 109 TRP B CD2 1 
ATOM   903  N NE1 . TRP A 1 103 ? -6.914  6.931   -7.280  1.00 23.04 ? 109 TRP B NE1 1 
ATOM   904  C CE2 . TRP A 1 103 ? -5.813  7.545   -6.741  1.00 23.76 ? 109 TRP B CE2 1 
ATOM   905  C CE3 . TRP A 1 103 ? -3.941  6.946   -5.318  1.00 23.98 ? 109 TRP B CE3 1 
ATOM   906  C CZ2 . TRP A 1 103 ? -5.363  8.860   -6.858  1.00 24.29 ? 109 TRP B CZ2 1 
ATOM   907  C CZ3 . TRP A 1 103 ? -3.522  8.253   -5.404  1.00 25.12 ? 109 TRP B CZ3 1 
ATOM   908  C CH2 . TRP A 1 103 ? -4.219  9.191   -6.163  1.00 24.31 ? 109 TRP B CH2 1 
ATOM   909  N N   . LEU A 1 104 ? -7.186  1.921   -6.725  1.00 16.75 ? 110 LEU B N   1 
ATOM   910  C CA  . LEU A 1 104 ? -8.469  1.659   -7.392  1.00 15.68 ? 110 LEU B CA  1 
ATOM   911  C C   . LEU A 1 104 ? -9.528  2.516   -6.699  1.00 17.87 ? 110 LEU B C   1 
ATOM   912  O O   . LEU A 1 104 ? -9.627  2.460   -5.465  1.00 15.82 ? 110 LEU B O   1 
ATOM   913  C CB  . LEU A 1 104 ? -8.812  0.167   -7.246  1.00 15.96 ? 110 LEU B CB  1 
ATOM   914  C CG  . LEU A 1 104 ? -10.211 -0.253  -7.715  1.00 15.28 ? 110 LEU B CG  1 
ATOM   915  C CD1 . LEU A 1 104 ? -10.437 0.026   -9.183  1.00 16.08 ? 110 LEU B CD1 1 
ATOM   916  C CD2 . LEU A 1 104 ? -10.483 -1.721  -7.431  1.00 15.24 ? 110 LEU B CD2 1 
ATOM   917  N N   . TRP A 1 105 ? -10.317 3.240   -7.491  1.00 19.10 ? 111 TRP B N   1 
ATOM   918  C CA  . TRP A 1 105 ? -11.425 4.103   -7.034  1.00 20.59 ? 111 TRP B CA  1 
ATOM   919  C C   . TRP A 1 105 ? -12.444 4.227   -8.170  1.00 21.12 ? 111 TRP B C   1 
ATOM   920  O O   . TRP A 1 105 ? -12.035 4.607   -9.308  1.00 19.66 ? 111 TRP B O   1 
ATOM   921  C CB  . TRP A 1 105 ? -10.853 5.460   -6.608  1.00 24.44 ? 111 TRP B CB  1 
ATOM   922  C CG  . TRP A 1 105 ? -11.887 6.475   -6.265  1.00 27.14 ? 111 TRP B CG  1 
ATOM   923  C CD1 . TRP A 1 105 ? -12.232 7.597   -6.965  1.00 28.27 ? 111 TRP B CD1 1 
ATOM   924  C CD2 . TRP A 1 105 ? -12.711 6.456   -5.097  1.00 29.06 ? 111 TRP B CD2 1 
ATOM   925  N NE1 . TRP A 1 105 ? -13.235 8.259   -6.319  1.00 27.83 ? 111 TRP B NE1 1 
ATOM   926  C CE2 . TRP A 1 105 ? -13.532 7.597   -5.162  1.00 28.57 ? 111 TRP B CE2 1 
ATOM   927  C CE3 . TRP A 1 105 ? -12.839 5.570   -4.026  1.00 29.78 ? 111 TRP B CE3 1 
ATOM   928  C CZ2 . TRP A 1 105 ? -14.467 7.882   -4.179  1.00 31.40 ? 111 TRP B CZ2 1 
ATOM   929  C CZ3 . TRP A 1 105 ? -13.772 5.848   -3.058  1.00 31.49 ? 111 TRP B CZ3 1 
ATOM   930  C CH2 . TRP A 1 105 ? -14.569 6.991   -3.133  1.00 34.58 ? 111 TRP B CH2 1 
ATOM   931  N N   . GLN A 1 106 ? -13.699 3.862   -7.901  1.00 21.00 ? 112 GLN B N   1 
ATOM   932  C CA  . GLN A 1 106 ? -14.820 4.074   -8.843  1.00 22.28 ? 112 GLN B CA  1 
ATOM   933  C C   . GLN A 1 106 ? -14.448 3.506   -10.204 1.00 22.54 ? 112 GLN B C   1 
ATOM   934  O O   . GLN A 1 106 ? -14.530 4.234   -11.226 1.00 26.35 ? 112 GLN B O   1 
ATOM   935  C CB  . GLN A 1 106 ? -15.163 5.564   -8.893  1.00 24.99 ? 112 GLN B CB  1 
ATOM   936  C CG  . GLN A 1 106 ? -15.670 6.086   -7.545  1.00 26.52 ? 112 GLN B CG  1 
ATOM   937  C CD  . GLN A 1 106 ? -16.354 7.429   -7.640  1.00 26.79 ? 112 GLN B CD  1 
ATOM   938  O OE1 . GLN A 1 106 ? -17.049 7.874   -6.720  1.00 30.26 ? 112 GLN B OE1 1 
ATOM   939  N NE2 . GLN A 1 106 ? -16.188 8.074   -8.770  1.00 23.16 ? 112 GLN B NE2 1 
ATOM   940  N N   . ASP A 1 107 ? -14.024 2.254   -10.207 1.00 24.46 ? 113 ASP B N   1 
ATOM   941  C CA  . ASP A 1 107 ? -13.813 1.449   -11.430 1.00 30.24 ? 113 ASP B CA  1 
ATOM   942  C C   . ASP A 1 107 ? -12.667 2.017   -12.274 1.00 29.05 ? 113 ASP B C   1 
ATOM   943  O O   . ASP A 1 107 ? -12.593 1.651   -13.440 1.00 32.43 ? 113 ASP B O   1 
ATOM   944  C CB  . ASP A 1 107 ? -15.096 1.406   -12.267 1.00 32.59 ? 113 ASP B CB  1 
ATOM   945  C CG  . ASP A 1 107 ? -15.359 0.082   -12.951 1.00 39.11 ? 113 ASP B CG  1 
ATOM   946  O OD1 . ASP A 1 107 ? -14.712 -0.930  -12.588 1.00 45.45 ? 113 ASP B OD1 1 
ATOM   947  O OD2 . ASP A 1 107 ? -16.225 0.067   -13.849 1.00 55.75 ? 113 ASP B OD2 1 
ATOM   948  N N   . SER A 1 108 ? -11.792 2.862   -11.737 1.00 27.17 ? 114 SER B N   1 
ATOM   949  C CA  . SER A 1 108 ? -10.563 3.234   -12.480 1.00 25.92 ? 114 SER B CA  1 
ATOM   950  C C   . SER A 1 108 ? -9.325  3.132   -11.572 1.00 22.26 ? 114 SER B C   1 
ATOM   951  O O   . SER A 1 108 ? -9.417  3.269   -10.332 1.00 19.60 ? 114 SER B O   1 
ATOM   952  C CB  . SER A 1 108 ? -10.744 4.561   -13.185 1.00 27.49 ? 114 SER B CB  1 
ATOM   953  O OG  . SER A 1 108 ? -10.695 5.638   -12.276 1.00 34.36 ? 114 SER B OG  1 
ATOM   954  N N   . TYR A 1 109 ? -8.203  2.786   -12.183 1.00 19.47 ? 115 TYR B N   1 
ATOM   955  C CA  . TYR A 1 109 ? -6.887  2.630   -11.522 1.00 19.07 ? 115 TYR B CA  1 
ATOM   956  C C   . TYR A 1 109 ? -6.080  3.877   -11.841 1.00 18.66 ? 115 TYR B C   1 
ATOM   957  O O   . TYR A 1 109 ? -6.063  4.294   -13.001 1.00 17.65 ? 115 TYR B O   1 
ATOM   958  C CB  . TYR A 1 109 ? -6.204  1.366   -12.019 1.00 18.40 ? 115 TYR B CB  1 
ATOM   959  C CG  . TYR A 1 109 ? -6.957  0.100   -11.702 1.00 18.13 ? 115 TYR B CG  1 
ATOM   960  C CD1 . TYR A 1 109 ? -7.870  -0.429  -12.598 1.00 18.93 ? 115 TYR B CD1 1 
ATOM   961  C CD2 . TYR A 1 109 ? -6.715  -0.610  -10.541 1.00 18.20 ? 115 TYR B CD2 1 
ATOM   962  C CE1 . TYR A 1 109 ? -8.535  -1.618  -12.344 1.00 18.55 ? 115 TYR B CE1 1 
ATOM   963  C CE2 . TYR A 1 109 ? -7.366  -1.804  -10.269 1.00 17.70 ? 115 TYR B CE2 1 
ATOM   964  C CZ  . TYR A 1 109 ? -8.285  -2.310  -11.172 1.00 18.81 ? 115 TYR B CZ  1 
ATOM   965  O OH  . TYR A 1 109 ? -8.963  -3.474  -10.921 1.00 18.55 ? 115 TYR B OH  1 
ATOM   966  N N   A GLU A 1 110 ? -5.432  4.465   -10.831 0.25 19.49 ? 116 GLU B N   1 
ATOM   967  N N   B GLU A 1 110 ? -5.459  4.475   -10.816 0.25 18.97 ? 116 GLU B N   1 
ATOM   968  C CA  A GLU A 1 110 ? -4.614  5.695   -10.995 0.25 20.08 ? 116 GLU B CA  1 
ATOM   969  C CA  B GLU A 1 110 ? -4.631  5.707   -10.930 0.25 19.22 ? 116 GLU B CA  1 
ATOM   970  C C   A GLU A 1 110 ? -3.329  5.582   -10.167 0.25 19.74 ? 116 GLU B C   1 
ATOM   971  C C   B GLU A 1 110 ? -3.298  5.504   -10.201 0.25 19.23 ? 116 GLU B C   1 
ATOM   972  O O   A GLU A 1 110 ? -3.355  4.935   -9.100  0.25 19.25 ? 116 GLU B O   1 
ATOM   973  O O   B GLU A 1 110 ? -3.259  4.713   -9.234  0.25 18.54 ? 116 GLU B O   1 
ATOM   974  C CB  A GLU A 1 110 ? -5.426  6.932   -10.612 0.25 21.37 ? 116 GLU B CB  1 
ATOM   975  C CB  B GLU A 1 110 ? -5.356  6.915   -10.337 0.25 19.87 ? 116 GLU B CB  1 
ATOM   976  C CG  A GLU A 1 110 ? -6.713  7.074   -11.407 0.25 22.38 ? 116 GLU B CG  1 
ATOM   977  C CG  B GLU A 1 110 ? -6.760  7.122   -10.878 0.25 20.27 ? 116 GLU B CG  1 
ATOM   978  C CD  A GLU A 1 110 ? -7.441  8.389   -11.197 0.25 23.98 ? 116 GLU B CD  1 
ATOM   979  C CD  B GLU A 1 110 ? -6.810  7.734   -12.268 0.25 20.78 ? 116 GLU B CD  1 
ATOM   980  O OE1 A GLU A 1 110 ? -7.481  8.860   -10.035 0.25 25.92 ? 116 GLU B OE1 1 
ATOM   981  O OE1 B GLU A 1 110 ? -5.965  8.606   -12.567 0.25 21.03 ? 116 GLU B OE1 1 
ATOM   982  O OE2 A GLU A 1 110 ? -7.941  8.955   -12.194 0.25 24.26 ? 116 GLU B OE2 1 
ATOM   983  O OE2 B GLU A 1 110 ? -7.697  7.335   -13.044 0.25 23.23 ? 116 GLU B OE2 1 
ATOM   984  N N   . ALA A 1 111 ? -2.245  6.182   -10.670 1.00 19.65 ? 117 ALA B N   1 
ATOM   985  C CA  . ALA A 1 111 ? -0.974  6.322   -9.940  1.00 18.69 ? 117 ALA B CA  1 
ATOM   986  C C   . ALA A 1 111 ? -1.034  7.648   -9.183  1.00 17.80 ? 117 ALA B C   1 
ATOM   987  O O   . ALA A 1 111 ? -1.469  8.685   -9.777  1.00 18.22 ? 117 ALA B O   1 
ATOM   988  C CB  . ALA A 1 111 ? 0.208   6.282   -10.866 1.00 18.98 ? 117 ALA B CB  1 
ATOM   989  N N   . GLY A 1 112 ? -0.579  7.611   -7.928  1.00 19.12 ? 118 GLY B N   1 
ATOM   990  C CA  . GLY A 1 112 ? -0.564  8.748   -6.989  1.00 19.41 ? 118 GLY B CA  1 
ATOM   991  C C   . GLY A 1 112 ? 0.533   9.747   -7.291  1.00 19.50 ? 118 GLY B C   1 
ATOM   992  O O   . GLY A 1 112 ? 1.331   10.039  -6.405  1.00 20.35 ? 118 GLY B O   1 
ATOM   993  N N   . THR A 1 113 ? 0.565   10.263  -8.510  1.00 20.97 ? 119 THR B N   1 
ATOM   994  C CA  . THR A 1 113 ? 1.337   11.473  -8.881  1.00 21.34 ? 119 THR B CA  1 
ATOM   995  C C   . THR A 1 113 ? 0.495   12.701  -8.558  1.00 22.99 ? 119 THR B C   1 
ATOM   996  O O   . THR A 1 113 ? -0.687  12.535  -8.214  1.00 22.68 ? 119 THR B O   1 
ATOM   997  C CB  . THR A 1 113 ? 1.725   11.395  -10.360 1.00 21.58 ? 119 THR B CB  1 
ATOM   998  O OG1 . THR A 1 113 ? 0.510   11.184  -11.078 1.00 20.77 ? 119 THR B OG1 1 
ATOM   999  C CG2 . THR A 1 113 ? 2.715   10.293  -10.659 1.00 20.56 ? 119 THR B CG2 1 
ATOM   1000 N N   . SER A 1 114 ? 1.064   13.890  -8.730  1.00 26.31 ? 120 SER B N   1 
ATOM   1001 C CA  . SER A 1 114 ? 0.358   15.182  -8.539  1.00 30.38 ? 120 SER B CA  1 
ATOM   1002 C C   . SER A 1 114 ? 0.445   16.014  -9.816  1.00 29.88 ? 120 SER B C   1 
ATOM   1003 O O   . SER A 1 114 ? 1.499   16.556  -10.147 1.00 32.07 ? 120 SER B O   1 
ATOM   1004 C CB  . SER A 1 114 ? 0.891   15.944  -7.362  1.00 35.19 ? 120 SER B CB  1 
ATOM   1005 O OG  . SER A 1 114 ? -0.084  16.896  -6.944  1.00 37.39 ? 120 SER B OG  1 
ATOM   1006 N N   . PRO A 1 115 ? -0.630  16.081  -10.623 1.00 28.22 ? 121 PRO B N   1 
ATOM   1007 C CA  . PRO A 1 115 ? -1.884  15.372  -10.345 1.00 27.17 ? 121 PRO B CA  1 
ATOM   1008 C C   . PRO A 1 115 ? -1.814  13.884  -10.721 1.00 23.44 ? 121 PRO B C   1 
ATOM   1009 O O   . PRO A 1 115 ? -0.852  13.440  -11.341 1.00 19.84 ? 121 PRO B O   1 
ATOM   1010 C CB  . PRO A 1 115 ? -2.874  16.100  -11.254 1.00 29.10 ? 121 PRO B CB  1 
ATOM   1011 C CG  . PRO A 1 115 ? -2.034  16.492  -12.456 1.00 30.12 ? 121 PRO B CG  1 
ATOM   1012 C CD  . PRO A 1 115 ? -0.653  16.800  -11.911 1.00 29.04 ? 121 PRO B CD  1 
ATOM   1013 N N   . GLN A 1 116 ? -2.842  13.140  -10.367 1.00 23.80 ? 122 GLN B N   1 
ATOM   1014 C CA  . GLN A 1 116 ? -2.848  11.665  -10.532 1.00 25.42 ? 122 GLN B CA  1 
ATOM   1015 C C   . GLN A 1 116 ? -2.818  11.307  -12.029 1.00 22.61 ? 122 GLN B C   1 
ATOM   1016 O O   . GLN A 1 116 ? -3.266  12.100  -12.866 1.00 20.54 ? 122 GLN B O   1 
ATOM   1017 C CB  . GLN A 1 116 ? -4.022  11.028  -9.786  1.00 31.06 ? 122 GLN B CB  1 
ATOM   1018 C CG  . GLN A 1 116 ? -5.386  11.312  -10.388 1.00 37.97 ? 122 GLN B CG  1 
ATOM   1019 C CD  . GLN A 1 116 ? -6.158  12.367  -9.636  1.00 46.91 ? 122 GLN B CD  1 
ATOM   1020 O OE1 . GLN A 1 116 ? -5.601  13.349  -9.129  1.00 51.96 ? 122 GLN B OE1 1 
ATOM   1021 N NE2 . GLN A 1 116 ? -7.466  12.192  -9.608  1.00 53.29 ? 122 GLN B NE2 1 
ATOM   1022 N N   . THR A 1 117 ? -2.294  10.122  -12.326 1.00 21.16 ? 123 THR B N   1 
ATOM   1023 C CA  . THR A 1 117 ? -2.076  9.595   -13.681 1.00 18.15 ? 123 THR B CA  1 
ATOM   1024 C C   . THR A 1 117 ? -2.985  8.389   -13.909 1.00 16.82 ? 123 THR B C   1 
ATOM   1025 O O   . THR A 1 117 ? -2.879  7.409   -13.136 1.00 15.48 ? 123 THR B O   1 
ATOM   1026 C CB  . THR A 1 117 ? -0.594  9.244   -13.863 1.00 18.15 ? 123 THR B CB  1 
ATOM   1027 O OG1 . THR A 1 117 ? 0.175   10.438  -13.675 1.00 18.61 ? 123 THR B OG1 1 
ATOM   1028 C CG2 . THR A 1 117 ? -0.311  8.662   -15.224 1.00 18.31 ? 123 THR B CG2 1 
ATOM   1029 N N   . THR A 1 118 ? -3.734  8.408   -15.011 1.00 16.53 ? 124 THR B N   1 
ATOM   1030 C CA  . THR A 1 118 ? -4.558  7.273   -15.506 1.00 18.90 ? 124 THR B CA  1 
ATOM   1031 C C   . THR A 1 118 ? -3.697  6.056   -15.830 1.00 17.67 ? 124 THR B C   1 
ATOM   1032 O O   . THR A 1 118 ? -2.725  6.210   -16.570 1.00 19.83 ? 124 THR B O   1 
ATOM   1033 C CB  . THR A 1 118 ? -5.352  7.717   -16.740 1.00 22.84 ? 124 THR B CB  1 
ATOM   1034 O OG1 . THR A 1 118 ? -6.221  8.774   -16.315 1.00 24.93 ? 124 THR B OG1 1 
ATOM   1035 C CG2 . THR A 1 118 ? -6.131  6.593   -17.385 1.00 24.17 ? 124 THR B CG2 1 
ATOM   1036 N N   . LEU A 1 119 ? -4.036  4.881   -15.298 1.00 17.80 ? 125 LEU B N   1 
ATOM   1037 C CA  . LEU A 1 119 ? -3.368  3.590   -15.610 1.00 19.14 ? 125 LEU B CA  1 
ATOM   1038 C C   . LEU A 1 119 ? -4.196  2.850   -16.669 1.00 20.88 ? 125 LEU B C   1 
ATOM   1039 O O   . LEU A 1 119 ? -5.408  3.095   -16.770 1.00 19.29 ? 125 LEU B O   1 
ATOM   1040 C CB  . LEU A 1 119 ? -3.226  2.739   -14.339 1.00 18.07 ? 125 LEU B CB  1 
ATOM   1041 C CG  . LEU A 1 119 ? -2.392  3.402   -13.235 1.00 17.78 ? 125 LEU B CG  1 
ATOM   1042 C CD1 . LEU A 1 119 ? -2.440  2.620   -11.945 1.00 17.05 ? 125 LEU B CD1 1 
ATOM   1043 C CD2 . LEU A 1 119 ? -0.942  3.586   -13.681 1.00 17.83 ? 125 LEU B CD2 1 
ATOM   1044 N N   . HIS A 1 120 ? -3.542  2.016   -17.466 1.00 20.09 ? 126 HIS B N   1 
ATOM   1045 C CA  . HIS A 1 120 ? -4.171  1.276   -18.587 1.00 21.56 ? 126 HIS B CA  1 
ATOM   1046 C C   . HIS A 1 120 ? -4.153  -0.202  -18.229 1.00 22.19 ? 126 HIS B C   1 
ATOM   1047 O O   . HIS A 1 120 ? -3.137  -0.852  -18.450 1.00 26.88 ? 126 HIS B O   1 
ATOM   1048 C CB  . HIS A 1 120 ? -3.455  1.594   -19.896 1.00 21.95 ? 126 HIS B CB  1 
ATOM   1049 C CG  . HIS A 1 120 ? -3.492  3.047   -20.238 1.00 23.49 ? 126 HIS B CG  1 
ATOM   1050 N ND1 . HIS A 1 120 ? -2.427  3.908   -19.960 1.00 25.10 ? 126 HIS B ND1 1 
ATOM   1051 C CD2 . HIS A 1 120 ? -4.458  3.809   -20.802 1.00 24.43 ? 126 HIS B CD2 1 
ATOM   1052 C CE1 . HIS A 1 120 ? -2.753  5.134   -20.346 1.00 26.01 ? 126 HIS B CE1 1 
ATOM   1053 N NE2 . HIS A 1 120 ? -3.984  5.097   -20.874 1.00 25.55 ? 126 HIS B NE2 1 
ATOM   1054 N N   . ILE A 1 121 ? -5.225  -0.692  -17.649 1.00 24.21 ? 127 ILE B N   1 
ATOM   1055 C CA  . ILE A 1 121 ? -5.311  -2.091  -17.157 1.00 27.69 ? 127 ILE B CA  1 
ATOM   1056 C C   . ILE A 1 121 ? -6.474  -2.795  -17.869 1.00 28.61 ? 127 ILE B C   1 
ATOM   1057 O O   . ILE A 1 121 ? -7.635  -2.444  -17.614 1.00 31.03 ? 127 ILE B O   1 
ATOM   1058 C CB  . ILE A 1 121 ? -5.426  -2.113  -15.616 1.00 28.73 ? 127 ILE B CB  1 
ATOM   1059 C CG1 . ILE A 1 121 ? -4.217  -1.427  -14.971 1.00 27.23 ? 127 ILE B CG1 1 
ATOM   1060 C CG2 . ILE A 1 121 ? -5.598  -3.546  -15.137 1.00 32.31 ? 127 ILE B CG2 1 
ATOM   1061 C CD1 . ILE A 1 121 ? -4.098  -1.601  -13.477 1.00 28.65 ? 127 ILE B CD1 1 
ATOM   1062 N N   . GLN A 1 122 ? -6.149  -3.782  -18.696 1.00 31.53 ? 128 GLN B N   1 
ATOM   1063 C CA  . GLN A 1 122 ? -7.114  -4.586  -19.490 1.00 33.63 ? 128 GLN B CA  1 
ATOM   1064 C C   . GLN A 1 122 ? -7.658  -5.715  -18.616 1.00 29.30 ? 128 GLN B C   1 
ATOM   1065 O O   . GLN A 1 122 ? -8.819  -6.068  -18.791 1.00 27.45 ? 128 GLN B O   1 
ATOM   1066 C CB  . GLN A 1 122 ? -6.432  -5.139  -20.748 1.00 39.77 ? 128 GLN B CB  1 
ATOM   1067 C CG  . GLN A 1 122 ? -7.385  -5.836  -21.719 1.00 48.87 ? 128 GLN B CG  1 
ATOM   1068 C CD  . GLN A 1 122 ? -8.508  -4.956  -22.236 1.00 51.96 ? 128 GLN B CD  1 
ATOM   1069 O OE1 . GLN A 1 122 ? -8.407  -3.730  -22.270 1.00 52.04 ? 128 GLN B OE1 1 
ATOM   1070 N NE2 . GLN A 1 122 ? -9.604  -5.582  -22.638 1.00 51.92 ? 128 GLN B NE2 1 
ATOM   1071 N N   . VAL A 1 123 ? -6.847  -6.247  -17.705 1.00 25.88 ? 129 VAL B N   1 
ATOM   1072 C CA  . VAL A 1 123 ? -7.223  -7.398  -16.827 1.00 25.96 ? 129 VAL B CA  1 
ATOM   1073 C C   . VAL A 1 123 ? -7.214  -6.921  -15.377 1.00 25.62 ? 129 VAL B C   1 
ATOM   1074 O O   . VAL A 1 123 ? -6.151  -6.701  -14.789 1.00 23.20 ? 129 VAL B O   1 
ATOM   1075 C CB  . VAL A 1 123 ? -6.273  -8.588  -17.059 1.00 27.72 ? 129 VAL B CB  1 
ATOM   1076 C CG1 . VAL A 1 123 ? -6.557  -9.764  -16.123 1.00 26.33 ? 129 VAL B CG1 1 
ATOM   1077 C CG2 . VAL A 1 123 ? -6.300  -9.030  -18.515 1.00 27.22 ? 129 VAL B CG2 1 
ATOM   1078 N N   . PRO A 1 124 ? -8.405  -6.667  -14.784 1.00 25.89 ? 130 PRO B N   1 
ATOM   1079 C CA  . PRO A 1 124 ? -8.492  -6.246  -13.387 1.00 23.79 ? 130 PRO B CA  1 
ATOM   1080 C C   . PRO A 1 124 ? -7.649  -7.154  -12.506 1.00 23.47 ? 130 PRO B C   1 
ATOM   1081 O O   . PRO A 1 124 ? -7.845  -8.364  -12.509 1.00 21.91 ? 130 PRO B O   1 
ATOM   1082 C CB  . PRO A 1 124 ? -9.996  -6.381  -13.089 1.00 25.41 ? 130 PRO B CB  1 
ATOM   1083 C CG  . PRO A 1 124 ? -10.647 -6.076  -14.433 1.00 25.20 ? 130 PRO B CG  1 
ATOM   1084 C CD  . PRO A 1 124 ? -9.726  -6.732  -15.437 1.00 25.04 ? 130 PRO B CD  1 
ATOM   1085 N N   . PRO A 1 125 ? -6.637  -6.626  -11.785 1.00 21.30 ? 131 PRO B N   1 
ATOM   1086 C CA  . PRO A 1 125 ? -5.780  -7.466  -10.958 1.00 20.60 ? 131 PRO B CA  1 
ATOM   1087 C C   . PRO A 1 125 ? -6.475  -8.008  -9.701  1.00 20.70 ? 131 PRO B C   1 
ATOM   1088 O O   . PRO A 1 125 ? -7.198  -7.253  -9.059  1.00 21.74 ? 131 PRO B O   1 
ATOM   1089 C CB  . PRO A 1 125 ? -4.597  -6.572  -10.564 1.00 20.46 ? 131 PRO B CB  1 
ATOM   1090 C CG  . PRO A 1 125 ? -4.979  -5.162  -10.932 1.00 20.30 ? 131 PRO B CG  1 
ATOM   1091 C CD  . PRO A 1 125 ? -6.205  -5.222  -11.808 1.00 21.07 ? 131 PRO B CD  1 
ATOM   1092 N N   . CYS A 1 126 ? -6.252  -9.294  -9.408  1.00 20.01 ? 132 CYS B N   1 
ATOM   1093 C CA  . CYS A 1 126 ? -6.550  -9.917  -8.097  1.00 21.99 ? 132 CYS B CA  1 
ATOM   1094 C C   . CYS A 1 126 ? -5.341  -9.846  -7.146  1.00 21.77 ? 132 CYS B C   1 
ATOM   1095 O O   . CYS A 1 126 ? -5.542  -9.874  -5.918  1.00 20.81 ? 132 CYS B O   1 
ATOM   1096 C CB  . CYS A 1 126 ? -7.059  -11.340 -8.296  1.00 22.96 ? 132 CYS B CB  1 
ATOM   1097 S SG  . CYS A 1 126 ? -8.651  -11.307 -9.168  1.00 30.28 ? 132 CYS B SG  1 
ATOM   1098 N N   A GLN A 1 127 ? -4.117  -9.779  -7.685  0.25 21.96 ? 133 GLN B N   1 
ATOM   1099 N N   B GLN A 1 127 ? -4.125  -9.742  -7.696  0.25 22.27 ? 133 GLN B N   1 
ATOM   1100 C CA  A GLN A 1 127 ? -2.881  -9.585  -6.876  0.25 22.38 ? 133 GLN B CA  1 
ATOM   1101 C CA  B GLN A 1 127 ? -2.873  -9.597  -6.906  0.25 22.90 ? 133 GLN B CA  1 
ATOM   1102 C C   A GLN A 1 127 ? -1.969  -8.551  -7.549  0.25 22.08 ? 133 GLN B C   1 
ATOM   1103 C C   B GLN A 1 127 ? -1.961  -8.550  -7.557  0.25 22.37 ? 133 GLN B C   1 
ATOM   1104 O O   A GLN A 1 127 ? -1.898  -8.536  -8.794  0.25 21.41 ? 133 GLN B O   1 
ATOM   1105 O O   B GLN A 1 127 ? -1.883  -8.521  -8.802  0.25 21.64 ? 133 GLN B O   1 
ATOM   1106 C CB  A GLN A 1 127 ? -2.125  -10.900 -6.675  0.25 23.11 ? 133 GLN B CB  1 
ATOM   1107 C CB  B GLN A 1 127 ? -2.149  -10.938 -6.796  0.25 24.08 ? 133 GLN B CB  1 
ATOM   1108 C CG  A GLN A 1 127 ? -2.883  -11.925 -5.850  0.25 23.68 ? 133 GLN B CG  1 
ATOM   1109 C CG  B GLN A 1 127 ? -2.984  -12.027 -6.150  0.25 24.99 ? 133 GLN B CG  1 
ATOM   1110 C CD  A GLN A 1 127 ? -3.655  -12.880 -6.725  0.25 24.29 ? 133 GLN B CD  1 
ATOM   1111 C CD  B GLN A 1 127 ? -2.144  -13.223 -5.782  0.25 25.85 ? 133 GLN B CD  1 
ATOM   1112 O OE1 A GLN A 1 127 ? -3.188  -13.293 -7.784  0.25 24.53 ? 133 GLN B OE1 1 
ATOM   1113 O OE1 B GLN A 1 127 ? -0.934  -13.124 -5.583  0.25 27.76 ? 133 GLN B OE1 1 
ATOM   1114 N NE2 A GLN A 1 127 ? -4.848  -13.244 -6.279  0.25 24.24 ? 133 GLN B NE2 1 
ATOM   1115 N NE2 B GLN A 1 127 ? -2.791  -14.370 -5.678  0.25 26.55 ? 133 GLN B NE2 1 
ATOM   1116 N N   . ILE A 1 128 ? -1.291  -7.739  -6.730  1.00 22.14 ? 134 ILE B N   1 
ATOM   1117 C CA  . ILE A 1 128 ? -0.366  -6.653  -7.182  1.00 20.90 ? 134 ILE B CA  1 
ATOM   1118 C C   . ILE A 1 128 ? 1.033   -7.008  -6.673  1.00 20.10 ? 134 ILE B C   1 
ATOM   1119 O O   . ILE A 1 128 ? 1.178   -7.313  -5.465  1.00 18.40 ? 134 ILE B O   1 
ATOM   1120 C CB  . ILE A 1 128 ? -0.826  -5.283  -6.642  1.00 21.92 ? 134 ILE B CB  1 
ATOM   1121 C CG1 . ILE A 1 128 ? -2.252  -4.924  -7.075  1.00 22.82 ? 134 ILE B CG1 1 
ATOM   1122 C CG2 . ILE A 1 128 ? 0.173   -4.195  -7.015  1.00 20.86 ? 134 ILE B CG2 1 
ATOM   1123 C CD1 . ILE A 1 128 ? -2.386  -4.576  -8.526  1.00 21.88 ? 134 ILE B CD1 1 
ATOM   1124 N N   . GLY A 1 129 ? 2.032   -6.997  -7.553  1.00 18.69 ? 135 GLY B N   1 
ATOM   1125 C CA  . GLY A 1 129 ? 3.442   -7.029  -7.131  1.00 17.90 ? 135 GLY B CA  1 
ATOM   1126 C C   . GLY A 1 129 ? 3.997   -5.622  -6.970  1.00 17.47 ? 135 GLY B C   1 
ATOM   1127 O O   . GLY A 1 129 ? 3.752   -4.759  -7.858  1.00 16.44 ? 135 GLY B O   1 
ATOM   1128 N N   . ILE A 1 130 ? 4.738   -5.388  -5.882  1.00 17.68 ? 136 ILE B N   1 
ATOM   1129 C CA  . ILE A 1 130 ? 5.410   -4.087  -5.607  1.00 17.39 ? 136 ILE B CA  1 
ATOM   1130 C C   . ILE A 1 130 ? 6.928   -4.312  -5.534  1.00 16.77 ? 136 ILE B C   1 
ATOM   1131 O O   . ILE A 1 130 ? 7.377   -5.166  -4.766  1.00 16.36 ? 136 ILE B O   1 
ATOM   1132 C CB  . ILE A 1 130 ? 4.853   -3.464  -4.322  1.00 19.39 ? 136 ILE B CB  1 
ATOM   1133 C CG1 . ILE A 1 130 ? 3.341   -3.266  -4.471  1.00 20.59 ? 136 ILE B CG1 1 
ATOM   1134 C CG2 . ILE A 1 130 ? 5.578   -2.165  -3.978  1.00 19.21 ? 136 ILE B CG2 1 
ATOM   1135 C CD1 . ILE A 1 130 ? 2.632   -2.888  -3.206  1.00 23.55 ? 136 ILE B CD1 1 
ATOM   1136 N N   . PHE A 1 131 ? 7.674   -3.584  -6.347  1.00 17.11 ? 137 PHE B N   1 
ATOM   1137 C CA  . PHE A 1 131 ? 9.157   -3.673  -6.433  1.00 16.17 ? 137 PHE B CA  1 
ATOM   1138 C C   . PHE A 1 131 ? 9.736   -2.326  -6.026  1.00 15.48 ? 137 PHE B C   1 
ATOM   1139 O O   . PHE A 1 131 ? 9.339   -1.313  -6.612  1.00 16.52 ? 137 PHE B O   1 
ATOM   1140 C CB  . PHE A 1 131 ? 9.608   -4.052  -7.845  1.00 18.36 ? 137 PHE B CB  1 
ATOM   1141 C CG  . PHE A 1 131 ? 11.110  -4.101  -8.031  1.00 20.87 ? 137 PHE B CG  1 
ATOM   1142 C CD1 . PHE A 1 131 ? 11.875  -5.074  -7.412  1.00 22.58 ? 137 PHE B CD1 1 
ATOM   1143 C CD2 . PHE A 1 131 ? 11.767  -3.154  -8.811  1.00 22.23 ? 137 PHE B CD2 1 
ATOM   1144 C CE1 . PHE A 1 131 ? 13.255  -5.103  -7.584  1.00 23.53 ? 137 PHE B CE1 1 
ATOM   1145 C CE2 . PHE A 1 131 ? 13.150  -3.180  -8.969  1.00 22.22 ? 137 PHE B CE2 1 
ATOM   1146 C CZ  . PHE A 1 131 ? 13.892  -4.155  -8.355  1.00 22.24 ? 137 PHE B CZ  1 
ATOM   1147 N N   . VAL A 1 132 ? 10.697  -2.318  -5.105  1.00 15.82 ? 138 VAL B N   1 
ATOM   1148 C CA  . VAL A 1 132 ? 11.423  -1.066  -4.745  1.00 16.07 ? 138 VAL B CA  1 
ATOM   1149 C C   . VAL A 1 132 ? 12.923  -1.305  -4.916  1.00 15.81 ? 138 VAL B C   1 
ATOM   1150 O O   . VAL A 1 132 ? 13.439  -2.285  -4.373  1.00 16.37 ? 138 VAL B O   1 
ATOM   1151 C CB  . VAL A 1 132 ? 11.101  -0.607  -3.319  1.00 16.75 ? 138 VAL B CB  1 
ATOM   1152 C CG1 . VAL A 1 132 ? 11.836  0.675   -2.955  1.00 16.62 ? 138 VAL B CG1 1 
ATOM   1153 C CG2 . VAL A 1 132 ? 9.599   -0.460  -3.165  1.00 17.08 ? 138 VAL B CG2 1 
ATOM   1154 N N   . ASP A 1 133 ? 13.558  -0.428  -5.683  1.00 17.50 ? 139 ASP B N   1 
ATOM   1155 C CA  . ASP A 1 133 ? 15.039  -0.351  -5.809  1.00 18.02 ? 139 ASP B CA  1 
ATOM   1156 C C   . ASP A 1 133 ? 15.458  0.955   -5.135  1.00 16.89 ? 139 ASP B C   1 
ATOM   1157 O O   . ASP A 1 133 ? 15.290  2.037   -5.730  1.00 16.99 ? 139 ASP B O   1 
ATOM   1158 C CB  . ASP A 1 133 ? 15.486  -0.516  -7.257  1.00 18.20 ? 139 ASP B CB  1 
ATOM   1159 C CG  . ASP A 1 133 ? 16.998  -0.582  -7.409  1.00 21.47 ? 139 ASP B CG  1 
ATOM   1160 O OD1 . ASP A 1 133 ? 17.722  -0.135  -6.465  1.00 20.94 ? 139 ASP B OD1 1 
ATOM   1161 O OD2 . ASP A 1 133 ? 17.432  -0.998  -8.513  1.00 24.79 ? 139 ASP B OD2 1 
ATOM   1162 N N   . TYR A 1 134 ? 15.935  0.854   -3.903  1.00 16.86 ? 140 TYR B N   1 
ATOM   1163 C CA  . TYR A 1 134 ? 16.249  2.039   -3.081  1.00 18.44 ? 140 TYR B CA  1 
ATOM   1164 C C   . TYR A 1 134 ? 17.297  2.901   -3.802  1.00 18.82 ? 140 TYR B C   1 
ATOM   1165 O O   . TYR A 1 134 ? 17.032  4.084   -4.067  1.00 19.64 ? 140 TYR B O   1 
ATOM   1166 C CB  . TYR A 1 134 ? 16.694  1.666   -1.663  1.00 18.42 ? 140 TYR B CB  1 
ATOM   1167 C CG  . TYR A 1 134 ? 16.561  2.874   -0.775  1.00 17.51 ? 140 TYR B CG  1 
ATOM   1168 C CD1 . TYR A 1 134 ? 17.481  3.915   -0.848  1.00 17.46 ? 140 TYR B CD1 1 
ATOM   1169 C CD2 . TYR A 1 134 ? 15.463  3.036   0.046   1.00 17.41 ? 140 TYR B CD2 1 
ATOM   1170 C CE1 . TYR A 1 134 ? 17.338  5.059   -0.084  1.00 18.56 ? 140 TYR B CE1 1 
ATOM   1171 C CE2 . TYR A 1 134 ? 15.312  4.170   0.829   1.00 17.17 ? 140 TYR B CE2 1 
ATOM   1172 C CZ  . TYR A 1 134 ? 16.250  5.184   0.764   1.00 17.69 ? 140 TYR B CZ  1 
ATOM   1173 O OH  . TYR A 1 134 ? 16.107  6.309   1.523   1.00 17.89 ? 140 TYR B OH  1 
ATOM   1174 N N   . GLU A 1 135 ? 18.448  2.312   -4.141  1.00 20.27 ? 141 GLU B N   1 
ATOM   1175 C CA  . GLU A 1 135 ? 19.578  3.047   -4.758  1.00 21.35 ? 141 GLU B CA  1 
ATOM   1176 C C   . GLU A 1 135 ? 19.149  3.665   -6.097  1.00 20.71 ? 141 GLU B C   1 
ATOM   1177 O O   . GLU A 1 135 ? 19.510  4.835   -6.333  1.00 21.22 ? 141 GLU B O   1 
ATOM   1178 C CB  . GLU A 1 135 ? 20.822  2.162   -4.889  1.00 25.30 ? 141 GLU B CB  1 
ATOM   1179 C CG  . GLU A 1 135 ? 21.633  2.096   -3.598  1.00 30.73 ? 141 GLU B CG  1 
ATOM   1180 C CD  . GLU A 1 135 ? 20.913  1.403   -2.466  1.00 33.12 ? 141 GLU B CD  1 
ATOM   1181 O OE1 . GLU A 1 135 ? 21.149  1.762   -1.318  1.00 37.91 ? 141 GLU B OE1 1 
ATOM   1182 O OE2 . GLU A 1 135 ? 20.100  0.507   -2.752  1.00 43.15 ? 141 GLU B OE2 1 
ATOM   1183 N N   . ALA A 1 136 ? 18.416  2.949   -6.942  1.00 19.54 ? 142 ALA B N   1 
ATOM   1184 C CA  . ALA A 1 136 ? 18.000  3.440   -8.280  1.00 19.39 ? 142 ALA B CA  1 
ATOM   1185 C C   . ALA A 1 136 ? 16.890  4.496   -8.161  1.00 19.25 ? 142 ALA B C   1 
ATOM   1186 O O   . ALA A 1 136 ? 16.715  5.258   -9.126  1.00 21.15 ? 142 ALA B O   1 
ATOM   1187 C CB  . ALA A 1 136 ? 17.560  2.290   -9.152  1.00 20.55 ? 142 ALA B CB  1 
ATOM   1188 N N   . GLY A 1 137 ? 16.194  4.594   -7.026  1.00 17.74 ? 143 GLY B N   1 
ATOM   1189 C CA  . GLY A 1 137 ? 15.045  5.508   -6.891  1.00 17.30 ? 143 GLY B CA  1 
ATOM   1190 C C   . GLY A 1 137 ? 13.851  5.045   -7.727  1.00 16.77 ? 143 GLY B C   1 
ATOM   1191 O O   . GLY A 1 137 ? 13.319  5.845   -8.490  1.00 17.43 ? 143 GLY B O   1 
ATOM   1192 N N   . VAL A 1 138 ? 13.459  3.782   -7.616  1.00 17.08 ? 144 VAL B N   1 
ATOM   1193 C CA  . VAL A 1 138 ? 12.401  3.159   -8.465  1.00 18.46 ? 144 VAL B CA  1 
ATOM   1194 C C   . VAL A 1 138 ? 11.360  2.474   -7.583  1.00 17.54 ? 144 VAL B C   1 
ATOM   1195 O O   . VAL A 1 138 ? 11.742  1.734   -6.674  1.00 18.19 ? 144 VAL B O   1 
ATOM   1196 C CB  . VAL A 1 138 ? 13.005  2.156   -9.467  1.00 19.59 ? 144 VAL B CB  1 
ATOM   1197 C CG1 . VAL A 1 138 ? 11.939  1.334   -10.186 1.00 21.02 ? 144 VAL B CG1 1 
ATOM   1198 C CG2 . VAL A 1 138 ? 13.881  2.862   -10.476 1.00 20.06 ? 144 VAL B CG2 1 
ATOM   1199 N N   . VAL A 1 139 ? 10.085  2.720   -7.870  1.00 16.25 ? 145 VAL B N   1 
ATOM   1200 C CA  . VAL A 1 139 ? 8.961   1.924   -7.322  1.00 16.51 ? 145 VAL B CA  1 
ATOM   1201 C C   . VAL A 1 139 ? 8.139   1.434   -8.511  1.00 16.13 ? 145 VAL B C   1 
ATOM   1202 O O   . VAL A 1 139 ? 7.631   2.294   -9.254  1.00 17.28 ? 145 VAL B O   1 
ATOM   1203 C CB  . VAL A 1 139 ? 8.098   2.737   -6.334  1.00 16.43 ? 145 VAL B CB  1 
ATOM   1204 C CG1 . VAL A 1 139 ? 7.069   1.830   -5.664  1.00 16.74 ? 145 VAL B CG1 1 
ATOM   1205 C CG2 . VAL A 1 139 ? 8.966   3.428   -5.288  1.00 16.49 ? 145 VAL B CG2 1 
ATOM   1206 N N   . SER A 1 140 ? 8.018   0.117   -8.684  1.00 15.64 ? 146 SER B N   1 
ATOM   1207 C CA  . SER A 1 140 ? 7.253   -0.475  -9.812  1.00 16.48 ? 146 SER B CA  1 
ATOM   1208 C C   . SER A 1 140 ? 6.121   -1.382  -9.305  1.00 15.93 ? 146 SER B C   1 
ATOM   1209 O O   . SER A 1 140 ? 6.271   -2.051  -8.260  1.00 16.81 ? 146 SER B O   1 
ATOM   1210 C CB  . SER A 1 140 ? 8.189   -1.215  -10.758 1.00 16.55 ? 146 SER B CB  1 
ATOM   1211 O OG  . SER A 1 140 ? 9.077   -0.312  -11.410 1.00 16.95 ? 146 SER B OG  1 
ATOM   1212 N N   . PHE A 1 141 ? 5.016   -1.389  -10.043 1.00 15.73 ? 147 PHE B N   1 
ATOM   1213 C CA  . PHE A 1 141 ? 3.791   -2.157  -9.746  1.00 15.25 ? 147 PHE B CA  1 
ATOM   1214 C C   . PHE A 1 141 ? 3.510   -3.085  -10.925 1.00 16.09 ? 147 PHE B C   1 
ATOM   1215 O O   . PHE A 1 141 ? 3.560   -2.611  -12.111 1.00 15.36 ? 147 PHE B O   1 
ATOM   1216 C CB  . PHE A 1 141 ? 2.608   -1.209  -9.489  1.00 15.66 ? 147 PHE B CB  1 
ATOM   1217 C CG  . PHE A 1 141 ? 2.828   -0.281  -8.330  1.00 15.42 ? 147 PHE B CG  1 
ATOM   1218 C CD1 . PHE A 1 141 ? 3.549   0.898   -8.490  1.00 16.11 ? 147 PHE B CD1 1 
ATOM   1219 C CD2 . PHE A 1 141 ? 2.336   -0.599  -7.069  1.00 15.47 ? 147 PHE B CD2 1 
ATOM   1220 C CE1 . PHE A 1 141 ? 3.779   1.740   -7.409  1.00 16.13 ? 147 PHE B CE1 1 
ATOM   1221 C CE2 . PHE A 1 141 ? 2.568   0.243   -5.992  1.00 15.51 ? 147 PHE B CE2 1 
ATOM   1222 C CZ  . PHE A 1 141 ? 3.275   1.415   -6.165  1.00 16.10 ? 147 PHE B CZ  1 
ATOM   1223 N N   . TYR A 1 142 ? 3.217   -4.347  -10.609 1.00 17.27 ? 148 TYR B N   1 
ATOM   1224 C CA  . TYR A 1 142 ? 2.981   -5.432  -11.595 1.00 19.45 ? 148 TYR B CA  1 
ATOM   1225 C C   . TYR A 1 142 ? 1.611   -6.099  -11.376 1.00 21.28 ? 148 TYR B C   1 
ATOM   1226 O O   . TYR A 1 142 ? 1.147   -6.252  -10.238 1.00 21.81 ? 148 TYR B O   1 
ATOM   1227 C CB  . TYR A 1 142 ? 4.126   -6.442  -11.541 1.00 19.64 ? 148 TYR B CB  1 
ATOM   1228 C CG  . TYR A 1 142 ? 5.460   -5.821  -11.854 1.00 20.01 ? 148 TYR B CG  1 
ATOM   1229 C CD1 . TYR A 1 142 ? 5.879   -5.675  -13.167 1.00 20.29 ? 148 TYR B CD1 1 
ATOM   1230 C CD2 . TYR A 1 142 ? 6.255   -5.286  -10.855 1.00 20.31 ? 148 TYR B CD2 1 
ATOM   1231 C CE1 . TYR A 1 142 ? 7.083   -5.064  -13.478 1.00 21.46 ? 148 TYR B CE1 1 
ATOM   1232 C CE2 . TYR A 1 142 ? 7.472   -4.692  -11.146 1.00 20.57 ? 148 TYR B CE2 1 
ATOM   1233 C CZ  . TYR A 1 142 ? 7.889   -4.581  -12.462 1.00 21.68 ? 148 TYR B CZ  1 
ATOM   1234 O OH  . TYR A 1 142 ? 9.082   -3.980  -12.773 1.00 21.66 ? 148 TYR B OH  1 
ATOM   1235 N N   . ASN A 1 143 ? 0.976   -6.495  -12.480 1.00 21.34 ? 149 ASN B N   1 
ATOM   1236 C CA  . ASN A 1 143 ? -0.336  -7.190  -12.507 1.00 20.49 ? 149 ASN B CA  1 
ATOM   1237 C C   . ASN A 1 143 ? -0.085  -8.704  -12.489 1.00 21.10 ? 149 ASN B C   1 
ATOM   1238 O O   . ASN A 1 143 ? 0.136   -9.305  -13.554 1.00 22.00 ? 149 ASN B O   1 
ATOM   1239 C CB  . ASN A 1 143 ? -1.141  -6.759  -13.728 1.00 21.00 ? 149 ASN B CB  1 
ATOM   1240 C CG  . ASN A 1 143 ? -2.550  -7.309  -13.737 1.00 21.28 ? 149 ASN B CG  1 
ATOM   1241 O OD1 . ASN A 1 143 ? -2.836  -8.306  -13.074 1.00 23.44 ? 149 ASN B OD1 1 
ATOM   1242 N ND2 . ASN A 1 143 ? -3.425  -6.663  -14.482 1.00 20.72 ? 149 ASN B ND2 1 
ATOM   1243 N N   . ILE A 1 144 ? -0.074  -9.318  -11.309 1.00 20.11 ? 150 ILE B N   1 
ATOM   1244 C CA  . ILE A 1 144 ? 0.218   -10.768 -11.173 1.00 20.97 ? 150 ILE B CA  1 
ATOM   1245 C C   . ILE A 1 144 ? -0.841  -11.563 -11.962 1.00 22.50 ? 150 ILE B C   1 
ATOM   1246 O O   . ILE A 1 144 ? -0.499  -12.614 -12.545 1.00 23.00 ? 150 ILE B O   1 
ATOM   1247 C CB  . ILE A 1 144 ? 0.277   -11.172 -9.693  1.00 21.58 ? 150 ILE B CB  1 
ATOM   1248 C CG1 . ILE A 1 144 ? 1.218   -10.281 -8.876  1.00 20.82 ? 150 ILE B CG1 1 
ATOM   1249 C CG2 . ILE A 1 144 ? 0.658   -12.639 -9.553  1.00 21.51 ? 150 ILE B CG2 1 
ATOM   1250 C CD1 . ILE A 1 144 ? 2.547   -10.046 -9.553  1.00 22.66 ? 150 ILE B CD1 1 
ATOM   1251 N N   . THR A 1 145 ? -2.090  -11.105 -11.978 1.00 22.58 ? 151 THR B N   1 
ATOM   1252 C CA  . THR A 1 145 ? -3.210  -11.823 -12.659 1.00 25.17 ? 151 THR B CA  1 
ATOM   1253 C C   . THR A 1 145 ? -2.933  -11.886 -14.165 1.00 26.74 ? 151 THR B C   1 
ATOM   1254 O O   . THR A 1 145 ? -3.260  -12.895 -14.779 1.00 29.06 ? 151 THR B O   1 
ATOM   1255 C CB  . THR A 1 145 ? -4.547  -11.140 -12.356 1.00 24.71 ? 151 THR B CB  1 
ATOM   1256 O OG1 . THR A 1 145 ? -4.624  -11.061 -10.933 1.00 23.48 ? 151 THR B OG1 1 
ATOM   1257 C CG2 . THR A 1 145 ? -5.733  -11.876 -12.937 1.00 26.69 ? 151 THR B CG2 1 
ATOM   1258 N N   . ASP A 1 146 ? -2.311  -10.850 -14.722 1.00 28.03 ? 152 ASP B N   1 
ATOM   1259 C CA  . ASP A 1 146 ? -1.978  -10.761 -16.166 1.00 29.48 ? 152 ASP B CA  1 
ATOM   1260 C C   . ASP A 1 146 ? -0.490  -11.024 -16.410 1.00 29.93 ? 152 ASP B C   1 
ATOM   1261 O O   . ASP A 1 146 ? 0.147   -10.165 -17.020 1.00 30.42 ? 152 ASP B O   1 
ATOM   1262 C CB  . ASP A 1 146 ? -2.395  -9.403  -16.697 1.00 30.12 ? 152 ASP B CB  1 
ATOM   1263 C CG  . ASP A 1 146 ? -2.212  -9.277  -18.187 1.00 32.61 ? 152 ASP B CG  1 
ATOM   1264 O OD1 . ASP A 1 146 ? -2.531  -10.250 -18.907 1.00 31.34 ? 152 ASP B OD1 1 
ATOM   1265 O OD2 . ASP A 1 146 ? -1.778  -8.190  -18.600 1.00 34.49 ? 152 ASP B OD2 1 
ATOM   1266 N N   . HIS A 1 147 ? 0.025   -12.173 -15.962 1.00 30.30 ? 153 HIS B N   1 
ATOM   1267 C CA  . HIS A 1 147 ? 1.398   -12.654 -16.263 1.00 33.64 ? 153 HIS B CA  1 
ATOM   1268 C C   . HIS A 1 147 ? 2.440   -11.617 -15.809 1.00 30.73 ? 153 HIS B C   1 
ATOM   1269 O O   . HIS A 1 147 ? 3.454   -11.487 -16.495 1.00 27.28 ? 153 HIS B O   1 
ATOM   1270 C CB  . HIS A 1 147 ? 1.581   -12.895 -17.773 1.00 39.78 ? 153 HIS B CB  1 
ATOM   1271 C CG  . HIS A 1 147 ? 0.607   -13.824 -18.420 1.00 43.27 ? 153 HIS B CG  1 
ATOM   1272 N ND1 . HIS A 1 147 ? 0.658   -15.195 -18.239 1.00 50.95 ? 153 HIS B ND1 1 
ATOM   1273 C CD2 . HIS A 1 147 ? -0.384  -13.592 -19.310 1.00 49.07 ? 153 HIS B CD2 1 
ATOM   1274 C CE1 . HIS A 1 147 ? -0.292  -15.767 -18.955 1.00 52.59 ? 153 HIS B CE1 1 
ATOM   1275 N NE2 . HIS A 1 147 ? -0.944  -14.803 -19.628 1.00 52.61 ? 153 HIS B NE2 1 
ATOM   1276 N N   . GLY A 1 148 ? 2.178   -10.861 -14.740 1.00 26.10 ? 154 GLY B N   1 
ATOM   1277 C CA  . GLY A 1 148 ? 3.178   -9.941  -14.156 1.00 23.15 ? 154 GLY B CA  1 
ATOM   1278 C C   . GLY A 1 148 ? 3.437   -8.723  -15.028 1.00 20.92 ? 154 GLY B C   1 
ATOM   1279 O O   . GLY A 1 148 ? 4.543   -8.185  -14.940 1.00 21.09 ? 154 GLY B O   1 
ATOM   1280 N N   . SER A 1 149 ? 2.473   -8.305  -15.849 1.00 21.17 ? 155 SER B N   1 
ATOM   1281 C CA  . SER A 1 149 ? 2.597   -7.150  -16.776 1.00 19.90 ? 155 SER B CA  1 
ATOM   1282 C C   . SER A 1 149 ? 2.781   -5.856  -15.972 1.00 19.44 ? 155 SER B C   1 
ATOM   1283 O O   . SER A 1 149 ? 2.143   -5.718  -14.922 1.00 20.49 ? 155 SER B O   1 
ATOM   1284 C CB  . SER A 1 149 ? 1.416   -7.060  -17.704 1.00 20.98 ? 155 SER B CB  1 
ATOM   1285 O OG  . SER A 1 149 ? 0.204   -6.879  -16.987 1.00 22.46 ? 155 SER B OG  1 
ATOM   1286 N N   . LEU A 1 150 ? 3.584   -4.916  -16.471 1.00 19.58 ? 156 LEU B N   1 
ATOM   1287 C CA  . LEU A 1 150 ? 3.858   -3.628  -15.785 1.00 18.73 ? 156 LEU B CA  1 
ATOM   1288 C C   . LEU A 1 150 ? 2.579   -2.796  -15.682 1.00 18.37 ? 156 LEU B C   1 
ATOM   1289 O O   . LEU A 1 150 ? 1.893   -2.600  -16.720 1.00 18.82 ? 156 LEU B O   1 
ATOM   1290 C CB  . LEU A 1 150 ? 4.917   -2.850  -16.558 1.00 18.82 ? 156 LEU B CB  1 
ATOM   1291 C CG  . LEU A 1 150 ? 5.359   -1.525  -15.943 1.00 19.41 ? 156 LEU B CG  1 
ATOM   1292 C CD1 . LEU A 1 150 ? 6.006   -1.696  -14.567 1.00 18.73 ? 156 LEU B CD1 1 
ATOM   1293 C CD2 . LEU A 1 150 ? 6.349   -0.831  -16.882 1.00 19.04 ? 156 LEU B CD2 1 
ATOM   1294 N N   . ILE A 1 151 ? 2.291   -2.292  -14.486 1.00 16.13 ? 157 ILE B N   1 
ATOM   1295 C CA  . ILE A 1 151 ? 1.198   -1.312  -14.274 1.00 16.77 ? 157 ILE B CA  1 
ATOM   1296 C C   . ILE A 1 151 ? 1.778   0.100   -14.308 1.00 16.56 ? 157 ILE B C   1 
ATOM   1297 O O   . ILE A 1 151 ? 1.221   0.958   -15.019 1.00 14.55 ? 157 ILE B O   1 
ATOM   1298 C CB  . ILE A 1 151 ? 0.447   -1.601  -12.969 1.00 17.83 ? 157 ILE B CB  1 
ATOM   1299 C CG1 . ILE A 1 151 ? -0.280  -2.944  -13.061 1.00 17.07 ? 157 ILE B CG1 1 
ATOM   1300 C CG2 . ILE A 1 151 ? -0.501  -0.455  -12.633 1.00 17.11 ? 157 ILE B CG2 1 
ATOM   1301 C CD1 . ILE A 1 151 ? -0.763  -3.474  -11.743 1.00 17.98 ? 157 ILE B CD1 1 
ATOM   1302 N N   . TYR A 1 152 ? 2.830   0.358   -13.532 1.00 15.69 ? 158 TYR B N   1 
ATOM   1303 C CA  . TYR A 1 152 ? 3.383   1.730   -13.382 1.00 15.25 ? 158 TYR B CA  1 
ATOM   1304 C C   . TYR A 1 152 ? 4.789   1.679   -12.786 1.00 15.54 ? 158 TYR B C   1 
ATOM   1305 O O   . TYR A 1 152 ? 5.078   0.804   -11.934 1.00 14.33 ? 158 TYR B O   1 
ATOM   1306 C CB  . TYR A 1 152 ? 2.476   2.598   -12.497 1.00 15.18 ? 158 TYR B CB  1 
ATOM   1307 C CG  . TYR A 1 152 ? 2.818   4.060   -12.576 1.00 15.59 ? 158 TYR B CG  1 
ATOM   1308 C CD1 . TYR A 1 152 ? 2.372   4.832   -13.635 1.00 15.21 ? 158 TYR B CD1 1 
ATOM   1309 C CD2 . TYR A 1 152 ? 3.646   4.661   -11.640 1.00 15.70 ? 158 TYR B CD2 1 
ATOM   1310 C CE1 . TYR A 1 152 ? 2.695   6.168   -13.740 1.00 15.02 ? 158 TYR B CE1 1 
ATOM   1311 C CE2 . TYR A 1 152 ? 3.971   6.010   -11.730 1.00 15.70 ? 158 TYR B CE2 1 
ATOM   1312 C CZ  . TYR A 1 152 ? 3.520   6.754   -12.800 1.00 15.23 ? 158 TYR B CZ  1 
ATOM   1313 O OH  . TYR A 1 152 ? 3.824   8.085   -12.931 1.00 17.90 ? 158 TYR B OH  1 
ATOM   1314 N N   . THR A 1 153 ? 5.639   2.613   -13.223 1.00 14.82 ? 159 THR B N   1 
ATOM   1315 C CA  . THR A 1 153 ? 6.997   2.808   -12.654 1.00 15.43 ? 159 THR B CA  1 
ATOM   1316 C C   . THR A 1 153 ? 7.136   4.267   -12.258 1.00 15.54 ? 159 THR B C   1 
ATOM   1317 O O   . THR A 1 153 ? 7.058   5.105   -13.171 1.00 15.08 ? 159 THR B O   1 
ATOM   1318 C CB  . THR A 1 153 ? 8.122   2.430   -13.631 1.00 16.02 ? 159 THR B CB  1 
ATOM   1319 O OG1 . THR A 1 153 ? 8.118   1.008   -13.704 1.00 15.71 ? 159 THR B OG1 1 
ATOM   1320 C CG2 . THR A 1 153 ? 9.488   2.901   -13.178 1.00 16.55 ? 159 THR B CG2 1 
ATOM   1321 N N   . PHE A 1 154 ? 7.319   4.542   -10.960 1.00 16.35 ? 160 PHE B N   1 
ATOM   1322 C CA  . PHE A 1 154 ? 7.886   5.827   -10.472 1.00 15.27 ? 160 PHE B CA  1 
ATOM   1323 C C   . PHE A 1 154 ? 9.422   5.736   -10.583 1.00 17.19 ? 160 PHE B C   1 
ATOM   1324 O O   . PHE A 1 154 ? 10.026  4.816   -10.010 1.00 16.52 ? 160 PHE B O   1 
ATOM   1325 C CB  . PHE A 1 154 ? 7.530   6.111   -9.010  1.00 15.82 ? 160 PHE B CB  1 
ATOM   1326 C CG  . PHE A 1 154 ? 6.083   6.339   -8.676  1.00 14.47 ? 160 PHE B CG  1 
ATOM   1327 C CD1 . PHE A 1 154 ? 5.240   5.265   -8.437  1.00 14.13 ? 160 PHE B CD1 1 
ATOM   1328 C CD2 . PHE A 1 154 ? 5.594   7.627   -8.503  1.00 14.42 ? 160 PHE B CD2 1 
ATOM   1329 C CE1 . PHE A 1 154 ? 3.910   5.487   -8.076  1.00 13.88 ? 160 PHE B CE1 1 
ATOM   1330 C CE2 . PHE A 1 154 ? 4.275   7.840   -8.122  1.00 14.15 ? 160 PHE B CE2 1 
ATOM   1331 C CZ  . PHE A 1 154 ? 3.443   6.768   -7.906  1.00 14.06 ? 160 PHE B CZ  1 
ATOM   1332 N N   . SER A 1 155 ? 10.035  6.630   -11.360 1.00 17.40 ? 161 SER B N   1 
ATOM   1333 C CA  . SER A 1 155 ? 11.498  6.734   -11.520 1.00 19.32 ? 161 SER B CA  1 
ATOM   1334 C C   . SER A 1 155 ? 11.977  8.079   -10.969 1.00 19.56 ? 161 SER B C   1 
ATOM   1335 O O   . SER A 1 155 ? 11.133  8.954   -10.743 1.00 18.68 ? 161 SER B O   1 
ATOM   1336 C CB  . SER A 1 155 ? 11.852  6.552   -12.985 1.00 21.31 ? 161 SER B CB  1 
ATOM   1337 O OG  . SER A 1 155 ? 11.453  7.684   -13.746 1.00 23.91 ? 161 SER B OG  1 
ATOM   1338 N N   . GLU A 1 156 ? 13.278  8.214   -10.696 1.00 20.29 ? 162 GLU B N   1 
ATOM   1339 C CA  . GLU A 1 156 ? 13.871  9.452   -10.110 1.00 22.86 ? 162 GLU B CA  1 
ATOM   1340 C C   . GLU A 1 156 ? 13.194  9.757   -8.762  1.00 21.64 ? 162 GLU B C   1 
ATOM   1341 O O   . GLU A 1 156 ? 12.992  10.946  -8.454  1.00 20.72 ? 162 GLU B O   1 
ATOM   1342 C CB  . GLU A 1 156 ? 13.728  10.620  -11.093 1.00 26.19 ? 162 GLU B CB  1 
ATOM   1343 C CG  . GLU A 1 156 ? 14.497  10.399  -12.388 1.00 32.04 ? 162 GLU B CG  1 
ATOM   1344 C CD  . GLU A 1 156 ? 14.023  11.195  -13.599 1.00 40.11 ? 162 GLU B CD  1 
ATOM   1345 O OE1 . GLU A 1 156 ? 13.329  12.225  -13.412 1.00 45.36 ? 162 GLU B OE1 1 
ATOM   1346 O OE2 . GLU A 1 156 ? 14.341  10.774  -14.744 1.00 47.09 ? 162 GLU B OE2 1 
ATOM   1347 N N   . CYS A 1 157 ? 12.851  8.730   -7.979  1.00 20.25 ? 163 CYS B N   1 
ATOM   1348 C CA  . CYS A 1 157 ? 12.175  8.933   -6.674  1.00 19.97 ? 163 CYS B CA  1 
ATOM   1349 C C   . CYS A 1 157 ? 13.183  9.580   -5.714  1.00 21.33 ? 163 CYS B C   1 
ATOM   1350 O O   . CYS A 1 157 ? 14.375  9.188   -5.714  1.00 21.17 ? 163 CYS B O   1 
ATOM   1351 C CB  . CYS A 1 157 ? 11.635  7.641   -6.083  1.00 20.72 ? 163 CYS B CB  1 
ATOM   1352 S SG  . CYS A 1 157 ? 10.403  6.792   -7.116  1.00 19.76 ? 163 CYS B SG  1 
ATOM   1353 N N   . VAL A 1 158 ? 12.740  10.551  -4.926  1.00 19.53 ? 164 VAL B N   1 
ATOM   1354 C CA  . VAL A 1 158 ? 13.569  11.135  -3.838  1.00 19.90 ? 164 VAL B CA  1 
ATOM   1355 C C   . VAL A 1 158 ? 12.989  10.631  -2.516  1.00 18.93 ? 164 VAL B C   1 
ATOM   1356 O O   . VAL A 1 158 ? 12.144  11.333  -1.937  1.00 19.87 ? 164 VAL B O   1 
ATOM   1357 C CB  . VAL A 1 158 ? 13.594  12.678  -3.920  1.00 21.85 ? 164 VAL B CB  1 
ATOM   1358 C CG1 . VAL A 1 158 ? 14.457  13.260  -2.807  1.00 23.43 ? 164 VAL B CG1 1 
ATOM   1359 C CG2 . VAL A 1 158 ? 14.067  13.159  -5.286  1.00 22.57 ? 164 VAL B CG2 1 
ATOM   1360 N N   . PHE A 1 159 ? 13.386  9.439   -2.061  1.00 17.68 ? 165 PHE B N   1 
ATOM   1361 C CA  . PHE A 1 159 ? 12.756  8.805   -0.879  1.00 18.39 ? 165 PHE B CA  1 
ATOM   1362 C C   . PHE A 1 159 ? 13.007  9.668   0.360   1.00 20.26 ? 165 PHE B C   1 
ATOM   1363 O O   . PHE A 1 159 ? 12.060  9.901   1.125   1.00 18.63 ? 165 PHE B O   1 
ATOM   1364 C CB  . PHE A 1 159 ? 13.236  7.370   -0.714  1.00 18.50 ? 165 PHE B CB  1 
ATOM   1365 C CG  . PHE A 1 159 ? 12.905  6.474   -1.877  1.00 17.92 ? 165 PHE B CG  1 
ATOM   1366 C CD1 . PHE A 1 159 ? 11.618  6.394   -2.369  1.00 17.52 ? 165 PHE B CD1 1 
ATOM   1367 C CD2 . PHE A 1 159 ? 13.886  5.686   -2.465  1.00 18.19 ? 165 PHE B CD2 1 
ATOM   1368 C CE1 . PHE A 1 159 ? 11.314  5.544   -3.421  1.00 17.45 ? 165 PHE B CE1 1 
ATOM   1369 C CE2 . PHE A 1 159 ? 13.583  4.844   -3.521  1.00 17.69 ? 165 PHE B CE2 1 
ATOM   1370 C CZ  . PHE A 1 159 ? 12.302  4.786   -4.005  1.00 17.80 ? 165 PHE B CZ  1 
ATOM   1371 N N   . ALA A 1 160 ? 14.230  10.170  0.528   1.00 19.98 ? 166 ALA B N   1 
ATOM   1372 C CA  . ALA A 1 160 ? 14.599  11.156  1.569   1.00 21.13 ? 166 ALA B CA  1 
ATOM   1373 C C   . ALA A 1 160 ? 14.407  10.583  2.977   1.00 21.08 ? 166 ALA B C   1 
ATOM   1374 O O   . ALA A 1 160 ? 14.181  11.376  3.911   1.00 21.07 ? 166 ALA B O   1 
ATOM   1375 C CB  . ALA A 1 160 ? 13.796  12.416  1.399   1.00 22.06 ? 166 ALA B CB  1 
ATOM   1376 N N   . GLY A 1 161 ? 14.453  9.262   3.115   1.00 20.11 ? 167 GLY B N   1 
ATOM   1377 C CA  . GLY A 1 161 ? 14.357  8.591   4.421   1.00 20.09 ? 167 GLY B CA  1 
ATOM   1378 C C   . GLY A 1 161 ? 14.100  7.104   4.270   1.00 18.80 ? 167 GLY B C   1 
ATOM   1379 O O   . GLY A 1 161 ? 13.967  6.613   3.147   1.00 19.31 ? 167 GLY B O   1 
ATOM   1380 N N   . PRO A 1 162 ? 14.011  6.369   5.398   1.00 17.12 ? 168 PRO B N   1 
ATOM   1381 C CA  . PRO A 1 162 ? 13.607  4.971   5.376   1.00 17.05 ? 168 PRO B CA  1 
ATOM   1382 C C   . PRO A 1 162 ? 12.177  4.858   4.818   1.00 17.97 ? 168 PRO B C   1 
ATOM   1383 O O   . PRO A 1 162 ? 11.356  5.755   5.050   1.00 17.30 ? 168 PRO B O   1 
ATOM   1384 C CB  . PRO A 1 162 ? 13.658  4.507   6.846   1.00 17.00 ? 168 PRO B CB  1 
ATOM   1385 C CG  . PRO A 1 162 ? 14.413  5.591   7.586   1.00 16.80 ? 168 PRO B CG  1 
ATOM   1386 C CD  . PRO A 1 162 ? 14.234  6.856   6.766   1.00 17.05 ? 168 PRO B CD  1 
ATOM   1387 N N   . LEU A 1 163 ? 11.925  3.773   4.088   1.00 17.46 ? 169 LEU B N   1 
ATOM   1388 C CA  . LEU A 1 163 ? 10.616  3.469   3.453   1.00 17.59 ? 169 LEU B CA  1 
ATOM   1389 C C   . LEU A 1 163 ? 9.919   2.379   4.251   1.00 17.08 ? 169 LEU B C   1 
ATOM   1390 O O   . LEU A 1 163 ? 10.593  1.491   4.755   1.00 18.63 ? 169 LEU B O   1 
ATOM   1391 C CB  . LEU A 1 163 ? 10.832  3.008   2.014   1.00 16.91 ? 169 LEU B CB  1 
ATOM   1392 C CG  . LEU A 1 163 ? 11.287  4.071   1.025   1.00 17.26 ? 169 LEU B CG  1 
ATOM   1393 C CD1 . LEU A 1 163 ? 11.552  3.418   -0.324  1.00 18.46 ? 169 LEU B CD1 1 
ATOM   1394 C CD2 . LEU A 1 163 ? 10.274  5.199   0.914   1.00 18.25 ? 169 LEU B CD2 1 
ATOM   1395 N N   . ARG A 1 164 ? 8.590   2.464   4.311   1.00 18.27 ? 170 ARG B N   1 
ATOM   1396 C CA  . ARG A 1 164 ? 7.708   1.442   4.886   1.00 18.65 ? 170 ARG B CA  1 
ATOM   1397 C C   . ARG A 1 164 ? 6.643   1.070   3.859   1.00 16.37 ? 170 ARG B C   1 
ATOM   1398 O O   . ARG A 1 164 ? 6.172   1.904   3.091   1.00 15.88 ? 170 ARG B O   1 
ATOM   1399 C CB  . ARG A 1 164 ? 7.152   1.966   6.207   1.00 19.38 ? 170 ARG B CB  1 
ATOM   1400 C CG  . ARG A 1 164 ? 8.261   2.183   7.229   1.00 20.45 ? 170 ARG B CG  1 
ATOM   1401 C CD  . ARG A 1 164 ? 7.729   2.657   8.558   1.00 20.86 ? 170 ARG B CD  1 
ATOM   1402 N NE  . ARG A 1 164 ? 6.962   1.583   9.168   1.00 20.01 ? 170 ARG B NE  1 
ATOM   1403 C CZ  . ARG A 1 164 ? 6.401   1.645   10.357  1.00 21.08 ? 170 ARG B CZ  1 
ATOM   1404 N NH1 . ARG A 1 164 ? 6.578   2.718   11.105  1.00 19.97 ? 170 ARG B NH1 1 
ATOM   1405 N NH2 . ARG A 1 164 ? 5.701   0.612   10.811  1.00 20.25 ? 170 ARG B NH2 1 
ATOM   1406 N N   . PRO A 1 165 ? 6.259   -0.215  3.812   1.00 14.97 ? 171 PRO B N   1 
ATOM   1407 C CA  . PRO A 1 165 ? 5.149   -0.650  2.962   1.00 14.96 ? 171 PRO B CA  1 
ATOM   1408 C C   . PRO A 1 165 ? 3.900   0.103   3.449   1.00 15.16 ? 171 PRO B C   1 
ATOM   1409 O O   . PRO A 1 165 ? 3.782   0.347   4.643   1.00 14.61 ? 171 PRO B O   1 
ATOM   1410 C CB  . PRO A 1 165 ? 5.064   -2.164  3.209   1.00 14.91 ? 171 PRO B CB  1 
ATOM   1411 C CG  . PRO A 1 165 ? 6.433   -2.521  3.748   1.00 15.44 ? 171 PRO B CG  1 
ATOM   1412 C CD  . PRO A 1 165 ? 6.837   -1.319  4.588   1.00 15.54 ? 171 PRO B CD  1 
ATOM   1413 N N   . PHE A 1 166 ? 3.045   0.504   2.511   1.00 14.53 ? 172 PHE B N   1 
ATOM   1414 C CA  . PHE A 1 166 ? 1.849   1.333   2.780   1.00 14.31 ? 172 PHE B CA  1 
ATOM   1415 C C   . PHE A 1 166 ? 0.599   0.638   2.244   1.00 14.13 ? 172 PHE B C   1 
ATOM   1416 O O   . PHE A 1 166 ? 0.612   0.099   1.118   1.00 13.38 ? 172 PHE B O   1 
ATOM   1417 C CB  . PHE A 1 166 ? 2.058   2.712   2.146   1.00 14.25 ? 172 PHE B CB  1 
ATOM   1418 C CG  . PHE A 1 166 ? 0.829   3.567   2.229   1.00 14.87 ? 172 PHE B CG  1 
ATOM   1419 C CD1 . PHE A 1 166 ? 0.510   4.214   3.409   1.00 14.78 ? 172 PHE B CD1 1 
ATOM   1420 C CD2 . PHE A 1 166 ? -0.052  3.631   1.159   1.00 15.14 ? 172 PHE B CD2 1 
ATOM   1421 C CE1 . PHE A 1 166 ? -0.652  4.968   3.499   1.00 14.39 ? 172 PHE B CE1 1 
ATOM   1422 C CE2 . PHE A 1 166 ? -1.225  4.361   1.261   1.00 14.62 ? 172 PHE B CE2 1 
ATOM   1423 C CZ  . PHE A 1 166 ? -1.495  5.057   2.418   1.00 14.88 ? 172 PHE B CZ  1 
ATOM   1424 N N   . PHE A 1 167 ? -0.501  0.731   3.000   1.00 14.63 ? 173 PHE B N   1 
ATOM   1425 C CA  . PHE A 1 167 ? -1.754  -0.004  2.724   1.00 14.59 ? 173 PHE B CA  1 
ATOM   1426 C C   . PHE A 1 167 ? -2.931  0.898   3.081   1.00 14.76 ? 173 PHE B C   1 
ATOM   1427 O O   . PHE A 1 167 ? -2.908  1.489   4.175   1.00 14.81 ? 173 PHE B O   1 
ATOM   1428 C CB  . PHE A 1 167 ? -1.841  -1.314  3.533   1.00 14.59 ? 173 PHE B CB  1 
ATOM   1429 C CG  . PHE A 1 167 ? -0.664  -2.242  3.359   1.00 15.55 ? 173 PHE B CG  1 
ATOM   1430 C CD1 . PHE A 1 167 ? 0.458   -2.110  4.160   1.00 15.33 ? 173 PHE B CD1 1 
ATOM   1431 C CD2 . PHE A 1 167 ? -0.669  -3.213  2.369   1.00 15.46 ? 173 PHE B CD2 1 
ATOM   1432 C CE1 . PHE A 1 167 ? 1.559   -2.934  3.980   1.00 15.01 ? 173 PHE B CE1 1 
ATOM   1433 C CE2 . PHE A 1 167 ? 0.416   -4.052  2.202   1.00 15.64 ? 173 PHE B CE2 1 
ATOM   1434 C CZ  . PHE A 1 167 ? 1.527   -3.902  3.005   1.00 15.61 ? 173 PHE B CZ  1 
ATOM   1435 N N   . ASN A 1 168 ? -3.953  0.905   2.228   1.00 14.33 ? 174 ASN B N   1 
ATOM   1436 C CA  . ASN A 1 168 ? -5.264  1.514   2.552   1.00 14.64 ? 174 ASN B CA  1 
ATOM   1437 C C   . ASN A 1 168 ? -6.330  0.524   2.101   1.00 15.35 ? 174 ASN B C   1 
ATOM   1438 O O   . ASN A 1 168 ? -6.389  0.246   0.895   1.00 15.04 ? 174 ASN B O   1 
ATOM   1439 C CB  . ASN A 1 168 ? -5.418  2.877   1.886   1.00 15.43 ? 174 ASN B CB  1 
ATOM   1440 C CG  . ASN A 1 168 ? -6.653  3.611   2.335   1.00 17.28 ? 174 ASN B CG  1 
ATOM   1441 O OD1 . ASN A 1 168 ? -7.463  3.063   3.063   1.00 16.36 ? 174 ASN B OD1 1 
ATOM   1442 N ND2 . ASN A 1 168 ? -6.770  4.866   1.937   1.00 17.54 ? 174 ASN B ND2 1 
ATOM   1443 N N   . VAL A 1 169 ? -7.111  -0.032  3.037   1.00 16.17 ? 175 VAL B N   1 
ATOM   1444 C CA  . VAL A 1 169 ? -8.190  -1.007  2.694   1.00 17.56 ? 175 VAL B CA  1 
ATOM   1445 C C   . VAL A 1 169 ? -9.404  -0.262  2.132   1.00 17.34 ? 175 VAL B C   1 
ATOM   1446 O O   . VAL A 1 169 ? -10.346 -0.951  1.698   1.00 16.70 ? 175 VAL B O   1 
ATOM   1447 C CB  . VAL A 1 169 ? -8.599  -1.886  3.890   1.00 18.60 ? 175 VAL B CB  1 
ATOM   1448 C CG1 . VAL A 1 169 ? -7.420  -2.698  4.363   1.00 19.77 ? 175 VAL B CG1 1 
ATOM   1449 C CG2 . VAL A 1 169 ? -9.228  -1.083  5.026   1.00 18.43 ? 175 VAL B CG2 1 
ATOM   1450 N N   . GLY A 1 170 ? -9.422  1.072   2.210   1.00 18.06 ? 176 GLY B N   1 
ATOM   1451 C CA  . GLY A 1 170 ? -10.544 1.899   1.717   1.00 17.43 ? 176 GLY B CA  1 
ATOM   1452 C C   . GLY A 1 170 ? -11.756 1.849   2.633   1.00 15.96 ? 176 GLY B C   1 
ATOM   1453 O O   . GLY A 1 170 ? -11.843 0.953   3.494   1.00 15.78 ? 176 GLY B O   1 
ATOM   1454 N N   . PHE A 1 171 ? -12.683 2.778   2.456   1.00 16.25 ? 177 PHE B N   1 
ATOM   1455 C CA  . PHE A 1 171 ? -13.959 2.812   3.219   1.00 17.06 ? 177 PHE B CA  1 
ATOM   1456 C C   . PHE A 1 171 ? -14.877 1.740   2.650   1.00 15.36 ? 177 PHE B C   1 
ATOM   1457 O O   . PHE A 1 171 ? -14.584 1.200   1.581   1.00 14.39 ? 177 PHE B O   1 
ATOM   1458 C CB  . PHE A 1 171 ? -14.607 4.204   3.178   1.00 18.84 ? 177 PHE B CB  1 
ATOM   1459 C CG  . PHE A 1 171 ? -13.873 5.246   3.986   1.00 19.71 ? 177 PHE B CG  1 
ATOM   1460 C CD1 . PHE A 1 171 ? -13.983 5.277   5.365   1.00 20.86 ? 177 PHE B CD1 1 
ATOM   1461 C CD2 . PHE A 1 171 ? -13.050 6.172   3.376   1.00 20.98 ? 177 PHE B CD2 1 
ATOM   1462 C CE1 . PHE A 1 171 ? -13.303 6.229   6.115   1.00 21.22 ? 177 PHE B CE1 1 
ATOM   1463 C CE2 . PHE A 1 171 ? -12.380 7.126   4.127   1.00 21.34 ? 177 PHE B CE2 1 
ATOM   1464 C CZ  . PHE A 1 171 ? -12.498 7.142   5.495   1.00 19.53 ? 177 PHE B CZ  1 
ATOM   1465 N N   . ASN A 1 172 ? -15.984 1.484   3.336   1.00 16.42 ? 178 ASN B N   1 
ATOM   1466 C CA  . ASN A 1 172 ? -16.996 0.484   2.910   1.00 16.13 ? 178 ASN B CA  1 
ATOM   1467 C C   . ASN A 1 172 ? -18.383 1.117   3.089   1.00 17.83 ? 178 ASN B C   1 
ATOM   1468 O O   . ASN A 1 172 ? -19.240 0.523   3.752   1.00 17.46 ? 178 ASN B O   1 
ATOM   1469 C CB  . ASN A 1 172 ? -16.838 -0.824  3.677   1.00 16.64 ? 178 ASN B CB  1 
ATOM   1470 C CG  . ASN A 1 172 ? -17.768 -1.895  3.163   1.00 17.19 ? 178 ASN B CG  1 
ATOM   1471 O OD1 . ASN A 1 172 ? -18.111 -1.900  1.993   1.00 17.24 ? 178 ASN B OD1 1 
ATOM   1472 N ND2 . ASN A 1 172 ? -18.206 -2.802  4.028   1.00 17.38 ? 178 ASN B ND2 1 
ATOM   1473 N N   . TYR A 1 173 ? -18.576 2.316   2.551   1.00 17.92 ? 179 TYR B N   1 
ATOM   1474 C CA  . TYR A 1 173 ? -19.909 2.975   2.499   1.00 17.87 ? 179 TYR B CA  1 
ATOM   1475 C C   . TYR A 1 173 ? -20.880 2.136   1.653   1.00 17.17 ? 179 TYR B C   1 
ATOM   1476 O O   . TYR A 1 173 ? -22.088 2.194   1.918   1.00 16.29 ? 179 TYR B O   1 
ATOM   1477 C CB  . TYR A 1 173 ? -19.779 4.382   1.923   1.00 18.72 ? 179 TYR B CB  1 
ATOM   1478 C CG  . TYR A 1 173 ? -18.948 5.334   2.736   1.00 20.49 ? 179 TYR B CG  1 
ATOM   1479 C CD1 . TYR A 1 173 ? -19.436 5.873   3.918   1.00 23.18 ? 179 TYR B CD1 1 
ATOM   1480 C CD2 . TYR A 1 173 ? -17.697 5.729   2.301   1.00 21.96 ? 179 TYR B CD2 1 
ATOM   1481 C CE1 . TYR A 1 173 ? -18.685 6.760   4.671   1.00 25.11 ? 179 TYR B CE1 1 
ATOM   1482 C CE2 . TYR A 1 173 ? -16.934 6.626   3.036   1.00 25.08 ? 179 TYR B CE2 1 
ATOM   1483 C CZ  . TYR A 1 173 ? -17.431 7.143   4.225   1.00 26.76 ? 179 TYR B CZ  1 
ATOM   1484 O OH  . TYR A 1 173 ? -16.687 8.035   4.946   1.00 29.45 ? 179 TYR B OH  1 
ATOM   1485 N N   . SER A 1 174 ? -20.392 1.395   0.650   1.00 16.55 ? 180 SER B N   1 
ATOM   1486 C CA  . SER A 1 174 ? -21.231 0.706   -0.376  1.00 16.33 ? 180 SER B CA  1 
ATOM   1487 C C   . SER A 1 174 ? -21.675 -0.667  0.121   1.00 16.67 ? 180 SER B C   1 
ATOM   1488 O O   . SER A 1 174 ? -22.552 -1.265  -0.529  1.00 16.81 ? 180 SER B O   1 
ATOM   1489 C CB  . SER A 1 174 ? -20.494 0.535   -1.696  1.00 16.66 ? 180 SER B CB  1 
ATOM   1490 O OG  . SER A 1 174 ? -19.393 -0.359  -1.564  1.00 17.72 ? 180 SER B OG  1 
ATOM   1491 N N   . GLY A 1 175 ? -21.018 -1.187  1.155   1.00 15.91 ? 181 GLY B N   1 
ATOM   1492 C CA  . GLY A 1 175 ? -21.175 -2.598  1.545   1.00 15.70 ? 181 GLY B CA  1 
ATOM   1493 C C   . GLY A 1 175 ? -20.572 -3.563  0.533   1.00 16.68 ? 181 GLY B C   1 
ATOM   1494 O O   . GLY A 1 175 ? -20.724 -4.767  0.746   1.00 18.32 ? 181 GLY B O   1 
ATOM   1495 N N   . GLY A 1 176 ? -19.840 -3.094  -0.474  1.00 16.37 ? 182 GLY B N   1 
ATOM   1496 C CA  . GLY A 1 176 ? -19.137 -3.974  -1.428  1.00 16.67 ? 182 GLY B CA  1 
ATOM   1497 C C   . GLY A 1 176 ? -17.615 -3.943  -1.281  1.00 17.51 ? 182 GLY B C   1 
ATOM   1498 O O   . GLY A 1 176 ? -16.929 -4.565  -2.138  1.00 18.23 ? 182 GLY B O   1 
ATOM   1499 N N   . ASN A 1 177 ? -17.070 -3.294  -0.244  1.00 16.05 ? 183 ASN B N   1 
ATOM   1500 C CA  . ASN A 1 177 ? -15.601 -3.189  -0.079  1.00 15.82 ? 183 ASN B CA  1 
ATOM   1501 C C   . ASN A 1 177 ? -15.104 -3.724  1.273   1.00 16.04 ? 183 ASN B C   1 
ATOM   1502 O O   . ASN A 1 177 ? -14.018 -3.292  1.693   1.00 16.99 ? 183 ASN B O   1 
ATOM   1503 C CB  . ASN A 1 177 ? -15.151 -1.735  -0.289  1.00 15.32 ? 183 ASN B CB  1 
ATOM   1504 C CG  . ASN A 1 177 ? -13.663 -1.652  -0.522  1.00 13.76 ? 183 ASN B CG  1 
ATOM   1505 O OD1 . ASN A 1 177 ? -13.136 -2.473  -1.247  1.00 14.31 ? 183 ASN B OD1 1 
ATOM   1506 N ND2 . ASN A 1 177 ? -13.002 -0.658  0.051   1.00 13.89 ? 183 ASN B ND2 1 
ATOM   1507 N N   . ALA A 1 178 ? -15.765 -4.729  1.859   1.00 17.31 ? 184 ALA B N   1 
ATOM   1508 C CA  . ALA A 1 178 ? -15.398 -5.291  3.183   1.00 17.93 ? 184 ALA B CA  1 
ATOM   1509 C C   . ALA A 1 178 ? -14.158 -6.191  3.078   1.00 17.37 ? 184 ALA B C   1 
ATOM   1510 O O   . ALA A 1 178 ? -13.494 -6.413  4.120   1.00 18.14 ? 184 ALA B O   1 
ATOM   1511 C CB  . ALA A 1 178 ? -16.578 -6.050  3.774   1.00 17.67 ? 184 ALA B CB  1 
ATOM   1512 N N   . ALA A 1 179 ? -13.849 -6.713  1.889   1.00 17.78 ? 185 ALA B N   1 
ATOM   1513 C CA  . ALA A 1 179 ? -12.827 -7.776  1.736   1.00 17.83 ? 185 ALA B CA  1 
ATOM   1514 C C   . ALA A 1 179 ? -11.467 -7.252  2.187   1.00 17.89 ? 185 ALA B C   1 
ATOM   1515 O O   . ALA A 1 179 ? -11.143 -6.072  2.024   1.00 16.91 ? 185 ALA B O   1 
ATOM   1516 C CB  . ALA A 1 179 ? -12.814 -8.318  0.339   1.00 17.28 ? 185 ALA B CB  1 
ATOM   1517 N N   . PRO A 1 180 ? -10.620 -8.121  2.773   1.00 17.99 ? 186 PRO B N   1 
ATOM   1518 C CA  . PRO A 1 180 ? -9.293  -7.702  3.237   1.00 18.00 ? 186 PRO B CA  1 
ATOM   1519 C C   . PRO A 1 180 ? -8.244  -7.449  2.132   1.00 17.52 ? 186 PRO B C   1 
ATOM   1520 O O   . PRO A 1 180 ? -8.465  -7.852  0.987   1.00 17.49 ? 186 PRO B O   1 
ATOM   1521 C CB  . PRO A 1 180 ? -8.897  -8.910  4.111   1.00 19.25 ? 186 PRO B CB  1 
ATOM   1522 C CG  . PRO A 1 180 ? -9.532  -10.097 3.424   1.00 18.97 ? 186 PRO B CG  1 
ATOM   1523 C CD  . PRO A 1 180 ? -10.882 -9.557  2.987   1.00 18.72 ? 186 PRO B CD  1 
ATOM   1524 N N   . LEU A 1 181 ? -7.168  -6.730  2.475   1.00 17.37 ? 187 LEU B N   1 
ATOM   1525 C CA  . LEU A 1 181 ? -5.848  -6.821  1.796   1.00 16.70 ? 187 LEU B CA  1 
ATOM   1526 C C   . LEU A 1 181 ? -5.091  -7.981  2.446   1.00 17.92 ? 187 LEU B C   1 
ATOM   1527 O O   . LEU A 1 181 ? -5.050  -8.063  3.705   1.00 17.83 ? 187 LEU B O   1 
ATOM   1528 C CB  . LEU A 1 181 ? -5.063  -5.516  1.933   1.00 17.96 ? 187 LEU B CB  1 
ATOM   1529 C CG  . LEU A 1 181 ? -5.710  -4.297  1.276   1.00 17.89 ? 187 LEU B CG  1 
ATOM   1530 C CD1 . LEU A 1 181 ? -4.944  -3.012  1.563   1.00 17.53 ? 187 LEU B CD1 1 
ATOM   1531 C CD2 . LEU A 1 181 ? -5.829  -4.502  -0.219  1.00 18.59 ? 187 LEU B CD2 1 
ATOM   1532 N N   . LYS A 1 182 ? -4.468  -8.831  1.645   1.00 17.55 ? 188 LYS B N   1 
ATOM   1533 C CA  . LYS A 1 182 ? -3.675  -9.932  2.217   1.00 19.77 ? 188 LYS B CA  1 
ATOM   1534 C C   . LYS A 1 182 ? -2.283  -9.906  1.614   1.00 18.49 ? 188 LYS B C   1 
ATOM   1535 O O   . LYS A 1 182 ? -2.195  -9.915  0.386   1.00 18.54 ? 188 LYS B O   1 
ATOM   1536 C CB  . LYS A 1 182 ? -4.317  -11.286 1.916   1.00 21.95 ? 188 LYS B CB  1 
ATOM   1537 C CG  . LYS A 1 182 ? -5.777  -11.426 2.312   1.00 26.77 ? 188 LYS B CG  1 
ATOM   1538 C CD  . LYS A 1 182 ? -6.263  -12.848 2.115   1.00 28.70 ? 188 LYS B CD  1 
ATOM   1539 C CE  . LYS A 1 182 ? -7.761  -12.990 2.244   1.00 33.91 ? 188 LYS B CE  1 
ATOM   1540 N NZ  . LYS A 1 182 ? -8.189  -14.372 1.919   1.00 36.53 ? 188 LYS B NZ  1 
ATOM   1541 N N   . LEU A 1 183 ? -1.265  -10.028 2.452   1.00 18.72 ? 189 LEU B N   1 
ATOM   1542 C CA  . LEU A 1 183 ? 0.117   -10.282 1.977   1.00 20.66 ? 189 LEU B CA  1 
ATOM   1543 C C   . LEU A 1 183 ? 0.221   -11.751 1.534   1.00 22.68 ? 189 LEU B C   1 
ATOM   1544 O O   . LEU A 1 183 ? 0.039   -12.630 2.367   1.00 24.64 ? 189 LEU B O   1 
ATOM   1545 C CB  . LEU A 1 183 ? 1.085   -9.859  3.086   1.00 20.54 ? 189 LEU B CB  1 
ATOM   1546 C CG  . LEU A 1 183 ? 1.239   -8.335  3.161   1.00 21.61 ? 189 LEU B CG  1 
ATOM   1547 C CD1 . LEU A 1 183 ? 1.669   -7.859  4.535   1.00 23.62 ? 189 LEU B CD1 1 
ATOM   1548 C CD2 . LEU A 1 183 ? 2.207   -7.843  2.090   1.00 20.42 ? 189 LEU B CD2 1 
ATOM   1549 N N   . CYS A 1 184 ? 0.454   -11.990 0.240   1.00 25.33 ? 190 CYS B N   1 
ATOM   1550 C CA  . CYS A 1 184 ? 0.503   -13.345 -0.372  1.00 26.53 ? 190 CYS B CA  1 
ATOM   1551 C C   . CYS A 1 184 ? 1.816   -14.027 -0.035  1.00 30.07 ? 190 CYS B C   1 
ATOM   1552 O O   . CYS A 1 184 ? 2.853   -13.383 -0.086  1.00 30.20 ? 190 CYS B O   1 
ATOM   1553 C CB  . CYS A 1 184 ? 0.525   -13.339 -1.889  1.00 28.79 ? 190 CYS B CB  1 
ATOM   1554 S SG  . CYS A 1 184 ? -0.660  -12.222 -2.643  1.00 28.39 ? 190 CYS B SG  1 
ATOM   1555 N N   . PRO A 1 185 ? 1.800   -15.358 0.195   1.00 34.87 ? 191 PRO B N   1 
ATOM   1556 C CA  . PRO A 1 185 ? 3.001   -16.106 0.545   1.00 37.70 ? 191 PRO B CA  1 
ATOM   1557 C C   . PRO A 1 185 ? 4.036   -16.118 -0.583  1.00 38.22 ? 191 PRO B C   1 
ATOM   1558 O O   . PRO A 1 185 ? 3.658   -16.036 -1.734  1.00 39.20 ? 191 PRO B O   1 
ATOM   1559 C CB  . PRO A 1 185 ? 2.486   -17.527 0.838   1.00 38.17 ? 191 PRO B CB  1 
ATOM   1560 C CG  . PRO A 1 185 ? 1.177   -17.617 0.091   1.00 37.32 ? 191 PRO B CG  1 
ATOM   1561 C CD  . PRO A 1 185 ? 0.608   -16.217 0.115   1.00 36.70 ? 191 PRO B CD  1 
ATOM   1562 N N   . LEU A 1 186 ? 5.308   -16.156 -0.180  1.00 44.91 ? 192 LEU B N   1 
ATOM   1563 C CA  . LEU A 1 186 ? 6.512   -16.378 -1.019  1.00 44.02 ? 192 LEU B CA  1 
ATOM   1564 C C   . LEU A 1 186 ? 6.475   -17.800 -1.578  1.00 47.60 ? 192 LEU B C   1 
ATOM   1565 O O   . LEU A 1 186 ? 6.668   -17.971 -2.778  1.00 59.43 ? 192 LEU B O   1 
ATOM   1566 C CB  . LEU A 1 186 ? 7.746   -16.156 -0.139  1.00 42.89 ? 192 LEU B CB  1 
HETATM 1567 C C1  . EDO B 2 .   ? -17.683 3.012   6.042   1.00 35.59 ? 201 EDO B C1  1 
HETATM 1568 O O1  . EDO B 2 .   ? -16.445 2.337   6.043   1.00 28.38 ? 201 EDO B O1  1 
HETATM 1569 C C2  . EDO B 2 .   ? -17.671 4.349   6.702   1.00 40.24 ? 201 EDO B C2  1 
HETATM 1570 O O2  . EDO B 2 .   ? -17.253 4.326   8.055   1.00 46.17 ? 201 EDO B O2  1 
HETATM 1571 N N1  . WJA C 3 .   ? 10.586  11.829  -5.920  0.52 32.35 ? 202 WJA B N1  1 
HETATM 1572 C C4  . WJA C 3 .   ? 9.708   13.763  -5.210  0.52 31.70 ? 202 WJA B C4  1 
HETATM 1573 C C5  . WJA C 3 .   ? 9.388   14.772  -4.178  0.52 31.65 ? 202 WJA B C5  1 
HETATM 1574 N N   . WJA C 3 .   ? 8.534   10.512  -10.108 0.52 31.01 ? 202 WJA B N   1 
HETATM 1575 C C   . WJA C 3 .   ? 8.537   9.092   -10.425 0.52 31.16 ? 202 WJA B C   1 
HETATM 1576 O O   . WJA C 3 .   ? 8.599   9.748   -7.765  0.52 29.22 ? 202 WJA B O   1 
HETATM 1577 C C1  . WJA C 3 .   ? 10.043  11.848  -8.302  0.52 31.44 ? 202 WJA B C1  1 
HETATM 1578 C C2  . WJA C 3 .   ? 10.048  12.446  -6.930  0.52 31.74 ? 202 WJA B C2  1 
HETATM 1579 C C3  . WJA C 3 .   ? 9.468   13.655  -6.521  0.52 32.73 ? 202 WJA B C3  1 
HETATM 1580 O O1  . WJA C 3 .   ? 7.454   11.854  -8.369  0.52 32.22 ? 202 WJA B O1  1 
HETATM 1581 O O2  . WJA C 3 .   ? 10.382  12.671  -4.797  0.52 32.79 ? 202 WJA B O2  1 
HETATM 1582 S S   . WJA C 3 .   ? 8.537   10.937  -8.556  0.52 31.62 ? 202 WJA B S   1 
HETATM 1583 C C1  . EDO D 2 .   ? -11.570 18.356  11.679  1.00 46.62 ? 203 EDO B C1  1 
HETATM 1584 O O1  . EDO D 2 .   ? -10.538 17.490  11.238  1.00 45.18 ? 203 EDO B O1  1 
HETATM 1585 C C2  . EDO D 2 .   ? -12.210 19.092  10.566  1.00 44.13 ? 203 EDO B C2  1 
HETATM 1586 O O2  . EDO D 2 .   ? -13.316 18.420  10.035  1.00 45.62 ? 203 EDO B O2  1 
HETATM 1587 S S   . SO4 E 4 .   ? -2.192  18.063  0.418   1.00 48.73 ? 204 SO4 B S   1 
HETATM 1588 O O1  . SO4 E 4 .   ? -1.804  16.975  1.281   1.00 36.66 ? 204 SO4 B O1  1 
HETATM 1589 O O2  . SO4 E 4 .   ? -2.302  19.270  1.180   1.00 50.25 ? 204 SO4 B O2  1 
HETATM 1590 O O3  . SO4 E 4 .   ? -1.210  18.236  -0.627  1.00 48.95 ? 204 SO4 B O3  1 
HETATM 1591 O O4  . SO4 E 4 .   ? -3.474  17.778  -0.185  1.00 50.99 ? 204 SO4 B O4  1 
HETATM 1592 O O   . HOH F 5 .   ? 11.349  14.058  -2.003  1.00 30.60 ? 301 HOH B O   1 
HETATM 1593 O O   . HOH F 5 .   ? -4.317  -13.453 -9.850  1.00 32.44 ? 302 HOH B O   1 
HETATM 1594 O O   . HOH F 5 .   ? 20.981  3.307   0.470   1.00 19.74 ? 303 HOH B O   1 
HETATM 1595 O O   . HOH F 5 .   ? -18.534 0.676   -14.038 1.00 45.53 ? 304 HOH B O   1 
HETATM 1596 O O   . HOH F 5 .   ? -1.605  12.657  -5.991  1.00 36.03 ? 305 HOH B O   1 
HETATM 1597 O O   . HOH F 5 .   ? -17.099 -2.298  6.857   1.00 44.97 ? 306 HOH B O   1 
HETATM 1598 O O   . HOH F 5 .   ? -9.207  16.670  9.299   1.00 19.91 ? 307 HOH B O   1 
HETATM 1599 O O   . HOH F 5 .   ? -16.851 -0.247  18.899  1.00 28.31 ? 308 HOH B O   1 
HETATM 1600 O O   . HOH F 5 .   ? 1.455   11.984  14.720  1.00 29.37 ? 309 HOH B O   1 
HETATM 1601 O O   . HOH F 5 .   ? -20.057 0.820   10.655  1.00 41.73 ? 310 HOH B O   1 
HETATM 1602 O O   . HOH F 5 .   ? 2.872   9.905   -14.429 1.00 19.04 ? 311 HOH B O   1 
HETATM 1603 O O   . HOH F 5 .   ? 21.671  -1.700  -1.697  1.00 49.80 ? 312 HOH B O   1 
HETATM 1604 O O   . HOH F 5 .   ? 15.968  -1.346  -10.582 1.00 35.90 ? 313 HOH B O   1 
HETATM 1605 O O   . HOH F 5 .   ? 19.574  -1.260  -5.105  1.00 37.33 ? 314 HOH B O   1 
HETATM 1606 O O   . HOH F 5 .   ? 17.359  -8.737  -2.635  1.00 42.07 ? 315 HOH B O   1 
HETATM 1607 O O   . HOH F 5 .   ? 4.975   4.689   13.145  1.00 24.85 ? 316 HOH B O   1 
HETATM 1608 O O   . HOH F 5 .   ? 12.619  13.450  -8.886  1.00 38.92 ? 317 HOH B O   1 
HETATM 1609 O O   . HOH F 5 .   ? -5.648  -5.307  14.787  1.00 23.07 ? 318 HOH B O   1 
HETATM 1610 O O   . HOH F 5 .   ? -17.649 -6.017  -4.139  1.00 36.94 ? 319 HOH B O   1 
HETATM 1611 O O   . HOH F 5 .   ? 13.438  8.379   -15.244 1.00 32.63 ? 320 HOH B O   1 
HETATM 1612 O O   . HOH F 5 .   ? -22.891 -2.068  -2.961  1.00 33.37 ? 321 HOH B O   1 
HETATM 1613 O O   . HOH F 5 .   ? 4.604   10.765  11.224  1.00 39.25 ? 322 HOH B O   1 
HETATM 1614 O O   . HOH F 5 .   ? 8.605   13.282  5.666   1.00 25.14 ? 323 HOH B O   1 
HETATM 1615 O O   . HOH F 5 .   ? 1.925   8.335   -4.533  1.00 18.05 ? 324 HOH B O   1 
HETATM 1616 O O   . HOH F 5 .   ? -9.611  -9.700  -0.733  1.00 32.62 ? 325 HOH B O   1 
HETATM 1617 O O   . HOH F 5 .   ? 11.972  10.340  7.227   1.00 36.29 ? 326 HOH B O   1 
HETATM 1618 O O   . HOH F 5 .   ? -13.610 6.500   -12.141 1.00 31.59 ? 327 HOH B O   1 
HETATM 1619 O O   . HOH F 5 .   ? -11.620 10.727  5.878   1.00 39.53 ? 328 HOH B O   1 
HETATM 1620 O O   . HOH F 5 .   ? -14.427 -5.905  6.560   1.00 24.82 ? 329 HOH B O   1 
HETATM 1621 O O   . HOH F 5 .   ? 4.456   -13.710 -8.990  1.00 32.29 ? 330 HOH B O   1 
HETATM 1622 O O   . HOH F 5 .   ? -14.155 0.320   -7.999  1.00 21.51 ? 331 HOH B O   1 
HETATM 1623 O O   . HOH F 5 .   ? 21.276  -3.199  0.108   1.00 51.27 ? 332 HOH B O   1 
HETATM 1624 O O   . HOH F 5 .   ? 9.833   -0.009  -15.417 1.00 19.12 ? 333 HOH B O   1 
HETATM 1625 O O   . HOH F 5 .   ? 11.254  -1.584  -12.197 1.00 28.28 ? 334 HOH B O   1 
HETATM 1626 O O   . HOH F 5 .   ? 15.420  6.251   -11.204 1.00 18.19 ? 335 HOH B O   1 
HETATM 1627 O O   . HOH F 5 .   ? -14.462 8.667   -10.682 1.00 27.17 ? 336 HOH B O   1 
HETATM 1628 O O   . HOH F 5 .   ? 4.846   -5.240  14.164  1.00 42.01 ? 337 HOH B O   1 
HETATM 1629 O O   . HOH F 5 .   ? -22.895 3.359   4.166   1.00 37.45 ? 338 HOH B O   1 
HETATM 1630 O O   . HOH F 5 .   ? -0.480  -10.449 16.020  1.00 33.78 ? 339 HOH B O   1 
HETATM 1631 O O   . HOH F 5 .   ? -16.726 -10.506 0.734   1.00 36.25 ? 340 HOH B O   1 
HETATM 1632 O O   . HOH F 5 .   ? -8.849  -14.034 -6.397  1.00 35.63 ? 341 HOH B O   1 
HETATM 1633 O O   . HOH F 5 .   ? -4.744  13.853  -14.233 1.00 44.02 ? 342 HOH B O   1 
HETATM 1634 O O   . HOH F 5 .   ? 19.986  -0.386  -9.018  1.00 31.85 ? 343 HOH B O   1 
HETATM 1635 O O   . HOH F 5 .   ? -8.212  -4.694  -8.655  1.00 19.55 ? 344 HOH B O   1 
HETATM 1636 O O   . HOH F 5 .   ? -6.522  -14.887 -7.588  1.00 34.06 ? 345 HOH B O   1 
HETATM 1637 O O   . HOH F 5 .   ? -21.706 -5.538  11.220  1.00 34.82 ? 346 HOH B O   1 
HETATM 1638 O O   . HOH F 5 .   ? -8.297  -2.745  24.631  1.00 35.91 ? 347 HOH B O   1 
HETATM 1639 O O   . HOH F 5 .   ? -4.750  -0.298  22.727  1.00 41.48 ? 348 HOH B O   1 
HETATM 1640 O O   . HOH F 5 .   ? -12.935 -1.668  3.563   1.00 21.82 ? 349 HOH B O   1 
HETATM 1641 O O   . HOH F 5 .   ? 1.936   -13.769 -12.826 1.00 32.97 ? 350 HOH B O   1 
HETATM 1642 O O   . HOH F 5 .   ? -10.366 6.750   -9.820  1.00 36.07 ? 351 HOH B O   1 
HETATM 1643 O O   . HOH F 5 .   ? 1.984   15.487  4.389   1.00 35.98 ? 352 HOH B O   1 
HETATM 1644 O O   . HOH F 5 .   ? 3.527   13.499  4.736   1.00 19.60 ? 353 HOH B O   1 
HETATM 1645 O O   . HOH F 5 .   ? -2.048  2.524   21.188  1.00 22.99 ? 354 HOH B O   1 
HETATM 1646 O O   . HOH F 5 .   ? 3.729   -10.764 -0.205  1.00 22.10 ? 355 HOH B O   1 
HETATM 1647 O O   . HOH F 5 .   ? -3.331  -3.279  -19.699 1.00 39.43 ? 356 HOH B O   1 
HETATM 1648 O O   . HOH F 5 .   ? -6.881  -1.011  14.665  1.00 21.77 ? 357 HOH B O   1 
HETATM 1649 O O   . HOH F 5 .   ? 20.953  1.985   4.643   1.00 44.48 ? 358 HOH B O   1 
HETATM 1650 O O   . HOH F 5 .   ? -0.345  3.283   -18.278 1.00 21.50 ? 359 HOH B O   1 
HETATM 1651 O O   . HOH F 5 .   ? 0.079   16.303  -3.148  1.00 39.02 ? 360 HOH B O   1 
HETATM 1652 O O   . HOH F 5 .   ? -0.958  1.210   -16.686 1.00 20.87 ? 361 HOH B O   1 
HETATM 1653 O O   . HOH F 5 .   ? -0.112  5.343   -16.717 1.00 25.68 ? 362 HOH B O   1 
HETATM 1654 O O   . HOH F 5 .   ? 18.773  -6.091  -2.196  1.00 35.13 ? 363 HOH B O   1 
HETATM 1655 O O   . HOH F 5 .   ? -3.014  -1.564  18.255  1.00 26.93 ? 364 HOH B O   1 
HETATM 1656 O O   . HOH F 5 .   ? 5.577   -10.507 1.932   1.00 20.21 ? 365 HOH B O   1 
HETATM 1657 O O   . HOH F 5 .   ? -5.088  10.833  8.662   1.00 16.49 ? 366 HOH B O   1 
HETATM 1658 O O   . HOH F 5 .   ? 3.611   -13.700 9.760   1.00 35.31 ? 367 HOH B O   1 
HETATM 1659 O O   . HOH F 5 .   ? -17.014 0.231   7.778   1.00 39.57 ? 368 HOH B O   1 
HETATM 1660 O O   . HOH F 5 .   ? -6.746  18.095  8.105   1.00 34.43 ? 369 HOH B O   1 
HETATM 1661 O O   . HOH F 5 .   ? 6.089   9.386   -11.916 1.00 21.13 ? 370 HOH B O   1 
HETATM 1662 O O   . HOH F 5 .   ? 19.919  2.404   7.577   1.00 29.50 ? 371 HOH B O   1 
HETATM 1663 O O   . HOH F 5 .   ? -2.601  -15.034 6.086   1.00 33.55 ? 372 HOH B O   1 
HETATM 1664 O O   . HOH F 5 .   ? 16.236  9.460   -7.814  1.00 37.37 ? 373 HOH B O   1 
HETATM 1665 O O   . HOH F 5 .   ? 2.359   -2.186  0.058   1.00 18.36 ? 374 HOH B O   1 
HETATM 1666 O O   . HOH F 5 .   ? 5.471   14.442  9.442   1.00 44.81 ? 375 HOH B O   1 
HETATM 1667 O O   . HOH F 5 .   ? -8.811  5.254   20.244  1.00 23.13 ? 376 HOH B O   1 
HETATM 1668 O O   . HOH F 5 .   ? -1.111  -2.109  -16.909 1.00 21.80 ? 377 HOH B O   1 
HETATM 1669 O O   . HOH F 5 .   ? -14.211 -4.593  -7.731  1.00 45.56 ? 378 HOH B O   1 
HETATM 1670 O O   . HOH F 5 .   ? -9.602  -4.858  -6.315  1.00 17.73 ? 379 HOH B O   1 
HETATM 1671 O O   . HOH F 5 .   ? -6.603  -13.619 13.276  1.00 35.01 ? 380 HOH B O   1 
HETATM 1672 O O   . HOH F 5 .   ? 14.024  8.599   9.720   1.00 22.63 ? 381 HOH B O   1 
HETATM 1673 O O   . HOH F 5 .   ? -4.007  -5.863  -17.915 1.00 28.65 ? 382 HOH B O   1 
HETATM 1674 O O   . HOH F 5 .   ? -11.581 -4.009  4.285   1.00 17.17 ? 383 HOH B O   1 
HETATM 1675 O O   . HOH F 5 .   ? 2.339   -3.477  -19.430 1.00 19.75 ? 384 HOH B O   1 
HETATM 1676 O O   . HOH F 5 .   ? -8.721  -10.503 7.090   1.00 24.81 ? 385 HOH B O   1 
HETATM 1677 O O   . HOH F 5 .   ? -17.741 1.313   -5.402  1.00 24.96 ? 386 HOH B O   1 
HETATM 1678 O O   . HOH F 5 .   ? -2.084  -13.880 3.891   1.00 37.36 ? 387 HOH B O   1 
HETATM 1679 O O   . HOH F 5 .   ? -7.964  2.331   -15.045 1.00 25.72 ? 388 HOH B O   1 
HETATM 1680 O O   . HOH F 5 .   ? -7.864  -9.279  9.283   1.00 24.35 ? 389 HOH B O   1 
HETATM 1681 O O   . HOH F 5 .   ? -7.256  5.851   17.944  1.00 37.82 ? 390 HOH B O   1 
HETATM 1682 O O   . HOH F 5 .   ? 15.851  1.907   7.930   1.00 31.72 ? 391 HOH B O   1 
HETATM 1683 O O   . HOH F 5 .   ? -18.659 -8.677  -1.206  1.00 33.50 ? 392 HOH B O   1 
HETATM 1684 O O   . HOH F 5 .   ? -15.192 -6.555  -0.851  1.00 19.61 ? 393 HOH B O   1 
HETATM 1685 O O   . HOH F 5 .   ? 1.104   -15.404 4.240   1.00 40.85 ? 394 HOH B O   1 
HETATM 1686 O O   . HOH F 5 .   ? -11.885 -3.081  -11.078 1.00 31.64 ? 395 HOH B O   1 
HETATM 1687 O O   . HOH F 5 .   ? 12.210  -11.406 4.331   1.00 34.63 ? 396 HOH B O   1 
HETATM 1688 O O   . HOH F 5 .   ? -5.992  8.591   15.449  1.00 42.23 ? 397 HOH B O   1 
HETATM 1689 O O   . HOH F 5 .   ? 17.943  3.922   8.151   1.00 32.13 ? 398 HOH B O   1 
HETATM 1690 O O   . HOH F 5 .   ? -6.826  6.940   23.737  1.00 26.09 ? 399 HOH B O   1 
HETATM 1691 O O   . HOH F 5 .   ? -15.136 3.053   -5.439  1.00 27.51 ? 400 HOH B O   1 
HETATM 1692 O O   . HOH F 5 .   ? -13.369 6.324   16.000  1.00 26.01 ? 401 HOH B O   1 
HETATM 1693 O O   . HOH F 5 .   ? -1.824  -4.800  -16.370 1.00 21.58 ? 402 HOH B O   1 
HETATM 1694 O O   . HOH F 5 .   ? 12.984  -3.398  9.381   1.00 29.85 ? 403 HOH B O   1 
HETATM 1695 O O   . HOH F 5 .   ? -9.205  6.559   1.693   1.00 33.34 ? 404 HOH B O   1 
HETATM 1696 O O   . HOH F 5 .   ? -12.682 4.393   -0.045  1.00 18.70 ? 405 HOH B O   1 
HETATM 1697 O O   . HOH F 5 .   ? 4.687   -5.382  -19.202 1.00 26.51 ? 406 HOH B O   1 
HETATM 1698 O O   . HOH F 5 .   ? 6.673   -7.136  -16.751 1.00 44.36 ? 407 HOH B O   1 
HETATM 1699 O O   . HOH F 5 .   ? -10.095 13.350  5.706   1.00 51.88 ? 408 HOH B O   1 
HETATM 1700 O O   . HOH F 5 .   ? 17.363  -1.588  4.454   1.00 28.97 ? 409 HOH B O   1 
HETATM 1701 O O   . HOH F 5 .   ? -18.101 -6.262  0.736   1.00 24.20 ? 410 HOH B O   1 
HETATM 1702 O O   . HOH F 5 .   ? 8.349   10.286  16.215  1.00 40.75 ? 411 HOH B O   1 
HETATM 1703 O O   . HOH F 5 .   ? -20.564 -4.704  4.214   1.00 27.61 ? 412 HOH B O   1 
HETATM 1704 O O   . HOH F 5 .   ? -3.684  -15.219 11.315  1.00 39.10 ? 413 HOH B O   1 
HETATM 1705 O O   . HOH F 5 .   ? -7.221  5.980   14.260  1.00 22.58 ? 414 HOH B O   1 
HETATM 1706 O O   . HOH F 5 .   ? -16.150 -5.189  13.286  1.00 34.66 ? 415 HOH B O   1 
HETATM 1707 O O   . HOH F 5 .   ? 20.508  -0.770  5.191   1.00 36.70 ? 416 HOH B O   1 
HETATM 1708 O O   . HOH F 5 .   ? -11.946 -1.785  -13.715 1.00 44.66 ? 417 HOH B O   1 
HETATM 1709 O O   . HOH F 5 .   ? -4.051  10.356  21.972  1.00 42.77 ? 418 HOH B O   1 
HETATM 1710 O O   . HOH F 5 .   ? -14.801 -5.385  17.940  1.00 34.87 ? 419 HOH B O   1 
HETATM 1711 O O   . HOH F 5 .   ? -17.349 3.602   16.588  0.50 33.03 ? 420 HOH B O   1 
HETATM 1712 O O   . HOH F 5 .   ? -13.749 -2.046  -9.588  1.00 38.77 ? 421 HOH B O   1 
HETATM 1713 O O   . HOH F 5 .   ? 3.982   -12.264 -11.738 1.00 36.21 ? 422 HOH B O   1 
HETATM 1714 O O   . HOH F 5 .   ? 6.191   14.039  5.487   1.00 35.58 ? 423 HOH B O   1 
HETATM 1715 O O   . HOH F 5 .   ? 11.689  15.143  -6.866  1.00 40.85 ? 424 HOH B O   1 
HETATM 1716 O O   . HOH F 5 .   ? 5.664   11.913  -11.933 1.00 28.95 ? 425 HOH B O   1 
HETATM 1717 O O   . HOH F 5 .   ? -0.071  -16.530 13.656  1.00 41.42 ? 426 HOH B O   1 
HETATM 1718 O O   . HOH F 5 .   ? 24.452  -0.001  -1.895  1.00 37.29 ? 427 HOH B O   1 
HETATM 1719 O O   . HOH F 5 .   ? -17.433 -6.807  7.153   1.00 38.06 ? 428 HOH B O   1 
HETATM 1720 O O   . HOH F 5 .   ? 12.082  0.005   -13.961 1.00 38.12 ? 429 HOH B O   1 
HETATM 1721 O O   . HOH F 5 .   ? -2.872  -15.303 1.696   1.00 42.78 ? 430 HOH B O   1 
HETATM 1722 O O   . HOH F 5 .   ? 0.497   13.420  16.368  1.00 40.99 ? 431 HOH B O   1 
HETATM 1723 O O   . HOH F 5 .   ? -5.905  -2.331  24.659  1.00 45.86 ? 432 HOH B O   1 
HETATM 1724 O O   . HOH F 5 .   ? 14.775  4.580   -13.256 1.00 49.35 ? 433 HOH B O   1 
HETATM 1725 O O   . HOH F 5 .   ? -10.309 9.020   1.403   1.00 38.80 ? 434 HOH B O   1 
# 
